data_8BOU
#
_entry.id   8BOU
#
_cell.length_a   98.460
_cell.length_b   135.290
_cell.length_c   166.990
_cell.angle_alpha   90.000
_cell.angle_beta   90.000
_cell.angle_gamma   90.000
#
_symmetry.space_group_name_H-M   'P 21 21 21'
#
loop_
_entity.id
_entity.type
_entity.pdbx_description
1 polymer "N,N'-diacetylchitobiose phosphorylase"
2 non-polymer GLYCEROL
3 non-polymer '2-(N-MORPHOLINO)-ETHANESULFONIC ACID'
4 non-polymer 'ACETATE ION'
5 non-polymer 'CHLORIDE ION'
6 non-polymer 'SULFATE ION'
7 non-polymer 1,2-ETHANEDIOL
8 water water
#
_entity_poly.entity_id   1
_entity_poly.type   'polypeptide(L)'
_entity_poly.pdbx_seq_one_letter_code
;MGSSHHHHHHSSGLVPRGSHMKYGYFDEEKKEYVITRPDTPAPWVNYLGSPEYGAIISNNAGGYSFEKSGANGRILRYVF
NNFDQPGRYIYIRDQENKDFWSASWQPVGKPQDVYQCECRHGTAYTNMRAEYSEISSEVLYYVPLGAAYEVWRLRLTNNS
DRPRNLCVTGYAEFTNNSNYEQDQVNLQYSQFITQTAFRGNRICQMIHANLDQLEPGKDVDDKQVTERFFGLAGNPVTSW
CGDKDGFLGRYHGYDAPKGVIEGKLSCLPNYNGNGCGALSSDFVLKPGEAKEVVFVLGMKKDAEVEEILKRYEIPETVCR
EEFHKLVKYWHGYLSHFQVKTPSREFNTMVNTWNAYNCFMTFIWSRAASFIYCGLRNGYGYRDTVQDIQGIIHLAPDMAL
EKIRFMLSAQADNGGGLPLVKFTHNPGHEDTPDDASYVKETGHPAYRADDALWLFPTVYKYIAETGNMDFIDEVIPFANR
GKATVYEHLKRAVKFSMDHLGRHGMPAGLYADWNDCLRLGKDGESTFVAMQFYYAMTILKKFAKYKKDVEYMEFLCERQK
KLEELIQKFCWDEGRFIRGFTENGEIIGKSTDPEANMWLNPQSWAVISGVANEEQADRVLDVVEKRLNTEYGLVLMDPPY
HAHAFDGALAVIYNPGTKENAGIFSQSQGWIILAEALRGHGERAFTYFMENAPAAQNDRADIRKLEPYCYGQFTEGKDSP
NFGRSHVHWLTGTASTIMVGCVEGILGIRPDFYGIRLAPAIPKEWEEYEVEKDFRGCHLHIKVKNPGHVESGCEKLVVNG
NVVTGSYIPADLLTEQTDIELFIS
;
_entity_poly.pdbx_strand_id   A,B
#
# COMPACT_ATOMS: atom_id res chain seq x y z
N GLY A 18 -35.59 -9.56 10.03
CA GLY A 18 -35.90 -10.98 9.97
C GLY A 18 -34.72 -11.84 10.39
N SER A 19 -34.40 -11.79 11.70
CA SER A 19 -33.18 -12.42 12.20
C SER A 19 -33.09 -13.89 11.81
N HIS A 20 -34.23 -14.58 11.75
CA HIS A 20 -34.27 -15.97 11.29
C HIS A 20 -33.81 -16.06 9.84
N MET A 21 -32.64 -16.65 9.60
CA MET A 21 -32.04 -16.75 8.28
C MET A 21 -31.94 -15.36 7.62
N LYS A 22 -31.26 -14.46 8.31
CA LYS A 22 -31.19 -13.05 7.91
C LYS A 22 -30.77 -12.91 6.45
N TYR A 23 -29.55 -13.31 6.15
CA TYR A 23 -28.97 -13.07 4.83
C TYR A 23 -28.77 -14.35 4.02
N GLY A 24 -29.05 -15.51 4.59
CA GLY A 24 -28.92 -16.73 3.81
C GLY A 24 -29.15 -17.97 4.66
N TYR A 25 -29.00 -19.11 3.99
CA TYR A 25 -29.21 -20.41 4.62
C TYR A 25 -28.24 -21.41 4.01
N PHE A 26 -28.10 -22.55 4.69
CA PHE A 26 -27.23 -23.62 4.24
C PHE A 26 -28.01 -24.63 3.41
N ASP A 27 -27.52 -24.91 2.21
CA ASP A 27 -28.09 -25.94 1.34
C ASP A 27 -27.22 -27.19 1.51
N GLU A 28 -27.65 -28.09 2.39
CA GLU A 28 -26.84 -29.26 2.69
C GLU A 28 -26.96 -30.35 1.63
N GLU A 29 -27.88 -30.22 0.68
CA GLU A 29 -27.93 -31.16 -0.43
C GLU A 29 -26.89 -30.83 -1.49
N LYS A 30 -26.75 -29.55 -1.82
CA LYS A 30 -25.72 -29.09 -2.76
C LYS A 30 -24.40 -28.77 -2.09
N LYS A 31 -24.35 -28.77 -0.75
CA LYS A 31 -23.16 -28.36 0.01
C LYS A 31 -22.75 -26.94 -0.38
N GLU A 32 -23.71 -26.02 -0.30
CA GLU A 32 -23.48 -24.62 -0.64
C GLU A 32 -24.14 -23.74 0.42
N TYR A 33 -23.63 -22.52 0.54
CA TYR A 33 -24.30 -21.48 1.32
C TYR A 33 -24.99 -20.53 0.37
N VAL A 34 -26.29 -20.33 0.57
CA VAL A 34 -27.13 -19.53 -0.31
C VAL A 34 -27.32 -18.17 0.34
N ILE A 35 -26.76 -17.12 -0.26
CA ILE A 35 -26.98 -15.75 0.17
C ILE A 35 -28.16 -15.21 -0.63
N THR A 36 -29.28 -15.01 0.06
CA THR A 36 -30.50 -14.53 -0.57
C THR A 36 -30.65 -13.03 -0.51
N ARG A 37 -29.90 -12.37 0.36
CA ARG A 37 -29.98 -10.91 0.53
C ARG A 37 -28.59 -10.33 0.33
N PRO A 38 -28.35 -9.55 -0.72
CA PRO A 38 -26.97 -9.19 -1.08
C PRO A 38 -26.33 -8.13 -0.20
N ASP A 39 -27.10 -7.31 0.52
CA ASP A 39 -26.51 -6.28 1.38
C ASP A 39 -26.05 -6.90 2.71
N THR A 40 -25.09 -7.81 2.59
CA THR A 40 -24.55 -8.54 3.73
C THR A 40 -23.79 -7.59 4.66
N PRO A 41 -23.67 -7.93 5.94
CA PRO A 41 -22.95 -7.05 6.88
C PRO A 41 -21.48 -6.88 6.55
N ALA A 42 -20.92 -7.78 5.75
CA ALA A 42 -19.54 -7.69 5.31
C ALA A 42 -19.44 -8.42 3.98
N PRO A 43 -18.39 -8.17 3.20
CA PRO A 43 -18.17 -9.00 2.01
C PRO A 43 -17.92 -10.44 2.43
N TRP A 44 -18.81 -11.34 2.00
CA TRP A 44 -18.72 -12.76 2.31
C TRP A 44 -18.09 -13.45 1.10
N VAL A 45 -16.89 -13.97 1.29
CA VAL A 45 -16.03 -14.38 0.19
C VAL A 45 -15.94 -15.89 0.09
N ASN A 46 -15.41 -16.35 -1.04
CA ASN A 46 -15.14 -17.74 -1.33
C ASN A 46 -13.84 -17.81 -2.12
N TYR A 47 -13.24 -18.99 -2.11
CA TYR A 47 -11.93 -19.23 -2.70
C TYR A 47 -12.07 -20.11 -3.94
N LEU A 48 -11.38 -19.73 -5.00
CA LEU A 48 -11.35 -20.49 -6.25
C LEU A 48 -9.90 -20.83 -6.59
N GLY A 49 -9.69 -22.04 -7.09
CA GLY A 49 -8.36 -22.46 -7.46
C GLY A 49 -7.49 -22.84 -6.27
N SER A 50 -6.21 -22.52 -6.37
CA SER A 50 -5.20 -22.88 -5.39
C SER A 50 -4.18 -21.75 -5.32
N PRO A 51 -3.18 -21.80 -4.43
CA PRO A 51 -2.12 -20.78 -4.50
C PRO A 51 -1.43 -20.71 -5.85
N GLU A 52 -1.42 -21.80 -6.61
CA GLU A 52 -0.85 -21.78 -7.97
C GLU A 52 -1.55 -20.74 -8.82
N TYR A 53 -2.87 -20.83 -8.93
CA TYR A 53 -3.70 -19.76 -9.49
C TYR A 53 -4.94 -19.65 -8.62
N GLY A 54 -5.03 -18.57 -7.85
CA GLY A 54 -6.11 -18.37 -6.90
C GLY A 54 -6.95 -17.16 -7.24
N ALA A 55 -8.21 -17.21 -6.83
CA ALA A 55 -9.13 -16.09 -7.01
C ALA A 55 -10.06 -16.04 -5.81
N ILE A 56 -10.06 -14.92 -5.10
CA ILE A 56 -10.96 -14.70 -3.97
C ILE A 56 -12.09 -13.80 -4.45
N ILE A 57 -13.33 -14.21 -4.18
CA ILE A 57 -14.49 -13.51 -4.73
C ILE A 57 -15.52 -13.31 -3.63
N SER A 58 -16.03 -12.09 -3.52
CA SER A 58 -17.06 -11.76 -2.54
C SER A 58 -18.45 -11.99 -3.15
N ASN A 59 -19.47 -11.91 -2.30
CA ASN A 59 -20.84 -12.07 -2.77
C ASN A 59 -21.30 -10.94 -3.68
N ASN A 60 -20.49 -9.90 -3.84
CA ASN A 60 -20.75 -8.83 -4.81
C ASN A 60 -19.65 -8.78 -5.85
N ALA A 61 -19.02 -9.93 -6.14
CA ALA A 61 -18.04 -10.15 -7.19
C ALA A 61 -16.72 -9.42 -6.96
N GLY A 62 -16.54 -8.78 -5.81
CA GLY A 62 -15.29 -8.11 -5.54
C GLY A 62 -14.16 -9.09 -5.24
N GLY A 63 -12.94 -8.58 -5.31
CA GLY A 63 -11.79 -9.36 -4.93
C GLY A 63 -10.68 -9.24 -5.96
N TYR A 64 -9.83 -10.26 -6.00
CA TYR A 64 -8.62 -10.23 -6.80
C TYR A 64 -8.15 -11.65 -7.05
N SER A 65 -7.30 -11.80 -8.06
CA SER A 65 -6.71 -13.07 -8.44
C SER A 65 -5.20 -12.95 -8.48
N PHE A 66 -4.51 -14.08 -8.32
CA PHE A 66 -3.06 -14.05 -8.22
C PHE A 66 -2.47 -15.40 -8.63
N GLU A 67 -1.19 -15.37 -8.97
CA GLU A 67 -0.40 -16.55 -9.28
C GLU A 67 0.70 -16.69 -8.23
N LYS A 68 0.79 -17.87 -7.62
CA LYS A 68 1.84 -18.23 -6.66
C LYS A 68 1.78 -17.39 -5.38
N SER A 69 1.69 -16.07 -5.50
CA SER A 69 1.72 -15.19 -4.34
C SER A 69 0.59 -14.16 -4.45
N GLY A 70 -0.09 -13.90 -3.33
CA GLY A 70 -1.20 -12.98 -3.34
C GLY A 70 -0.80 -11.53 -3.51
N ALA A 71 0.39 -11.16 -3.04
CA ALA A 71 0.85 -9.78 -3.11
C ALA A 71 2.01 -9.57 -4.07
N ASN A 72 2.70 -10.63 -4.50
CA ASN A 72 3.75 -10.52 -5.49
C ASN A 72 3.34 -11.10 -6.83
N GLY A 73 2.14 -11.67 -6.95
CA GLY A 73 1.66 -12.17 -8.22
C GLY A 73 0.23 -11.75 -8.50
N ARG A 74 -0.16 -10.56 -8.05
CA ARG A 74 -1.54 -10.11 -8.13
C ARG A 74 -1.89 -9.69 -9.56
N ILE A 75 -2.98 -10.24 -10.07
CA ILE A 75 -3.43 -9.98 -11.45
C ILE A 75 -4.47 -8.87 -11.51
N LEU A 76 -5.45 -8.91 -10.62
CA LEU A 76 -6.48 -7.87 -10.54
C LEU A 76 -6.21 -6.95 -9.36
N ARG A 77 -6.38 -5.65 -9.60
CA ARG A 77 -6.24 -4.70 -8.50
C ARG A 77 -7.43 -4.77 -7.57
N TYR A 78 -7.17 -4.58 -6.28
CA TYR A 78 -8.23 -4.58 -5.27
C TYR A 78 -7.86 -3.56 -4.21
N VAL A 79 -8.82 -2.72 -3.83
CA VAL A 79 -8.63 -1.73 -2.78
C VAL A 79 -9.19 -2.32 -1.50
N PHE A 80 -8.30 -2.68 -0.58
CA PHE A 80 -8.67 -3.34 0.67
C PHE A 80 -9.20 -2.32 1.68
N ASN A 81 -9.94 -2.84 2.67
CA ASN A 81 -10.45 -2.03 3.78
C ASN A 81 -11.26 -0.85 3.29
N ASN A 82 -12.07 -1.07 2.25
CA ASN A 82 -12.85 0.02 1.67
C ASN A 82 -14.23 -0.47 1.24
N PHE A 83 -14.53 -0.40 -0.06
CA PHE A 83 -15.86 -0.66 -0.57
C PHE A 83 -15.98 -1.98 -1.33
N ASP A 84 -15.02 -2.90 -1.13
CA ASP A 84 -15.02 -4.19 -1.83
C ASP A 84 -15.01 -3.98 -3.35
N GLN A 85 -14.13 -3.11 -3.80
CA GLN A 85 -14.03 -2.75 -5.21
C GLN A 85 -12.57 -2.67 -5.61
N PRO A 86 -12.24 -2.95 -6.88
CA PRO A 86 -13.19 -3.41 -7.92
C PRO A 86 -13.48 -4.90 -7.82
N GLY A 87 -14.08 -5.46 -8.86
CA GLY A 87 -14.40 -6.87 -8.86
C GLY A 87 -14.58 -7.39 -10.26
N ARG A 88 -15.14 -8.60 -10.34
CA ARG A 88 -15.37 -9.29 -11.62
C ARG A 88 -16.78 -8.94 -12.09
N TYR A 89 -16.90 -7.75 -12.65
CA TYR A 89 -18.20 -7.14 -12.91
C TYR A 89 -18.72 -7.49 -14.29
N ILE A 90 -20.01 -7.84 -14.34
CA ILE A 90 -20.70 -8.12 -15.59
C ILE A 90 -21.93 -7.23 -15.64
N TYR A 91 -21.96 -6.33 -16.62
CA TYR A 91 -23.09 -5.43 -16.83
C TYR A 91 -23.97 -5.97 -17.94
N ILE A 92 -25.28 -5.91 -17.73
CA ILE A 92 -26.27 -6.24 -18.74
C ILE A 92 -27.07 -4.98 -19.00
N ARG A 93 -27.14 -4.56 -20.26
CA ARG A 93 -27.83 -3.34 -20.65
C ARG A 93 -28.92 -3.67 -21.64
N ASP A 94 -30.13 -3.20 -21.37
CA ASP A 94 -31.25 -3.35 -22.30
C ASP A 94 -31.13 -2.25 -23.37
N GLN A 95 -30.93 -2.66 -24.62
CA GLN A 95 -30.73 -1.69 -25.70
C GLN A 95 -32.00 -0.92 -26.01
N GLU A 96 -33.17 -1.40 -25.59
CA GLU A 96 -34.42 -0.75 -25.93
C GLU A 96 -34.68 0.48 -25.06
N ASN A 97 -34.41 0.39 -23.75
CA ASN A 97 -34.67 1.49 -22.84
C ASN A 97 -33.40 2.03 -22.18
N LYS A 98 -32.23 1.55 -22.59
CA LYS A 98 -30.92 2.01 -22.13
C LYS A 98 -30.66 1.72 -20.66
N ASP A 99 -31.52 0.94 -20.01
CA ASP A 99 -31.32 0.57 -18.61
C ASP A 99 -30.27 -0.53 -18.51
N PHE A 100 -29.49 -0.50 -17.44
CA PHE A 100 -28.46 -1.50 -17.23
C PHE A 100 -28.36 -1.85 -15.75
N TRP A 101 -27.87 -3.06 -15.49
CA TRP A 101 -27.67 -3.58 -14.15
C TRP A 101 -26.46 -4.48 -14.16
N SER A 102 -26.05 -4.94 -12.99
CA SER A 102 -24.91 -5.83 -12.88
C SER A 102 -25.36 -7.24 -12.51
N ALA A 103 -24.54 -8.23 -12.90
CA ALA A 103 -24.86 -9.62 -12.60
C ALA A 103 -24.81 -9.89 -11.11
N SER A 104 -23.95 -9.18 -10.38
CA SER A 104 -24.02 -9.09 -8.93
C SER A 104 -24.79 -7.83 -8.57
N TRP A 105 -25.26 -7.78 -7.32
CA TRP A 105 -26.03 -6.62 -6.88
C TRP A 105 -25.21 -5.35 -7.03
N GLN A 106 -24.10 -5.27 -6.32
CA GLN A 106 -23.14 -4.21 -6.59
C GLN A 106 -22.36 -4.56 -7.86
N PRO A 107 -21.85 -3.54 -8.59
CA PRO A 107 -21.79 -2.11 -8.25
C PRO A 107 -23.01 -1.28 -8.64
N VAL A 108 -23.91 -1.81 -9.48
CA VAL A 108 -25.05 -1.02 -9.90
C VAL A 108 -26.02 -0.82 -8.75
N GLY A 109 -26.20 -1.84 -7.92
CA GLY A 109 -27.02 -1.71 -6.72
C GLY A 109 -28.47 -1.36 -6.99
N LYS A 110 -29.12 -2.10 -7.89
CA LYS A 110 -30.52 -1.85 -8.19
C LYS A 110 -31.37 -2.06 -6.95
N PRO A 111 -32.48 -1.33 -6.82
CA PRO A 111 -33.38 -1.54 -5.68
C PRO A 111 -33.86 -2.99 -5.63
N GLN A 112 -33.83 -3.55 -4.42
CA GLN A 112 -34.06 -4.99 -4.27
C GLN A 112 -35.52 -5.38 -4.45
N ASP A 113 -36.43 -4.42 -4.63
CA ASP A 113 -37.83 -4.75 -4.90
C ASP A 113 -38.08 -5.05 -6.38
N VAL A 114 -37.15 -4.67 -7.26
CA VAL A 114 -37.23 -5.01 -8.68
C VAL A 114 -36.05 -5.86 -9.13
N TYR A 115 -35.09 -6.12 -8.26
CA TYR A 115 -33.88 -6.86 -8.59
C TYR A 115 -33.73 -7.99 -7.59
N GLN A 116 -33.89 -9.23 -8.05
CA GLN A 116 -33.73 -10.40 -7.19
C GLN A 116 -32.39 -11.05 -7.48
N CYS A 117 -31.75 -11.60 -6.46
CA CYS A 117 -30.44 -12.21 -6.69
C CYS A 117 -30.15 -13.20 -5.57
N GLU A 118 -29.14 -14.03 -5.83
CA GLU A 118 -28.79 -15.13 -4.92
C GLU A 118 -27.38 -15.57 -5.24
N CYS A 119 -26.52 -15.61 -4.22
CA CYS A 119 -25.12 -16.00 -4.39
C CYS A 119 -24.89 -17.31 -3.65
N ARG A 120 -24.62 -18.37 -4.40
CA ARG A 120 -24.35 -19.69 -3.84
C ARG A 120 -22.84 -19.88 -3.79
N HIS A 121 -22.29 -19.96 -2.59
CA HIS A 121 -20.88 -20.29 -2.40
C HIS A 121 -20.76 -21.80 -2.20
N GLY A 122 -19.96 -22.44 -3.04
CA GLY A 122 -19.71 -23.86 -2.91
C GLY A 122 -18.24 -24.16 -2.78
N THR A 123 -17.87 -25.44 -2.89
CA THR A 123 -16.47 -25.85 -2.78
C THR A 123 -15.77 -25.51 -4.08
N ALA A 124 -15.01 -24.40 -4.07
CA ALA A 124 -14.18 -23.95 -5.19
C ALA A 124 -15.01 -23.46 -6.37
N TYR A 125 -16.20 -22.89 -6.12
CA TYR A 125 -16.99 -22.25 -7.15
C TYR A 125 -17.98 -21.31 -6.50
N THR A 126 -18.45 -20.34 -7.27
CA THR A 126 -19.41 -19.34 -6.79
C THR A 126 -20.42 -19.05 -7.89
N ASN A 127 -21.71 -19.23 -7.60
CA ASN A 127 -22.76 -19.09 -8.59
C ASN A 127 -23.64 -17.90 -8.22
N MET A 128 -23.65 -16.87 -9.08
CA MET A 128 -24.40 -15.64 -8.84
C MET A 128 -25.59 -15.58 -9.79
N ARG A 129 -26.79 -15.70 -9.24
CA ARG A 129 -28.05 -15.62 -9.96
C ARG A 129 -28.67 -14.25 -9.77
N ALA A 130 -29.25 -13.71 -10.83
CA ALA A 130 -29.96 -12.45 -10.73
C ALA A 130 -31.12 -12.45 -11.71
N GLU A 131 -32.20 -11.78 -11.34
CA GLU A 131 -33.34 -11.58 -12.21
C GLU A 131 -33.76 -10.11 -12.12
N TYR A 132 -33.91 -9.50 -13.28
CA TYR A 132 -34.29 -8.09 -13.38
C TYR A 132 -34.87 -7.84 -14.75
N SER A 133 -36.00 -7.13 -14.81
CA SER A 133 -36.67 -6.81 -16.06
C SER A 133 -36.97 -8.07 -16.87
N GLU A 134 -37.34 -9.14 -16.17
CA GLU A 134 -37.65 -10.44 -16.76
C GLU A 134 -36.46 -11.04 -17.51
N ILE A 135 -35.25 -10.64 -17.14
CA ILE A 135 -34.02 -11.23 -17.67
C ILE A 135 -33.33 -11.95 -16.53
N SER A 136 -32.96 -13.21 -16.77
CA SER A 136 -32.28 -14.04 -15.79
C SER A 136 -30.82 -14.19 -16.18
N SER A 137 -29.92 -13.95 -15.24
CA SER A 137 -28.49 -14.12 -15.44
C SER A 137 -27.95 -15.08 -14.40
N GLU A 138 -27.01 -15.93 -14.82
CA GLU A 138 -26.33 -16.85 -13.92
C GLU A 138 -24.85 -16.85 -14.28
N VAL A 139 -24.02 -16.33 -13.38
CA VAL A 139 -22.58 -16.32 -13.57
C VAL A 139 -21.96 -17.34 -12.64
N LEU A 140 -21.35 -18.37 -13.21
CA LEU A 140 -20.61 -19.37 -12.46
C LEU A 140 -19.13 -19.02 -12.55
N TYR A 141 -18.55 -18.62 -11.41
CA TYR A 141 -17.14 -18.30 -11.28
C TYR A 141 -16.40 -19.52 -10.75
N TYR A 142 -15.35 -19.93 -11.44
CA TYR A 142 -14.55 -21.04 -10.96
C TYR A 142 -13.21 -21.06 -11.67
N VAL A 143 -12.22 -21.66 -11.00
CA VAL A 143 -10.96 -22.02 -11.62
C VAL A 143 -11.01 -23.51 -11.92
N PRO A 144 -10.86 -23.93 -13.17
CA PRO A 144 -10.94 -25.37 -13.48
C PRO A 144 -9.84 -26.14 -12.76
N LEU A 145 -10.13 -27.41 -12.48
CA LEU A 145 -9.18 -28.26 -11.77
C LEU A 145 -7.85 -28.32 -12.51
N GLY A 146 -6.78 -27.92 -11.83
CA GLY A 146 -5.46 -27.94 -12.41
C GLY A 146 -5.15 -26.82 -13.37
N ALA A 147 -6.11 -25.97 -13.68
CA ALA A 147 -5.89 -24.91 -14.65
C ALA A 147 -5.25 -23.69 -13.99
N ALA A 148 -4.63 -22.86 -14.81
CA ALA A 148 -4.05 -21.61 -14.34
C ALA A 148 -4.77 -20.42 -14.97
N TYR A 149 -6.11 -20.46 -14.91
CA TYR A 149 -6.93 -19.33 -15.34
C TYR A 149 -8.29 -19.49 -14.67
N GLU A 150 -9.09 -18.43 -14.73
CA GLU A 150 -10.41 -18.43 -14.13
C GLU A 150 -11.46 -18.18 -15.19
N VAL A 151 -12.66 -18.72 -14.95
CA VAL A 151 -13.78 -18.71 -15.86
C VAL A 151 -14.96 -18.07 -15.16
N TRP A 152 -15.57 -17.08 -15.81
CA TRP A 152 -16.87 -16.54 -15.42
C TRP A 152 -17.81 -16.95 -16.56
N ARG A 153 -18.56 -18.03 -16.35
CA ARG A 153 -19.52 -18.52 -17.33
C ARG A 153 -20.86 -17.82 -17.09
N LEU A 154 -21.31 -17.06 -18.07
CA LEU A 154 -22.57 -16.32 -17.97
C LEU A 154 -23.63 -17.01 -18.82
N ARG A 155 -24.76 -17.32 -18.19
CA ARG A 155 -25.94 -17.84 -18.88
C ARG A 155 -27.04 -16.80 -18.78
N LEU A 156 -27.54 -16.35 -19.93
CA LEU A 156 -28.60 -15.35 -20.01
C LEU A 156 -29.86 -16.03 -20.53
N THR A 157 -30.99 -15.76 -19.88
CA THR A 157 -32.27 -16.32 -20.30
C THR A 157 -33.31 -15.21 -20.34
N ASN A 158 -34.04 -15.15 -21.45
CA ASN A 158 -35.10 -14.17 -21.67
C ASN A 158 -36.41 -14.76 -21.18
N ASN A 159 -36.91 -14.28 -20.04
CA ASN A 159 -38.15 -14.76 -19.47
C ASN A 159 -39.36 -13.94 -19.90
N SER A 160 -39.18 -12.94 -20.76
CA SER A 160 -40.28 -12.13 -21.24
C SER A 160 -40.88 -12.72 -22.51
N ASP A 161 -42.01 -12.17 -22.94
CA ASP A 161 -42.75 -12.68 -24.10
C ASP A 161 -42.41 -11.93 -25.38
N ARG A 162 -41.29 -11.22 -25.42
CA ARG A 162 -40.88 -10.46 -26.59
C ARG A 162 -39.38 -10.65 -26.79
N PRO A 163 -38.89 -10.44 -28.01
CA PRO A 163 -37.44 -10.49 -28.23
C PRO A 163 -36.74 -9.38 -27.46
N ARG A 164 -35.55 -9.68 -26.95
CA ARG A 164 -34.78 -8.73 -26.18
C ARG A 164 -33.39 -8.56 -26.77
N ASN A 165 -32.98 -7.30 -26.94
CA ASN A 165 -31.63 -6.95 -27.40
C ASN A 165 -30.86 -6.46 -26.20
N LEU A 166 -29.82 -7.20 -25.82
CA LEU A 166 -29.02 -6.88 -24.64
C LEU A 166 -27.56 -6.71 -25.03
N CYS A 167 -26.85 -5.91 -24.26
CA CYS A 167 -25.41 -5.74 -24.40
C CYS A 167 -24.77 -6.11 -23.08
N VAL A 168 -23.93 -7.14 -23.10
CA VAL A 168 -23.23 -7.61 -21.91
C VAL A 168 -21.79 -7.12 -21.96
N THR A 169 -21.32 -6.55 -20.86
CA THR A 169 -19.97 -6.03 -20.74
C THR A 169 -19.28 -6.69 -19.56
N GLY A 170 -18.18 -7.38 -19.81
CA GLY A 170 -17.32 -7.86 -18.74
C GLY A 170 -16.21 -6.86 -18.47
N TYR A 171 -15.88 -6.70 -17.19
CA TYR A 171 -14.85 -5.75 -16.78
C TYR A 171 -13.87 -6.42 -15.82
N ALA A 172 -12.59 -6.27 -16.10
CA ALA A 172 -11.53 -6.74 -15.23
C ALA A 172 -10.47 -5.66 -15.11
N GLU A 173 -10.14 -5.28 -13.88
CA GLU A 173 -9.19 -4.19 -13.62
C GLU A 173 -7.83 -4.81 -13.30
N PHE A 174 -6.95 -4.81 -14.29
CA PHE A 174 -5.61 -5.37 -14.12
C PHE A 174 -4.79 -4.51 -13.15
N THR A 175 -3.80 -5.15 -12.54
CA THR A 175 -2.72 -4.41 -11.91
C THR A 175 -1.72 -3.97 -12.97
N ASN A 176 -0.99 -2.89 -12.66
CA ASN A 176 0.10 -2.46 -13.51
C ASN A 176 1.39 -3.20 -13.21
N ASN A 177 1.42 -3.96 -12.12
CA ASN A 177 2.57 -4.76 -11.73
C ASN A 177 2.09 -5.80 -10.74
N SER A 178 2.65 -7.01 -10.84
CA SER A 178 2.20 -8.10 -9.96
C SER A 178 2.55 -7.83 -8.51
N ASN A 179 3.60 -7.06 -8.25
CA ASN A 179 3.95 -6.71 -6.89
C ASN A 179 3.08 -5.55 -6.42
N TYR A 180 2.45 -5.70 -5.26
CA TYR A 180 1.50 -4.70 -4.79
C TYR A 180 2.18 -3.37 -4.53
N GLU A 181 3.41 -3.39 -4.03
CA GLU A 181 4.10 -2.12 -3.75
C GLU A 181 4.41 -1.36 -5.04
N GLN A 182 4.83 -2.08 -6.08
CA GLN A 182 5.09 -1.45 -7.37
C GLN A 182 3.82 -0.84 -7.94
N ASP A 183 2.69 -1.54 -7.81
CA ASP A 183 1.44 -1.10 -8.42
C ASP A 183 0.77 0.01 -7.62
N GLN A 184 0.93 0.01 -6.30
CA GLN A 184 0.21 0.91 -5.42
C GLN A 184 1.02 2.12 -4.98
N VAL A 185 2.32 1.96 -4.79
CA VAL A 185 3.17 3.01 -4.22
C VAL A 185 4.09 3.61 -5.26
N ASN A 186 4.87 2.78 -5.96
CA ASN A 186 5.83 3.26 -6.95
C ASN A 186 5.12 3.66 -8.25
N LEU A 187 4.18 4.60 -8.11
CA LEU A 187 3.38 5.03 -9.25
C LEU A 187 4.25 5.69 -10.33
N GLN A 188 5.23 6.50 -9.90
CA GLN A 188 6.10 7.20 -10.85
C GLN A 188 6.87 6.24 -11.75
N TYR A 189 6.89 4.94 -11.42
CA TYR A 189 7.46 3.92 -12.29
C TYR A 189 6.37 3.12 -12.99
N SER A 190 5.45 2.53 -12.23
CA SER A 190 4.51 1.57 -12.80
C SER A 190 3.42 2.21 -13.64
N GLN A 191 3.24 3.54 -13.57
CA GLN A 191 2.25 4.18 -14.43
C GLN A 191 2.70 4.29 -15.88
N PHE A 192 3.88 3.79 -16.23
CA PHE A 192 4.45 4.05 -17.54
C PHE A 192 5.12 2.82 -18.14
N ILE A 193 4.63 1.62 -17.79
CA ILE A 193 5.21 0.38 -18.28
C ILE A 193 4.19 -0.55 -18.92
N THR A 194 2.90 -0.21 -18.92
CA THR A 194 1.88 -1.13 -19.39
C THR A 194 1.23 -0.62 -20.67
N GLN A 195 0.80 -1.58 -21.50
CA GLN A 195 0.00 -1.29 -22.69
C GLN A 195 -1.07 -2.35 -22.83
N THR A 196 -2.12 -2.03 -23.57
CA THR A 196 -3.17 -3.00 -23.89
C THR A 196 -3.32 -3.11 -25.40
N ALA A 197 -3.78 -4.29 -25.84
CA ALA A 197 -3.97 -4.55 -27.26
C ALA A 197 -5.20 -5.44 -27.45
N PHE A 198 -6.01 -5.09 -28.44
CA PHE A 198 -7.18 -5.89 -28.78
C PHE A 198 -6.82 -6.91 -29.85
N ARG A 199 -7.29 -8.14 -29.65
CA ARG A 199 -6.93 -9.25 -30.54
C ARG A 199 -8.16 -10.10 -30.85
N GLY A 200 -9.22 -9.47 -31.34
CA GLY A 200 -10.37 -10.19 -31.85
C GLY A 200 -11.40 -10.58 -30.81
N ASN A 201 -11.02 -11.45 -29.88
CA ASN A 201 -11.92 -11.93 -28.84
C ASN A 201 -11.36 -11.70 -27.45
N ARG A 202 -10.31 -10.90 -27.32
CA ARG A 202 -9.64 -10.75 -26.04
C ARG A 202 -8.87 -9.45 -26.02
N ILE A 203 -8.57 -9.00 -24.81
CA ILE A 203 -7.65 -7.90 -24.56
C ILE A 203 -6.41 -8.48 -23.88
N CYS A 204 -5.24 -8.16 -24.43
CA CYS A 204 -3.97 -8.58 -23.85
C CYS A 204 -3.28 -7.36 -23.24
N GLN A 205 -2.94 -7.46 -21.96
CA GLN A 205 -2.19 -6.44 -21.26
C GLN A 205 -0.74 -6.86 -21.16
N MET A 206 0.17 -5.96 -21.55
CA MET A 206 1.59 -6.21 -21.54
C MET A 206 2.24 -5.33 -20.48
N ILE A 207 2.85 -5.97 -19.48
CA ILE A 207 3.69 -5.30 -18.49
C ILE A 207 5.11 -5.28 -19.04
N HIS A 208 5.73 -4.10 -18.99
CA HIS A 208 6.99 -3.82 -19.67
C HIS A 208 6.85 -4.09 -21.16
N ALA A 209 5.81 -3.51 -21.76
CA ALA A 209 5.46 -3.80 -23.15
C ALA A 209 6.61 -3.48 -24.10
N ASN A 210 7.30 -2.36 -23.88
CA ASN A 210 8.36 -1.95 -24.79
C ASN A 210 9.54 -2.92 -24.83
N LEU A 211 9.54 -3.95 -23.98
CA LEU A 211 10.55 -4.99 -24.04
C LEU A 211 10.19 -6.11 -25.01
N ASP A 212 9.18 -5.88 -25.86
CA ASP A 212 8.73 -6.94 -26.77
C ASP A 212 9.79 -7.34 -27.78
N GLN A 213 10.73 -6.45 -28.11
CA GLN A 213 11.73 -6.72 -29.14
C GLN A 213 13.11 -6.95 -28.55
N LEU A 214 13.18 -7.52 -27.35
CA LEU A 214 14.46 -7.91 -26.78
C LEU A 214 15.00 -9.16 -27.47
N GLU A 215 16.32 -9.29 -27.47
CA GLU A 215 16.95 -10.46 -28.05
C GLU A 215 16.53 -11.72 -27.30
N PRO A 216 16.60 -12.89 -27.94
CA PRO A 216 16.07 -14.12 -27.32
C PRO A 216 16.59 -14.40 -25.92
N GLY A 217 15.68 -14.50 -24.95
CA GLY A 217 16.02 -14.83 -23.58
C GLY A 217 16.56 -13.69 -22.75
N LYS A 218 17.05 -12.61 -23.37
CA LYS A 218 17.65 -11.52 -22.63
C LYS A 218 16.60 -10.76 -21.83
N ASP A 219 17.06 -10.03 -20.83
CA ASP A 219 16.21 -9.20 -20.00
C ASP A 219 16.89 -7.85 -19.79
N VAL A 220 16.10 -6.85 -19.41
CA VAL A 220 16.60 -5.52 -19.09
C VAL A 220 16.17 -5.20 -17.67
N ASP A 221 17.14 -4.98 -16.78
CA ASP A 221 16.89 -4.67 -15.37
C ASP A 221 16.04 -5.75 -14.72
N ASP A 222 16.41 -7.01 -14.97
CA ASP A 222 15.70 -8.19 -14.44
C ASP A 222 14.21 -8.15 -14.80
N LYS A 223 13.90 -7.60 -15.97
CA LYS A 223 12.53 -7.41 -16.40
C LYS A 223 12.37 -7.88 -17.84
N GLN A 224 11.25 -8.52 -18.12
CA GLN A 224 10.86 -8.89 -19.48
C GLN A 224 9.37 -8.60 -19.62
N VAL A 225 8.87 -8.70 -20.85
CA VAL A 225 7.43 -8.57 -21.08
C VAL A 225 6.70 -9.67 -20.33
N THR A 226 5.67 -9.30 -19.59
CA THR A 226 4.75 -10.29 -19.06
C THR A 226 3.34 -9.95 -19.53
N GLU A 227 2.48 -10.97 -19.63
CA GLU A 227 1.20 -10.80 -20.31
C GLU A 227 0.06 -11.31 -19.44
N ARG A 228 -1.00 -10.51 -19.38
CA ARG A 228 -2.28 -10.90 -18.81
C ARG A 228 -3.33 -10.81 -19.90
N PHE A 229 -4.44 -11.52 -19.72
CA PHE A 229 -5.45 -11.56 -20.77
C PHE A 229 -6.85 -11.58 -20.17
N PHE A 230 -7.78 -11.00 -20.92
CA PHE A 230 -9.21 -11.05 -20.59
C PHE A 230 -9.95 -11.32 -21.89
N GLY A 231 -10.54 -12.50 -22.01
CA GLY A 231 -11.16 -12.91 -23.25
C GLY A 231 -12.61 -13.30 -23.07
N LEU A 232 -13.31 -13.38 -24.21
CA LEU A 232 -14.71 -13.77 -24.24
C LEU A 232 -14.90 -14.82 -25.34
N ALA A 233 -15.56 -15.91 -24.99
CA ALA A 233 -15.85 -17.00 -25.92
C ALA A 233 -17.31 -17.37 -25.82
N GLY A 234 -17.92 -17.69 -26.97
CA GLY A 234 -19.33 -18.02 -27.05
C GLY A 234 -20.18 -16.98 -27.74
N ASN A 235 -19.62 -15.81 -28.04
CA ASN A 235 -20.32 -14.72 -28.71
C ASN A 235 -19.29 -13.71 -29.21
N PRO A 236 -19.50 -13.08 -30.36
CA PRO A 236 -18.51 -12.13 -30.88
C PRO A 236 -18.41 -10.89 -30.00
N VAL A 237 -17.17 -10.40 -29.86
CA VAL A 237 -16.95 -9.11 -29.21
C VAL A 237 -17.40 -8.00 -30.15
N THR A 238 -18.32 -7.16 -29.68
CA THR A 238 -18.82 -6.06 -30.49
C THR A 238 -18.14 -4.73 -30.17
N SER A 239 -17.58 -4.58 -28.98
CA SER A 239 -16.75 -3.42 -28.68
C SER A 239 -15.85 -3.76 -27.50
N TRP A 240 -14.81 -2.95 -27.31
CA TRP A 240 -13.81 -3.26 -26.30
C TRP A 240 -13.21 -1.96 -25.76
N CYS A 241 -12.47 -2.09 -24.66
CA CYS A 241 -11.77 -0.95 -24.09
C CYS A 241 -10.71 -1.46 -23.13
N GLY A 242 -9.48 -0.97 -23.29
CA GLY A 242 -8.38 -1.34 -22.41
C GLY A 242 -7.93 -0.25 -21.48
N ASP A 243 -8.60 0.90 -21.45
CA ASP A 243 -8.23 2.03 -20.62
C ASP A 243 -9.30 2.23 -19.55
N LYS A 244 -8.93 2.04 -18.29
CA LYS A 244 -9.90 2.18 -17.20
C LYS A 244 -10.60 3.53 -17.23
N ASP A 245 -9.82 4.62 -17.31
CA ASP A 245 -10.40 5.95 -17.33
C ASP A 245 -11.34 6.13 -18.52
N GLY A 246 -10.96 5.58 -19.67
CA GLY A 246 -11.85 5.63 -20.82
C GLY A 246 -13.12 4.82 -20.62
N PHE A 247 -13.03 3.71 -19.89
CA PHE A 247 -14.20 2.86 -19.69
C PHE A 247 -15.17 3.51 -18.70
N LEU A 248 -14.67 3.89 -17.53
CA LEU A 248 -15.53 4.50 -16.50
C LEU A 248 -16.00 5.88 -16.93
N GLY A 249 -15.09 6.71 -17.43
CA GLY A 249 -15.39 8.11 -17.66
C GLY A 249 -15.03 8.96 -16.46
N ARG A 250 -14.90 10.26 -16.71
CA ARG A 250 -14.43 11.18 -15.68
C ARG A 250 -15.44 11.28 -14.55
N TYR A 251 -14.97 11.07 -13.32
CA TYR A 251 -15.79 11.19 -12.11
C TYR A 251 -16.97 10.22 -12.11
N HIS A 252 -16.81 9.08 -12.77
CA HIS A 252 -17.78 8.00 -12.74
C HIS A 252 -17.22 6.84 -11.91
N GLY A 253 -18.10 6.19 -11.16
CA GLY A 253 -17.74 4.99 -10.43
C GLY A 253 -18.12 3.73 -11.20
N TYR A 254 -17.83 2.59 -10.57
CA TYR A 254 -18.21 1.32 -11.16
C TYR A 254 -19.72 1.15 -11.26
N ASP A 255 -20.49 1.96 -10.53
CA ASP A 255 -21.93 1.86 -10.57
C ASP A 255 -22.50 2.26 -11.92
N ALA A 256 -21.79 3.08 -12.68
CA ALA A 256 -22.28 3.61 -13.96
C ALA A 256 -21.08 3.97 -14.84
N PRO A 257 -20.42 2.97 -15.40
CA PRO A 257 -19.33 3.27 -16.35
C PRO A 257 -19.88 3.93 -17.60
N LYS A 258 -19.13 4.90 -18.13
CA LYS A 258 -19.55 5.59 -19.35
C LYS A 258 -19.71 4.61 -20.50
N GLY A 259 -18.74 3.71 -20.67
CA GLY A 259 -18.83 2.72 -21.73
C GLY A 259 -20.06 1.84 -21.65
N VAL A 260 -20.58 1.62 -20.44
CA VAL A 260 -21.83 0.89 -20.32
C VAL A 260 -23.00 1.80 -20.60
N ILE A 261 -22.94 3.05 -20.12
CA ILE A 261 -24.06 3.98 -20.32
C ILE A 261 -24.29 4.22 -21.81
N GLU A 262 -23.21 4.42 -22.56
CA GLU A 262 -23.32 4.76 -23.97
C GLU A 262 -23.64 3.55 -24.85
N GLY A 263 -23.66 2.34 -24.30
CA GLY A 263 -23.99 1.17 -25.07
C GLY A 263 -22.92 0.73 -26.04
N LYS A 264 -21.71 1.28 -25.94
CA LYS A 264 -20.62 0.95 -26.83
C LYS A 264 -19.33 1.43 -26.20
N LEU A 265 -18.30 0.58 -26.23
CA LEU A 265 -17.03 0.91 -25.62
C LEU A 265 -16.16 1.71 -26.60
N SER A 266 -15.13 2.35 -26.04
CA SER A 266 -14.32 3.29 -26.82
C SER A 266 -13.53 2.62 -27.93
N CYS A 267 -13.25 1.32 -27.81
CA CYS A 267 -12.38 0.59 -28.73
C CYS A 267 -10.99 1.22 -28.79
N LEU A 268 -10.54 1.76 -27.65
CA LEU A 268 -9.23 2.36 -27.52
C LEU A 268 -8.43 1.65 -26.43
N PRO A 269 -7.14 1.47 -26.62
CA PRO A 269 -6.33 0.81 -25.58
C PRO A 269 -5.82 1.79 -24.54
N ASN A 270 -5.12 1.28 -23.53
CA ASN A 270 -4.38 2.12 -22.62
C ASN A 270 -2.92 2.19 -23.07
N TYR A 271 -2.30 3.34 -22.83
CA TYR A 271 -0.88 3.57 -23.12
C TYR A 271 -0.38 4.42 -21.97
N ASN A 272 0.34 3.79 -21.04
CA ASN A 272 0.59 4.30 -19.69
C ASN A 272 -0.72 4.34 -18.92
N GLY A 273 -0.67 4.75 -17.66
CA GLY A 273 -1.89 4.85 -16.89
C GLY A 273 -2.38 3.49 -16.42
N ASN A 274 -3.68 3.43 -16.15
CA ASN A 274 -4.31 2.25 -15.58
C ASN A 274 -5.10 1.53 -16.67
N GLY A 275 -4.64 0.32 -17.04
CA GLY A 275 -5.33 -0.47 -18.03
C GLY A 275 -6.42 -1.35 -17.44
N CYS A 276 -7.16 -2.02 -18.31
CA CYS A 276 -8.30 -2.82 -17.89
C CYS A 276 -8.69 -3.76 -19.02
N GLY A 277 -9.59 -4.68 -18.71
CA GLY A 277 -10.18 -5.53 -19.71
C GLY A 277 -11.68 -5.35 -19.76
N ALA A 278 -12.18 -4.58 -20.74
CA ALA A 278 -13.60 -4.36 -20.93
C ALA A 278 -14.00 -4.90 -22.29
N LEU A 279 -14.97 -5.81 -22.30
CA LEU A 279 -15.44 -6.46 -23.53
C LEU A 279 -16.96 -6.43 -23.54
N SER A 280 -17.53 -5.89 -24.61
CA SER A 280 -18.97 -5.77 -24.78
C SER A 280 -19.41 -6.62 -25.97
N SER A 281 -20.46 -7.41 -25.76
CA SER A 281 -21.01 -8.35 -26.73
C SER A 281 -22.52 -8.16 -26.83
N ASP A 282 -23.04 -8.26 -28.04
CA ASP A 282 -24.46 -8.05 -28.31
C ASP A 282 -25.19 -9.39 -28.34
N PHE A 283 -26.40 -9.39 -27.77
CA PHE A 283 -27.24 -10.56 -27.67
C PHE A 283 -28.62 -10.22 -28.19
N VAL A 284 -29.19 -11.11 -29.01
CA VAL A 284 -30.59 -11.04 -29.40
C VAL A 284 -31.23 -12.34 -28.94
N LEU A 285 -32.07 -12.25 -27.91
CA LEU A 285 -32.68 -13.43 -27.31
C LEU A 285 -34.16 -13.47 -27.67
N LYS A 286 -34.58 -14.56 -28.30
CA LYS A 286 -36.00 -14.82 -28.51
C LYS A 286 -36.66 -15.09 -27.16
N PRO A 287 -37.99 -14.97 -27.08
CA PRO A 287 -38.69 -15.34 -25.84
C PRO A 287 -38.38 -16.78 -25.44
N GLY A 288 -37.82 -16.93 -24.24
CA GLY A 288 -37.47 -18.24 -23.73
C GLY A 288 -36.11 -18.74 -24.14
N GLU A 289 -35.33 -17.97 -24.89
CA GLU A 289 -34.04 -18.42 -25.38
C GLU A 289 -32.96 -18.14 -24.35
N ALA A 290 -32.07 -19.11 -24.17
CA ALA A 290 -30.94 -19.00 -23.28
C ALA A 290 -29.65 -19.09 -24.07
N LYS A 291 -28.64 -18.34 -23.64
CA LYS A 291 -27.34 -18.33 -24.29
C LYS A 291 -26.24 -18.30 -23.24
N GLU A 292 -25.21 -19.10 -23.45
CA GLU A 292 -24.09 -19.20 -22.54
C GLU A 292 -22.82 -18.68 -23.21
N VAL A 293 -22.07 -17.84 -22.50
CA VAL A 293 -20.77 -17.35 -22.93
C VAL A 293 -19.81 -17.48 -21.75
N VAL A 294 -18.53 -17.25 -22.04
CA VAL A 294 -17.48 -17.43 -21.04
C VAL A 294 -16.52 -16.26 -21.12
N PHE A 295 -16.27 -15.63 -19.97
CA PHE A 295 -15.14 -14.73 -19.80
C PHE A 295 -14.01 -15.52 -19.14
N VAL A 296 -12.78 -15.34 -19.63
CA VAL A 296 -11.61 -16.01 -19.08
C VAL A 296 -10.58 -14.97 -18.69
N LEU A 297 -9.91 -15.21 -17.56
CA LEU A 297 -8.89 -14.30 -17.08
C LEU A 297 -7.68 -15.10 -16.61
N GLY A 298 -6.49 -14.56 -16.85
CA GLY A 298 -5.29 -15.22 -16.39
C GLY A 298 -4.06 -14.45 -16.81
N MET A 299 -2.90 -15.06 -16.57
CA MET A 299 -1.60 -14.48 -16.84
C MET A 299 -0.82 -15.45 -17.73
N LYS A 300 -1.18 -15.49 -19.01
CA LYS A 300 -0.57 -16.41 -19.95
C LYS A 300 -0.31 -15.67 -21.27
N LYS A 301 0.51 -16.27 -22.12
CA LYS A 301 0.88 -15.67 -23.39
C LYS A 301 -0.16 -15.97 -24.46
N ASP A 302 -0.11 -15.18 -25.53
CA ASP A 302 -1.15 -15.19 -26.56
C ASP A 302 -1.40 -16.59 -27.13
N ALA A 303 -0.32 -17.33 -27.40
CA ALA A 303 -0.47 -18.63 -28.05
C ALA A 303 -1.32 -19.58 -27.22
N GLU A 304 -1.09 -19.61 -25.90
CA GLU A 304 -1.91 -20.45 -25.03
C GLU A 304 -3.31 -19.89 -24.85
N VAL A 305 -3.45 -18.57 -24.85
CA VAL A 305 -4.76 -17.95 -24.67
C VAL A 305 -5.68 -18.29 -25.83
N GLU A 306 -5.13 -18.34 -27.05
CA GLU A 306 -5.96 -18.73 -28.19
C GLU A 306 -6.56 -20.11 -28.00
N GLU A 307 -5.76 -21.07 -27.54
CA GLU A 307 -6.26 -22.41 -27.30
C GLU A 307 -7.28 -22.44 -26.16
N ILE A 308 -7.01 -21.70 -25.09
CA ILE A 308 -7.94 -21.64 -23.96
C ILE A 308 -9.30 -21.12 -24.44
N LEU A 309 -9.28 -20.06 -25.26
CA LEU A 309 -10.53 -19.48 -25.74
C LEU A 309 -11.23 -20.42 -26.71
N LYS A 310 -10.48 -21.05 -27.61
CA LYS A 310 -11.08 -22.02 -28.53
C LYS A 310 -11.76 -23.15 -27.77
N ARG A 311 -11.23 -23.51 -26.60
CA ARG A 311 -11.83 -24.58 -25.81
C ARG A 311 -13.26 -24.25 -25.37
N TYR A 312 -13.59 -22.97 -25.22
CA TYR A 312 -14.88 -22.55 -24.70
C TYR A 312 -15.80 -21.97 -25.77
N GLU A 313 -15.57 -22.33 -27.04
CA GLU A 313 -16.39 -21.81 -28.14
C GLU A 313 -17.87 -22.12 -27.91
N ILE A 314 -18.19 -23.40 -27.78
CA ILE A 314 -19.53 -23.83 -27.36
C ILE A 314 -19.42 -24.27 -25.91
N PRO A 315 -19.67 -23.36 -24.95
CA PRO A 315 -19.20 -23.58 -23.58
C PRO A 315 -20.10 -24.42 -22.65
N GLU A 316 -21.35 -24.69 -23.01
CA GLU A 316 -22.27 -25.32 -22.06
C GLU A 316 -21.73 -26.65 -21.55
N THR A 317 -21.42 -27.56 -22.47
CA THR A 317 -21.03 -28.91 -22.06
C THR A 317 -19.67 -28.92 -21.37
N VAL A 318 -18.69 -28.20 -21.92
CA VAL A 318 -17.36 -28.22 -21.31
C VAL A 318 -17.40 -27.60 -19.93
N CYS A 319 -18.19 -26.54 -19.76
CA CYS A 319 -18.29 -25.91 -18.44
C CYS A 319 -19.01 -26.81 -17.45
N ARG A 320 -20.08 -27.48 -17.89
CA ARG A 320 -20.74 -28.42 -16.98
C ARG A 320 -19.80 -29.56 -16.60
N GLU A 321 -18.99 -30.03 -17.55
CA GLU A 321 -18.05 -31.10 -17.25
C GLU A 321 -17.00 -30.66 -16.24
N GLU A 322 -16.47 -29.45 -16.41
CA GLU A 322 -15.46 -28.96 -15.47
C GLU A 322 -16.07 -28.71 -14.09
N PHE A 323 -17.29 -28.19 -14.05
CA PHE A 323 -17.99 -28.04 -12.78
C PHE A 323 -18.18 -29.39 -12.10
N HIS A 324 -18.59 -30.41 -12.87
CA HIS A 324 -18.73 -31.75 -12.34
C HIS A 324 -17.41 -32.28 -11.79
N LYS A 325 -16.32 -32.04 -12.52
CA LYS A 325 -15.00 -32.49 -12.05
C LYS A 325 -14.66 -31.86 -10.71
N LEU A 326 -14.84 -30.53 -10.60
CA LEU A 326 -14.54 -29.83 -9.35
C LEU A 326 -15.38 -30.36 -8.20
N VAL A 327 -16.69 -30.50 -8.44
CA VAL A 327 -17.60 -30.98 -7.40
C VAL A 327 -17.20 -32.39 -6.97
N LYS A 328 -16.92 -33.27 -7.94
CA LYS A 328 -16.53 -34.64 -7.61
C LYS A 328 -15.27 -34.66 -6.76
N TYR A 329 -14.25 -33.89 -7.17
CA TYR A 329 -13.00 -33.83 -6.42
C TYR A 329 -13.26 -33.44 -4.96
N TRP A 330 -13.87 -32.27 -4.75
CA TRP A 330 -13.97 -31.75 -3.39
C TRP A 330 -14.99 -32.52 -2.55
N HIS A 331 -16.16 -32.82 -3.11
CA HIS A 331 -17.14 -33.62 -2.40
C HIS A 331 -16.62 -35.01 -2.10
N GLY A 332 -15.77 -35.58 -2.96
CA GLY A 332 -15.24 -36.90 -2.69
C GLY A 332 -14.21 -36.89 -1.59
N TYR A 333 -13.45 -35.80 -1.48
CA TYR A 333 -12.60 -35.65 -0.29
C TYR A 333 -13.46 -35.51 0.96
N LEU A 334 -14.57 -34.79 0.88
CA LEU A 334 -15.42 -34.60 2.05
C LEU A 334 -16.15 -35.88 2.45
N SER A 335 -16.49 -36.74 1.49
CA SER A 335 -17.33 -37.90 1.74
C SER A 335 -16.67 -38.95 2.62
N HIS A 336 -15.36 -38.82 2.89
CA HIS A 336 -14.70 -39.81 3.73
C HIS A 336 -15.11 -39.73 5.19
N PHE A 337 -15.86 -38.70 5.57
CA PHE A 337 -16.38 -38.57 6.93
C PHE A 337 -17.66 -37.75 6.88
N GLN A 338 -18.79 -38.38 7.17
CA GLN A 338 -20.07 -37.71 7.17
C GLN A 338 -20.86 -38.11 8.40
N VAL A 339 -21.48 -37.14 9.06
CA VAL A 339 -22.21 -37.39 10.30
C VAL A 339 -23.69 -37.09 10.09
N LYS A 340 -24.52 -37.75 10.87
CA LYS A 340 -25.97 -37.52 10.89
C LYS A 340 -26.37 -37.48 12.37
N THR A 341 -26.46 -36.27 12.91
CA THR A 341 -26.79 -36.01 14.31
C THR A 341 -28.03 -35.14 14.37
N PRO A 342 -28.71 -35.08 15.52
CA PRO A 342 -29.91 -34.23 15.62
C PRO A 342 -29.61 -32.74 15.49
N SER A 343 -28.36 -32.32 15.60
CA SER A 343 -28.00 -30.91 15.52
C SER A 343 -27.70 -30.54 14.07
N ARG A 344 -28.55 -29.70 13.49
CA ARG A 344 -28.36 -29.29 12.10
C ARG A 344 -27.07 -28.49 11.93
N GLU A 345 -26.77 -27.60 12.89
CA GLU A 345 -25.55 -26.81 12.80
C GLU A 345 -24.31 -27.69 12.87
N PHE A 346 -24.31 -28.66 13.79
CA PHE A 346 -23.19 -29.59 13.87
C PHE A 346 -23.03 -30.36 12.57
N ASN A 347 -24.14 -30.82 12.00
CA ASN A 347 -24.09 -31.54 10.72
C ASN A 347 -23.47 -30.66 9.64
N THR A 348 -23.95 -29.43 9.51
CA THR A 348 -23.44 -28.53 8.47
C THR A 348 -21.96 -28.25 8.65
N MET A 349 -21.52 -28.00 9.88
CA MET A 349 -20.11 -27.70 10.11
C MET A 349 -19.23 -28.92 9.84
N VAL A 350 -19.53 -30.05 10.47
CA VAL A 350 -18.65 -31.21 10.37
C VAL A 350 -18.65 -31.78 8.95
N ASN A 351 -19.83 -31.84 8.31
CA ASN A 351 -19.94 -32.51 7.02
C ASN A 351 -19.34 -31.69 5.89
N THR A 352 -19.39 -30.36 5.98
CA THR A 352 -19.08 -29.53 4.82
C THR A 352 -18.14 -28.38 5.14
N TRP A 353 -18.57 -27.45 5.99
CA TRP A 353 -17.91 -26.15 6.04
C TRP A 353 -16.67 -26.16 6.91
N ASN A 354 -16.67 -26.89 8.03
CA ASN A 354 -15.42 -27.04 8.77
C ASN A 354 -14.41 -27.84 7.96
N ALA A 355 -14.87 -28.88 7.25
CA ALA A 355 -13.96 -29.68 6.44
C ALA A 355 -13.39 -28.87 5.28
N TYR A 356 -14.25 -28.15 4.57
CA TYR A 356 -13.80 -27.28 3.49
C TYR A 356 -12.84 -26.22 4.02
N ASN A 357 -13.13 -25.66 5.20
CA ASN A 357 -12.25 -24.67 5.81
C ASN A 357 -10.89 -25.28 6.15
N CYS A 358 -10.89 -26.52 6.64
CA CYS A 358 -9.64 -27.19 6.95
C CYS A 358 -8.80 -27.41 5.69
N PHE A 359 -9.46 -27.79 4.59
CA PHE A 359 -8.74 -27.92 3.33
C PHE A 359 -8.19 -26.58 2.86
N MET A 360 -8.97 -25.51 3.05
CA MET A 360 -8.50 -24.18 2.67
C MET A 360 -7.27 -23.76 3.46
N THR A 361 -7.29 -23.98 4.78
CA THR A 361 -6.14 -23.62 5.60
C THR A 361 -4.95 -24.52 5.34
N PHE A 362 -5.20 -25.79 5.00
CA PHE A 362 -4.10 -26.71 4.71
C PHE A 362 -3.40 -26.36 3.41
N ILE A 363 -4.16 -25.99 2.38
CA ILE A 363 -3.59 -25.73 1.07
C ILE A 363 -3.08 -24.29 0.96
N TRP A 364 -3.90 -23.32 1.35
CA TRP A 364 -3.56 -21.91 1.20
C TRP A 364 -2.76 -21.34 2.36
N SER A 365 -2.64 -22.07 3.47
CA SER A 365 -1.90 -21.61 4.65
C SER A 365 -2.50 -20.28 5.09
N ARG A 366 -1.75 -19.17 5.08
CA ARG A 366 -2.28 -17.84 5.33
C ARG A 366 -1.88 -16.91 4.20
N ALA A 367 -1.96 -17.40 2.96
CA ALA A 367 -1.37 -16.68 1.83
C ALA A 367 -2.10 -15.38 1.55
N ALA A 368 -3.43 -15.42 1.43
CA ALA A 368 -4.16 -14.26 0.95
C ALA A 368 -5.62 -14.34 1.38
N SER A 369 -6.19 -13.17 1.65
CA SER A 369 -7.60 -13.02 2.00
C SER A 369 -7.97 -11.56 1.78
N PHE A 370 -9.02 -11.10 2.44
CA PHE A 370 -9.34 -9.68 2.46
C PHE A 370 -8.70 -8.96 3.63
N ILE A 371 -8.06 -9.70 4.53
CA ILE A 371 -7.27 -9.11 5.61
C ILE A 371 -5.77 -9.29 5.36
N TYR A 372 -5.37 -10.46 4.89
CA TYR A 372 -3.97 -10.73 4.54
C TYR A 372 -3.75 -10.29 3.10
N CYS A 373 -3.07 -9.16 2.93
CA CYS A 373 -2.82 -8.59 1.61
C CYS A 373 -1.35 -8.23 1.39
N GLY A 374 -0.46 -8.69 2.27
CA GLY A 374 0.95 -8.38 2.18
C GLY A 374 1.78 -9.56 1.70
N LEU A 375 3.09 -9.39 1.81
CA LEU A 375 4.02 -10.40 1.32
C LEU A 375 4.16 -11.54 2.32
N ARG A 376 4.35 -12.75 1.77
CA ARG A 376 4.68 -13.93 2.54
C ARG A 376 6.01 -14.48 2.04
N ASN A 377 6.89 -14.87 2.96
CA ASN A 377 8.17 -15.44 2.61
C ASN A 377 8.36 -16.86 3.10
N GLY A 378 7.29 -17.52 3.54
CA GLY A 378 7.39 -18.89 3.97
C GLY A 378 6.17 -19.31 4.78
N TYR A 379 6.29 -20.48 5.39
CA TYR A 379 5.24 -21.06 6.22
C TYR A 379 5.64 -21.00 7.68
N GLY A 380 4.68 -20.66 8.54
CA GLY A 380 4.91 -20.76 9.97
C GLY A 380 4.92 -22.22 10.39
N TYR A 381 5.86 -22.55 11.29
CA TYR A 381 6.04 -23.96 11.65
C TYR A 381 4.82 -24.50 12.39
N ARG A 382 4.50 -23.92 13.55
CA ARG A 382 3.35 -24.42 14.31
C ARG A 382 2.07 -24.33 13.50
N ASP A 383 1.94 -23.32 12.65
CA ASP A 383 0.73 -23.14 11.86
C ASP A 383 0.52 -24.30 10.90
N THR A 384 1.54 -24.62 10.09
CA THR A 384 1.45 -25.70 9.12
C THR A 384 1.24 -27.06 9.79
N VAL A 385 2.05 -27.36 10.80
CA VAL A 385 1.94 -28.64 11.49
C VAL A 385 0.55 -28.80 12.10
N GLN A 386 0.02 -27.73 12.71
CA GLN A 386 -1.31 -27.82 13.29
C GLN A 386 -2.39 -27.94 12.22
N ASP A 387 -2.22 -27.23 11.11
CA ASP A 387 -3.21 -27.30 10.03
C ASP A 387 -3.30 -28.70 9.43
N ILE A 388 -2.19 -29.46 9.50
CA ILE A 388 -2.22 -30.83 8.98
C ILE A 388 -3.35 -31.63 9.62
N GLN A 389 -3.57 -31.43 10.93
CA GLN A 389 -4.50 -32.28 11.68
C GLN A 389 -5.92 -32.24 11.11
N GLY A 390 -6.35 -31.09 10.60
CA GLY A 390 -7.73 -30.91 10.20
C GLY A 390 -8.17 -31.77 9.03
N ILE A 391 -7.22 -32.33 8.27
CA ILE A 391 -7.54 -33.10 7.07
C ILE A 391 -7.04 -34.53 7.16
N ILE A 392 -6.54 -34.95 8.32
CA ILE A 392 -5.93 -36.27 8.45
C ILE A 392 -6.94 -37.37 8.14
N HIS A 393 -8.18 -37.21 8.60
CA HIS A 393 -9.22 -38.18 8.34
C HIS A 393 -9.86 -38.03 6.97
N LEU A 394 -9.44 -37.04 6.19
CA LEU A 394 -10.02 -36.79 4.87
C LEU A 394 -9.03 -37.05 3.73
N ALA A 395 -7.81 -36.52 3.83
CA ALA A 395 -6.79 -36.69 2.81
C ALA A 395 -5.51 -37.17 3.49
N PRO A 396 -5.43 -38.46 3.82
CA PRO A 396 -4.26 -38.96 4.57
C PRO A 396 -2.94 -38.84 3.81
N ASP A 397 -2.96 -39.00 2.48
CA ASP A 397 -1.72 -38.91 1.73
C ASP A 397 -1.22 -37.47 1.67
N MET A 398 -2.14 -36.50 1.58
CA MET A 398 -1.76 -35.10 1.69
C MET A 398 -1.12 -34.82 3.04
N ALA A 399 -1.73 -35.33 4.11
CA ALA A 399 -1.17 -35.16 5.45
C ALA A 399 0.21 -35.79 5.54
N LEU A 400 0.40 -36.95 4.92
CA LEU A 400 1.71 -37.59 4.93
C LEU A 400 2.75 -36.74 4.22
N GLU A 401 2.40 -36.18 3.06
CA GLU A 401 3.34 -35.35 2.33
C GLU A 401 3.71 -34.11 3.13
N LYS A 402 2.72 -33.44 3.72
CA LYS A 402 3.01 -32.23 4.50
C LYS A 402 3.78 -32.56 5.77
N ILE A 403 3.54 -33.71 6.37
CA ILE A 403 4.30 -34.12 7.56
C ILE A 403 5.74 -34.40 7.18
N ARG A 404 5.96 -35.10 6.06
CA ARG A 404 7.31 -35.29 5.54
C ARG A 404 8.01 -33.95 5.37
N PHE A 405 7.33 -33.00 4.74
CA PHE A 405 7.93 -31.68 4.50
C PHE A 405 8.28 -30.99 5.81
N MET A 406 7.35 -31.01 6.78
CA MET A 406 7.58 -30.31 8.04
C MET A 406 8.70 -30.97 8.84
N LEU A 407 8.82 -32.30 8.77
CA LEU A 407 9.92 -32.99 9.42
C LEU A 407 11.24 -32.65 8.75
N SER A 408 11.24 -32.52 7.42
CA SER A 408 12.42 -32.01 6.72
C SER A 408 12.71 -30.55 7.07
N ALA A 409 11.73 -29.84 7.60
CA ALA A 409 11.92 -28.47 8.07
C ALA A 409 12.44 -28.41 9.50
N GLN A 410 12.68 -29.55 10.14
CA GLN A 410 13.24 -29.57 11.48
C GLN A 410 14.76 -29.45 11.41
N ALA A 411 15.34 -28.76 12.39
CA ALA A 411 16.76 -28.47 12.38
C ALA A 411 17.56 -29.58 13.08
N ASP A 412 18.87 -29.39 13.15
CA ASP A 412 19.75 -30.38 13.77
C ASP A 412 19.43 -30.59 15.24
N ASN A 413 19.30 -29.48 15.99
CA ASN A 413 19.09 -29.59 17.43
C ASN A 413 17.76 -30.22 17.78
N GLY A 414 16.83 -30.28 16.83
CA GLY A 414 15.51 -30.84 17.05
C GLY A 414 14.40 -29.81 17.04
N GLY A 415 14.74 -28.52 17.12
CA GLY A 415 13.73 -27.49 17.02
C GLY A 415 13.35 -27.20 15.59
N GLY A 416 12.12 -26.74 15.41
CA GLY A 416 11.63 -26.40 14.09
C GLY A 416 12.01 -24.98 13.70
N LEU A 417 12.34 -24.80 12.42
CA LEU A 417 12.57 -23.47 11.90
C LEU A 417 11.30 -22.64 12.08
N PRO A 418 11.37 -21.47 12.70
CA PRO A 418 10.15 -20.67 12.91
C PRO A 418 9.42 -20.36 11.61
N LEU A 419 10.17 -20.12 10.54
CA LEU A 419 9.58 -19.92 9.21
C LEU A 419 10.28 -20.86 8.23
N VAL A 420 9.50 -21.68 7.54
CA VAL A 420 10.02 -22.58 6.52
C VAL A 420 9.93 -21.88 5.17
N LYS A 421 11.08 -21.68 4.54
CA LYS A 421 11.12 -20.97 3.26
C LYS A 421 10.34 -21.72 2.19
N PHE A 422 9.84 -20.98 1.21
CA PHE A 422 9.22 -21.61 0.05
C PHE A 422 10.23 -22.41 -0.75
N THR A 423 11.49 -21.99 -0.75
CA THR A 423 12.58 -22.72 -1.37
C THR A 423 13.30 -23.64 -0.39
N HIS A 424 12.58 -24.19 0.58
CA HIS A 424 13.17 -25.03 1.63
C HIS A 424 13.90 -26.22 1.02
N ASN A 425 15.22 -26.26 1.19
CA ASN A 425 16.07 -27.32 0.63
C ASN A 425 16.72 -28.09 1.77
N PRO A 426 16.18 -29.23 2.18
CA PRO A 426 16.77 -29.98 3.31
C PRO A 426 18.21 -30.34 3.04
N GLY A 427 19.05 -30.16 4.07
CA GLY A 427 20.48 -30.41 3.96
C GLY A 427 21.31 -29.21 3.56
N HIS A 428 20.67 -28.12 3.13
CA HIS A 428 21.40 -26.93 2.67
C HIS A 428 20.81 -25.64 3.25
N GLU A 429 20.00 -25.74 4.29
CA GLU A 429 19.29 -24.58 4.83
C GLU A 429 20.03 -24.00 6.03
N ASP A 430 19.76 -22.73 6.29
CA ASP A 430 20.29 -22.05 7.46
C ASP A 430 19.29 -22.17 8.61
N THR A 431 19.65 -21.59 9.75
CA THR A 431 18.93 -21.76 11.01
C THR A 431 18.91 -20.43 11.73
N PRO A 432 18.00 -20.25 12.70
CA PRO A 432 18.04 -19.02 13.51
C PRO A 432 19.40 -18.70 14.12
N ASP A 433 20.25 -19.70 14.35
CA ASP A 433 21.60 -19.44 14.83
C ASP A 433 22.51 -18.86 13.76
N ASP A 434 22.04 -18.76 12.52
CA ASP A 434 22.79 -18.16 11.42
C ASP A 434 22.28 -16.76 11.15
N ALA A 435 23.20 -15.84 10.85
CA ALA A 435 22.80 -14.46 10.58
C ALA A 435 22.07 -14.33 9.25
N SER A 436 22.42 -15.17 8.27
CA SER A 436 21.75 -15.12 6.97
C SER A 436 20.28 -15.47 7.09
N TYR A 437 19.95 -16.46 7.92
CA TYR A 437 18.55 -16.83 8.12
C TYR A 437 17.77 -15.70 8.77
N VAL A 438 18.35 -15.07 9.81
CA VAL A 438 17.67 -13.97 10.48
C VAL A 438 17.45 -12.81 9.52
N LYS A 439 18.46 -12.52 8.68
CA LYS A 439 18.31 -11.43 7.71
C LYS A 439 17.26 -11.76 6.65
N GLU A 440 17.20 -13.03 6.23
CA GLU A 440 16.32 -13.41 5.13
C GLU A 440 14.88 -13.57 5.58
N THR A 441 14.65 -14.31 6.68
CA THR A 441 13.30 -14.64 7.11
C THR A 441 12.74 -13.65 8.12
N GLY A 442 13.59 -12.98 8.89
CA GLY A 442 13.13 -12.05 9.90
C GLY A 442 12.80 -12.66 11.24
N HIS A 443 13.10 -13.94 11.44
CA HIS A 443 12.91 -14.59 12.74
C HIS A 443 14.26 -14.79 13.39
N PRO A 444 14.51 -14.18 14.55
CA PRO A 444 15.89 -14.17 15.09
C PRO A 444 16.23 -15.36 15.96
N ALA A 445 15.24 -16.01 16.57
CA ALA A 445 15.49 -17.07 17.53
C ALA A 445 14.49 -18.19 17.35
N TYR A 446 14.80 -19.34 17.96
CA TYR A 446 13.88 -20.46 17.98
C TYR A 446 12.71 -20.18 18.90
N ARG A 447 11.58 -20.81 18.60
CA ARG A 447 10.41 -20.74 19.45
C ARG A 447 10.25 -22.05 20.21
N ALA A 448 9.75 -21.96 21.44
CA ALA A 448 9.81 -23.07 22.36
C ALA A 448 8.81 -24.18 22.04
N ASP A 449 7.78 -23.89 21.25
CA ASP A 449 6.68 -24.82 21.06
C ASP A 449 6.59 -25.42 19.67
N ASP A 450 7.37 -24.92 18.71
CA ASP A 450 7.17 -25.29 17.30
C ASP A 450 7.26 -26.80 17.09
N ALA A 451 8.35 -27.41 17.54
CA ALA A 451 8.55 -28.84 17.26
C ALA A 451 7.55 -29.72 18.02
N LEU A 452 7.11 -29.27 19.20
CA LEU A 452 6.22 -30.09 20.01
C LEU A 452 4.92 -30.42 19.29
N TRP A 453 4.44 -29.49 18.45
CA TRP A 453 3.21 -29.72 17.70
C TRP A 453 3.30 -30.92 16.77
N LEU A 454 4.52 -31.38 16.46
CA LEU A 454 4.66 -32.58 15.64
C LEU A 454 4.07 -33.81 16.32
N PHE A 455 4.07 -33.83 17.67
CA PHE A 455 3.71 -35.07 18.36
C PHE A 455 2.22 -35.36 18.25
N PRO A 456 1.30 -34.45 18.54
CA PRO A 456 -0.12 -34.76 18.28
C PRO A 456 -0.41 -34.96 16.81
N THR A 457 0.32 -34.30 15.92
CA THR A 457 0.05 -34.43 14.48
C THR A 457 0.47 -35.80 13.97
N VAL A 458 1.77 -36.10 14.04
CA VAL A 458 2.30 -37.35 13.49
C VAL A 458 1.53 -38.55 14.03
N TYR A 459 1.40 -38.62 15.36
CA TYR A 459 0.61 -39.69 15.98
C TYR A 459 -0.76 -39.81 15.33
N LYS A 460 -1.50 -38.69 15.28
CA LYS A 460 -2.86 -38.74 14.74
C LYS A 460 -2.87 -39.21 13.30
N TYR A 461 -1.78 -38.96 12.56
CA TYR A 461 -1.70 -39.51 11.21
C TYR A 461 -1.52 -41.01 11.25
N ILE A 462 -0.54 -41.48 12.02
CA ILE A 462 -0.22 -42.91 12.04
C ILE A 462 -1.39 -43.70 12.62
N ALA A 463 -2.08 -43.12 13.60
CA ALA A 463 -3.28 -43.76 14.14
C ALA A 463 -4.38 -43.85 13.10
N GLU A 464 -4.48 -42.85 12.21
CA GLU A 464 -5.53 -42.86 11.21
C GLU A 464 -5.24 -43.87 10.10
N THR A 465 -3.97 -44.07 9.76
CA THR A 465 -3.58 -44.86 8.61
C THR A 465 -3.02 -46.23 8.96
N GLY A 466 -2.35 -46.36 10.11
CA GLY A 466 -1.63 -47.57 10.40
C GLY A 466 -0.32 -47.71 9.67
N ASN A 467 0.14 -46.65 9.00
CA ASN A 467 1.41 -46.66 8.27
C ASN A 467 2.55 -46.75 9.27
N MET A 468 2.80 -47.97 9.74
CA MET A 468 3.89 -48.20 10.69
C MET A 468 5.25 -47.93 10.05
N ASP A 469 5.38 -48.25 8.76
CA ASP A 469 6.66 -48.07 8.08
C ASP A 469 7.13 -46.62 8.13
N PHE A 470 6.21 -45.67 8.27
CA PHE A 470 6.61 -44.27 8.33
C PHE A 470 7.48 -43.97 9.55
N ILE A 471 7.31 -44.73 10.63
CA ILE A 471 8.19 -44.55 11.78
C ILE A 471 9.63 -44.85 11.40
N ASP A 472 9.83 -45.78 10.47
CA ASP A 472 11.17 -46.12 9.99
C ASP A 472 11.69 -45.16 8.93
N GLU A 473 10.81 -44.41 8.27
CA GLU A 473 11.22 -43.60 7.14
C GLU A 473 12.23 -42.55 7.55
N VAL A 474 13.38 -42.54 6.88
CA VAL A 474 14.42 -41.56 7.14
C VAL A 474 14.09 -40.29 6.38
N ILE A 475 14.06 -39.17 7.09
CA ILE A 475 13.82 -37.86 6.48
C ILE A 475 14.98 -36.94 6.83
N PRO A 476 15.54 -36.21 5.86
CA PRO A 476 16.67 -35.33 6.17
C PRO A 476 16.24 -34.18 7.08
N PHE A 477 17.23 -33.62 7.77
CA PHE A 477 17.02 -32.44 8.58
C PHE A 477 17.19 -31.19 7.71
N ALA A 478 16.91 -30.02 8.30
CA ALA A 478 16.92 -28.78 7.54
C ALA A 478 18.34 -28.39 7.15
N ASN A 479 19.26 -28.37 8.13
CA ASN A 479 20.61 -27.87 7.87
C ASN A 479 21.59 -28.97 7.50
N ARG A 480 21.58 -30.07 8.25
CA ARG A 480 22.54 -31.14 8.03
C ARG A 480 22.03 -32.41 8.70
N GLY A 481 22.46 -33.56 8.18
CA GLY A 481 22.10 -34.83 8.77
C GLY A 481 20.73 -35.32 8.38
N LYS A 482 20.42 -36.54 8.82
CA LYS A 482 19.16 -37.18 8.52
C LYS A 482 18.90 -38.24 9.59
N ALA A 483 17.63 -38.62 9.73
CA ALA A 483 17.24 -39.60 10.74
C ALA A 483 15.81 -40.04 10.44
N THR A 484 15.39 -41.11 11.11
CA THR A 484 14.04 -41.63 10.97
C THR A 484 13.05 -40.70 11.68
N VAL A 485 11.76 -40.93 11.40
CA VAL A 485 10.71 -40.13 12.03
C VAL A 485 10.75 -40.29 13.55
N TYR A 486 10.93 -41.52 14.02
CA TYR A 486 11.09 -41.76 15.45
C TYR A 486 12.28 -40.98 16.00
N GLU A 487 13.39 -40.99 15.28
CA GLU A 487 14.55 -40.20 15.69
C GLU A 487 14.29 -38.71 15.55
N HIS A 488 13.41 -38.31 14.64
CA HIS A 488 13.03 -36.89 14.55
C HIS A 488 12.29 -36.44 15.79
N LEU A 489 11.34 -37.24 16.27
CA LEU A 489 10.65 -36.91 17.50
C LEU A 489 11.59 -36.98 18.70
N LYS A 490 12.53 -37.93 18.68
CA LYS A 490 13.57 -37.97 19.71
C LYS A 490 14.37 -36.68 19.73
N ARG A 491 14.75 -36.18 18.55
CA ARG A 491 15.50 -34.93 18.47
C ARG A 491 14.67 -33.75 18.95
N ALA A 492 13.36 -33.76 18.67
CA ALA A 492 12.49 -32.70 19.18
C ALA A 492 12.47 -32.69 20.70
N VAL A 493 12.34 -33.88 21.31
CA VAL A 493 12.35 -33.95 22.77
C VAL A 493 13.71 -33.55 23.32
N LYS A 494 14.79 -33.86 22.60
CA LYS A 494 16.12 -33.45 23.05
C LYS A 494 16.28 -31.94 22.98
N PHE A 495 15.77 -31.31 21.91
CA PHE A 495 15.81 -29.85 21.81
C PHE A 495 15.05 -29.21 22.95
N SER A 496 13.84 -29.70 23.23
CA SER A 496 13.09 -29.18 24.36
C SER A 496 13.79 -29.48 25.69
N MET A 497 14.64 -30.51 25.74
CA MET A 497 15.39 -30.85 26.93
C MET A 497 16.71 -30.10 27.06
N ASP A 498 17.19 -29.52 25.96
CA ASP A 498 18.43 -28.75 25.98
C ASP A 498 18.22 -27.30 26.38
N HIS A 499 16.97 -26.85 26.49
CA HIS A 499 16.65 -25.45 26.77
C HIS A 499 15.61 -25.41 27.90
N LEU A 500 16.05 -25.75 29.10
CA LEU A 500 15.21 -25.70 30.29
C LEU A 500 15.37 -24.36 31.00
N GLY A 501 14.39 -24.04 31.83
CA GLY A 501 14.41 -22.81 32.61
C GLY A 501 14.99 -23.01 33.98
N ARG A 502 14.58 -22.15 34.91
CA ARG A 502 15.04 -22.24 36.29
C ARG A 502 14.20 -23.18 37.14
N HIS A 503 12.93 -23.37 36.78
CA HIS A 503 12.06 -24.32 37.45
C HIS A 503 12.06 -25.68 36.79
N GLY A 504 13.12 -26.02 36.06
CA GLY A 504 13.22 -27.32 35.41
C GLY A 504 12.26 -27.54 34.25
N MET A 505 11.60 -26.50 33.77
CA MET A 505 10.66 -26.59 32.68
C MET A 505 11.21 -25.90 31.43
N PRO A 506 10.66 -26.20 30.24
CA PRO A 506 11.20 -25.62 29.01
C PRO A 506 11.29 -24.10 29.08
N ALA A 507 12.45 -23.57 28.69
CA ALA A 507 12.65 -22.14 28.66
C ALA A 507 11.77 -21.49 27.58
N GLY A 508 11.41 -20.22 27.81
CA GLY A 508 10.50 -19.54 26.92
C GLY A 508 11.05 -19.37 25.51
N LEU A 509 12.37 -19.23 25.38
CA LEU A 509 13.04 -19.00 24.10
C LEU A 509 12.45 -17.71 23.51
N TYR A 510 12.18 -17.65 22.21
CA TYR A 510 11.60 -16.43 21.64
C TYR A 510 10.17 -16.22 22.11
N ALA A 511 9.32 -17.22 21.94
CA ALA A 511 7.93 -17.16 22.36
C ALA A 511 7.34 -18.56 22.31
N ASP A 512 6.10 -18.67 22.75
CA ASP A 512 5.28 -19.87 22.60
C ASP A 512 4.18 -19.57 21.58
N TRP A 513 3.04 -20.27 21.70
CA TRP A 513 1.94 -20.05 20.76
C TRP A 513 1.44 -18.61 20.81
N ASN A 514 1.40 -18.02 21.99
CA ASN A 514 0.90 -16.65 22.16
C ASN A 514 1.96 -15.66 21.70
N ASP A 515 1.63 -14.90 20.65
CA ASP A 515 2.56 -13.94 20.08
C ASP A 515 2.80 -12.73 20.97
N CYS A 516 1.91 -12.45 21.92
CA CYS A 516 1.94 -11.21 22.69
C CYS A 516 2.40 -11.40 24.13
N LEU A 517 2.85 -12.60 24.50
CA LEU A 517 3.30 -12.90 25.86
C LEU A 517 4.81 -13.12 25.83
N ARG A 518 5.56 -12.06 26.09
CA ARG A 518 7.03 -12.12 26.10
C ARG A 518 7.49 -12.41 27.53
N LEU A 519 7.76 -13.69 27.81
CA LEU A 519 8.26 -14.09 29.11
C LEU A 519 9.79 -14.08 29.19
N GLY A 520 10.46 -13.69 28.11
CA GLY A 520 11.91 -13.74 28.07
C GLY A 520 12.42 -15.11 27.65
N LYS A 521 13.66 -15.12 27.14
CA LYS A 521 14.26 -16.38 26.70
C LYS A 521 14.55 -17.31 27.86
N ASP A 522 14.62 -16.78 29.09
CA ASP A 522 14.84 -17.60 30.28
C ASP A 522 13.58 -17.79 31.10
N GLY A 523 12.43 -17.33 30.59
CA GLY A 523 11.16 -17.59 31.25
C GLY A 523 10.70 -19.02 31.05
N GLU A 524 9.49 -19.29 31.53
CA GLU A 524 8.92 -20.63 31.43
C GLU A 524 7.41 -20.49 31.23
N SER A 525 6.91 -21.04 30.12
CA SER A 525 5.49 -20.99 29.81
C SER A 525 4.84 -22.33 30.15
N THR A 526 3.73 -22.27 30.88
CA THR A 526 3.01 -23.49 31.24
C THR A 526 2.50 -24.23 30.02
N PHE A 527 2.04 -23.48 29.01
CA PHE A 527 1.62 -24.05 27.74
C PHE A 527 2.68 -25.02 27.20
N VAL A 528 3.93 -24.54 27.11
CA VAL A 528 5.01 -25.36 26.56
C VAL A 528 5.26 -26.57 27.44
N ALA A 529 5.11 -26.43 28.76
CA ALA A 529 5.33 -27.56 29.65
C ALA A 529 4.29 -28.66 29.43
N MET A 530 3.03 -28.28 29.27
CA MET A 530 2.00 -29.28 28.99
C MET A 530 2.21 -29.91 27.62
N GLN A 531 2.59 -29.09 26.63
CA GLN A 531 2.93 -29.63 25.32
C GLN A 531 4.03 -30.66 25.42
N PHE A 532 5.05 -30.38 26.23
CA PHE A 532 6.18 -31.30 26.39
C PHE A 532 5.77 -32.59 27.08
N TYR A 533 4.89 -32.49 28.09
CA TYR A 533 4.36 -33.68 28.74
C TYR A 533 3.62 -34.56 27.74
N TYR A 534 2.75 -33.95 26.93
CA TYR A 534 2.00 -34.74 25.96
C TYR A 534 2.92 -35.34 24.89
N ALA A 535 3.95 -34.59 24.49
CA ALA A 535 4.94 -35.11 23.56
C ALA A 535 5.65 -36.32 24.16
N MET A 536 5.95 -36.27 25.46
CA MET A 536 6.57 -37.40 26.13
C MET A 536 5.66 -38.62 26.12
N THR A 537 4.37 -38.42 26.35
CA THR A 537 3.43 -39.54 26.31
C THR A 537 3.36 -40.16 24.92
N ILE A 538 3.26 -39.31 23.89
CA ILE A 538 3.20 -39.80 22.52
C ILE A 538 4.46 -40.58 22.16
N LEU A 539 5.62 -40.02 22.52
CA LEU A 539 6.88 -40.70 22.26
C LEU A 539 7.00 -41.98 23.06
N LYS A 540 6.36 -42.05 24.23
CA LYS A 540 6.30 -43.30 24.98
C LYS A 540 5.56 -44.37 24.20
N LYS A 541 4.44 -44.00 23.57
CA LYS A 541 3.73 -44.94 22.71
C LYS A 541 4.64 -45.43 21.58
N PHE A 542 5.33 -44.50 20.93
CA PHE A 542 6.24 -44.88 19.85
C PHE A 542 7.34 -45.82 20.33
N ALA A 543 7.93 -45.52 21.49
CA ALA A 543 9.00 -46.35 22.02
C ALA A 543 8.50 -47.73 22.41
N LYS A 544 7.25 -47.81 22.90
CA LYS A 544 6.65 -49.11 23.16
C LYS A 544 6.53 -49.92 21.88
N TYR A 545 6.12 -49.27 20.78
CA TYR A 545 6.08 -50.00 19.52
C TYR A 545 7.46 -50.42 19.07
N LYS A 546 8.49 -49.63 19.36
CA LYS A 546 9.82 -49.86 18.83
C LYS A 546 10.72 -50.68 19.74
N LYS A 547 10.22 -51.15 20.89
CA LYS A 547 11.01 -51.92 21.85
C LYS A 547 12.27 -51.17 22.25
N ASP A 548 12.14 -49.86 22.46
CA ASP A 548 13.24 -49.04 22.95
C ASP A 548 13.10 -48.86 24.47
N VAL A 549 13.29 -49.98 25.17
CA VAL A 549 12.98 -50.04 26.59
C VAL A 549 13.86 -49.08 27.39
N GLU A 550 15.11 -48.90 26.98
CA GLU A 550 15.97 -47.92 27.65
C GLU A 550 15.41 -46.52 27.50
N TYR A 551 15.06 -46.14 26.27
CA TYR A 551 14.42 -44.85 26.06
C TYR A 551 13.07 -44.77 26.77
N MET A 552 12.39 -45.91 26.93
CA MET A 552 11.12 -45.90 27.65
C MET A 552 11.32 -45.57 29.12
N GLU A 553 12.36 -46.14 29.74
CA GLU A 553 12.65 -45.78 31.13
C GLU A 553 13.06 -44.31 31.23
N PHE A 554 13.88 -43.83 30.29
CA PHE A 554 14.18 -42.40 30.22
C PHE A 554 12.89 -41.58 30.21
N LEU A 555 11.95 -41.94 29.33
CA LEU A 555 10.73 -41.17 29.16
C LEU A 555 9.89 -41.19 30.42
N CYS A 556 9.68 -42.37 31.00
CA CYS A 556 8.89 -42.47 32.23
C CYS A 556 9.53 -41.66 33.35
N GLU A 557 10.85 -41.74 33.49
CA GLU A 557 11.54 -41.02 34.56
C GLU A 557 11.39 -39.51 34.40
N ARG A 558 11.82 -38.98 33.26
CA ARG A 558 11.74 -37.54 33.05
C ARG A 558 10.30 -37.05 33.01
N GLN A 559 9.35 -37.92 32.66
CA GLN A 559 7.94 -37.53 32.64
C GLN A 559 7.39 -37.40 34.06
N LYS A 560 7.67 -38.39 34.92
CA LYS A 560 7.31 -38.26 36.32
C LYS A 560 7.93 -37.01 36.93
N LYS A 561 9.20 -36.76 36.62
CA LYS A 561 9.85 -35.55 37.14
C LYS A 561 9.14 -34.29 36.65
N LEU A 562 8.95 -34.17 35.33
CA LEU A 562 8.34 -32.98 34.75
C LEU A 562 6.95 -32.73 35.31
N GLU A 563 6.18 -33.81 35.51
CA GLU A 563 4.87 -33.66 36.14
C GLU A 563 5.00 -33.15 37.57
N GLU A 564 6.01 -33.64 38.31
CA GLU A 564 6.22 -33.15 39.66
C GLU A 564 6.51 -31.66 39.67
N LEU A 565 7.40 -31.20 38.78
CA LEU A 565 7.73 -29.77 38.77
C LEU A 565 6.53 -28.94 38.33
N ILE A 566 5.74 -29.44 37.37
CA ILE A 566 4.56 -28.70 36.93
C ILE A 566 3.59 -28.53 38.09
N GLN A 567 3.24 -29.62 38.77
CA GLN A 567 2.29 -29.53 39.87
C GLN A 567 2.83 -28.76 41.07
N LYS A 568 4.14 -28.71 41.23
CA LYS A 568 4.70 -27.97 42.37
C LYS A 568 4.77 -26.47 42.10
N PHE A 569 5.08 -26.08 40.87
CA PHE A 569 5.33 -24.66 40.58
C PHE A 569 4.19 -23.96 39.86
N CYS A 570 3.20 -24.70 39.34
CA CYS A 570 2.17 -24.09 38.50
C CYS A 570 0.76 -24.17 39.06
N TRP A 571 0.50 -25.04 40.04
CA TRP A 571 -0.85 -25.18 40.57
C TRP A 571 -1.22 -23.96 41.41
N ASP A 572 -2.32 -23.30 41.06
CA ASP A 572 -2.79 -22.13 41.79
C ASP A 572 -4.17 -22.42 42.40
N GLU A 573 -4.97 -21.37 42.60
CA GLU A 573 -6.31 -21.51 43.16
C GLU A 573 -7.25 -22.18 42.18
N GLY A 574 -7.26 -23.51 42.17
CA GLY A 574 -8.10 -24.26 41.25
C GLY A 574 -7.76 -24.06 39.79
N ARG A 575 -6.52 -23.68 39.48
CA ARG A 575 -6.13 -23.39 38.12
C ARG A 575 -4.62 -23.49 38.01
N PHE A 576 -4.14 -23.66 36.78
CA PHE A 576 -2.72 -23.62 36.48
C PHE A 576 -2.34 -22.22 36.02
N ILE A 577 -1.18 -21.73 36.49
CA ILE A 577 -0.73 -20.39 36.16
C ILE A 577 -0.28 -20.34 34.70
N ARG A 578 -0.12 -19.13 34.16
CA ARG A 578 0.27 -19.00 32.76
C ARG A 578 1.76 -19.28 32.56
N GLY A 579 2.59 -18.90 33.53
CA GLY A 579 4.00 -19.20 33.44
C GLY A 579 4.82 -18.25 34.29
N PHE A 580 6.13 -18.32 34.09
CA PHE A 580 7.11 -17.50 34.80
C PHE A 580 7.87 -16.64 33.80
N THR A 581 8.11 -15.39 34.17
CA THR A 581 9.00 -14.53 33.40
C THR A 581 10.44 -14.74 33.86
N GLU A 582 11.38 -14.37 32.99
CA GLU A 582 12.79 -14.52 33.34
C GLU A 582 13.22 -13.58 34.45
N ASN A 583 12.34 -12.68 34.91
CA ASN A 583 12.61 -11.82 36.05
C ASN A 583 11.94 -12.29 37.33
N GLY A 584 11.20 -13.40 37.27
CA GLY A 584 10.63 -14.00 38.46
C GLY A 584 9.14 -13.80 38.65
N GLU A 585 8.48 -13.03 37.79
CA GLU A 585 7.06 -12.76 37.94
C GLU A 585 6.23 -14.00 37.64
N ILE A 586 5.12 -14.14 38.35
CA ILE A 586 4.15 -15.21 38.12
C ILE A 586 3.00 -14.61 37.33
N ILE A 587 2.76 -15.15 36.14
CA ILE A 587 1.66 -14.69 35.29
C ILE A 587 0.53 -15.70 35.41
N GLY A 588 -0.69 -15.20 35.66
CA GLY A 588 -1.83 -16.05 35.84
C GLY A 588 -2.13 -16.42 37.28
N LYS A 589 -1.56 -15.71 38.25
CA LYS A 589 -1.87 -15.96 39.65
C LYS A 589 -3.27 -15.45 39.97
N SER A 590 -4.05 -16.28 40.68
CA SER A 590 -5.44 -15.94 40.99
C SER A 590 -5.57 -14.57 41.64
N THR A 591 -4.54 -14.12 42.36
CA THR A 591 -4.58 -12.86 43.07
C THR A 591 -4.15 -11.67 42.21
N ASP A 592 -3.73 -11.91 40.97
CA ASP A 592 -3.30 -10.81 40.12
C ASP A 592 -4.49 -9.95 39.72
N PRO A 593 -4.33 -8.62 39.66
CA PRO A 593 -5.47 -7.76 39.32
C PRO A 593 -5.94 -7.92 37.89
N GLU A 594 -5.05 -8.21 36.96
CA GLU A 594 -5.42 -8.42 35.57
C GLU A 594 -4.82 -9.74 35.08
N ALA A 595 -5.57 -10.42 34.21
CA ALA A 595 -5.14 -11.68 33.60
C ALA A 595 -4.76 -12.71 34.66
N ASN A 596 -5.69 -12.94 35.59
CA ASN A 596 -5.47 -13.92 36.65
C ASN A 596 -6.04 -15.29 36.31
N MET A 597 -6.57 -15.48 35.10
CA MET A 597 -7.20 -16.76 34.74
C MET A 597 -7.05 -16.94 33.24
N TRP A 598 -6.22 -17.90 32.83
CA TRP A 598 -5.94 -18.17 31.42
C TRP A 598 -6.56 -19.50 31.00
N LEU A 599 -6.96 -19.58 29.73
CA LEU A 599 -7.71 -20.74 29.25
C LEU A 599 -6.79 -21.87 28.81
N ASN A 600 -5.77 -21.55 28.02
CA ASN A 600 -4.92 -22.57 27.45
C ASN A 600 -4.19 -23.43 28.48
N PRO A 601 -3.67 -22.89 29.60
CA PRO A 601 -3.04 -23.79 30.58
C PRO A 601 -3.97 -24.88 31.10
N GLN A 602 -5.23 -24.55 31.36
CA GLN A 602 -6.17 -25.55 31.83
C GLN A 602 -6.57 -26.51 30.73
N SER A 603 -6.84 -25.97 29.54
CA SER A 603 -7.13 -26.82 28.38
C SER A 603 -6.06 -27.89 28.21
N TRP A 604 -4.80 -27.49 28.22
CA TRP A 604 -3.73 -28.44 27.94
C TRP A 604 -3.30 -29.23 29.18
N ALA A 605 -3.65 -28.77 30.38
CA ALA A 605 -3.62 -29.64 31.54
C ALA A 605 -4.50 -30.85 31.30
N VAL A 606 -5.72 -30.62 30.81
CA VAL A 606 -6.62 -31.73 30.54
C VAL A 606 -6.10 -32.58 29.38
N ILE A 607 -5.69 -31.93 28.29
CA ILE A 607 -5.31 -32.66 27.08
C ILE A 607 -4.07 -33.51 27.33
N SER A 608 -3.01 -32.92 27.89
CA SER A 608 -1.76 -33.65 28.07
C SER A 608 -1.83 -34.69 29.19
N GLY A 609 -2.86 -34.63 30.04
CA GLY A 609 -2.98 -35.58 31.14
C GLY A 609 -2.15 -35.24 32.36
N VAL A 610 -1.61 -34.02 32.44
CA VAL A 610 -0.90 -33.60 33.65
C VAL A 610 -1.87 -33.56 34.83
N ALA A 611 -3.04 -32.96 34.62
CA ALA A 611 -4.06 -32.90 35.67
C ALA A 611 -4.74 -34.26 35.80
N ASN A 612 -5.08 -34.63 37.03
CA ASN A 612 -5.83 -35.85 37.25
C ASN A 612 -7.30 -35.65 36.88
N GLU A 613 -8.17 -36.55 37.33
CA GLU A 613 -9.57 -36.48 36.92
C GLU A 613 -10.29 -35.36 37.67
N GLU A 614 -10.27 -35.39 39.00
CA GLU A 614 -10.93 -34.36 39.77
C GLU A 614 -10.28 -33.00 39.56
N GLN A 615 -8.95 -32.96 39.38
CA GLN A 615 -8.27 -31.69 39.09
C GLN A 615 -8.71 -31.12 37.75
N ALA A 616 -8.79 -31.97 36.73
CA ALA A 616 -9.34 -31.53 35.44
C ALA A 616 -10.76 -31.01 35.62
N ASP A 617 -11.55 -31.65 36.48
CA ASP A 617 -12.90 -31.17 36.73
C ASP A 617 -12.89 -29.78 37.34
N ARG A 618 -12.02 -29.54 38.34
CA ARG A 618 -11.93 -28.21 38.93
C ARG A 618 -11.55 -27.17 37.88
N VAL A 619 -10.52 -27.45 37.07
CA VAL A 619 -10.04 -26.44 36.13
C VAL A 619 -11.10 -26.16 35.07
N LEU A 620 -11.84 -27.18 34.64
CA LEU A 620 -12.89 -26.95 33.66
C LEU A 620 -14.07 -26.17 34.25
N ASP A 621 -14.42 -26.47 35.51
CA ASP A 621 -15.46 -25.70 36.18
C ASP A 621 -15.07 -24.23 36.26
N VAL A 622 -13.82 -23.95 36.64
CA VAL A 622 -13.46 -22.55 36.82
C VAL A 622 -13.33 -21.84 35.47
N VAL A 623 -12.89 -22.55 34.42
CA VAL A 623 -12.83 -21.87 33.13
C VAL A 623 -14.23 -21.58 32.61
N GLU A 624 -15.21 -22.46 32.89
CA GLU A 624 -16.59 -22.11 32.54
C GLU A 624 -17.05 -20.89 33.33
N LYS A 625 -16.84 -20.91 34.65
CA LYS A 625 -17.37 -19.85 35.49
C LYS A 625 -16.74 -18.50 35.18
N ARG A 626 -15.46 -18.48 34.77
CA ARG A 626 -14.72 -17.24 34.64
C ARG A 626 -14.58 -16.75 33.20
N LEU A 627 -14.39 -17.66 32.23
CA LEU A 627 -14.06 -17.26 30.88
C LEU A 627 -15.18 -17.47 29.87
N ASN A 628 -16.16 -18.30 30.17
CA ASN A 628 -17.19 -18.61 29.19
C ASN A 628 -18.13 -17.44 28.99
N THR A 629 -18.42 -17.13 27.72
CA THR A 629 -19.39 -16.12 27.34
C THR A 629 -20.35 -16.73 26.32
N GLU A 630 -21.34 -15.94 25.90
CA GLU A 630 -22.31 -16.43 24.93
C GLU A 630 -21.65 -16.76 23.58
N TYR A 631 -20.54 -16.09 23.26
CA TYR A 631 -19.87 -16.29 21.97
C TYR A 631 -18.54 -17.03 22.11
N GLY A 632 -18.33 -17.74 23.21
CA GLY A 632 -17.12 -18.50 23.41
C GLY A 632 -16.34 -18.02 24.62
N LEU A 633 -15.23 -18.72 24.89
CA LEU A 633 -14.41 -18.46 26.06
C LEU A 633 -13.28 -17.49 25.74
N VAL A 634 -13.12 -16.46 26.59
CA VAL A 634 -12.05 -15.50 26.40
C VAL A 634 -10.70 -16.16 26.68
N LEU A 635 -9.65 -15.60 26.07
CA LEU A 635 -8.31 -16.17 26.24
C LEU A 635 -7.84 -16.05 27.68
N MET A 636 -8.12 -14.92 28.32
CA MET A 636 -7.79 -14.73 29.74
C MET A 636 -8.70 -13.64 30.27
N ASP A 637 -8.66 -13.46 31.59
CA ASP A 637 -9.53 -12.48 32.24
C ASP A 637 -8.96 -12.12 33.60
N PRO A 638 -8.98 -10.84 34.01
CA PRO A 638 -9.46 -9.69 33.23
C PRO A 638 -8.47 -9.27 32.13
N PRO A 639 -8.92 -8.43 31.20
CA PRO A 639 -8.01 -7.97 30.15
C PRO A 639 -6.90 -7.10 30.70
N TYR A 640 -5.79 -7.06 29.95
CA TYR A 640 -4.67 -6.20 30.31
C TYR A 640 -5.02 -4.74 30.05
N HIS A 641 -4.59 -3.87 30.96
CA HIS A 641 -4.86 -2.44 30.84
C HIS A 641 -3.94 -1.63 31.73
N ALA A 642 -4.15 -1.70 33.04
CA ALA A 642 -3.40 -0.91 34.00
C ALA A 642 -2.41 -1.73 34.82
N HIS A 643 -2.34 -3.04 34.60
CA HIS A 643 -1.45 -3.91 35.38
C HIS A 643 -0.76 -4.91 34.47
N ALA A 644 -0.16 -4.41 33.40
CA ALA A 644 0.55 -5.24 32.43
C ALA A 644 2.04 -5.16 32.70
N PHE A 645 2.71 -6.31 32.71
CA PHE A 645 4.15 -6.33 32.89
C PHE A 645 4.84 -6.03 31.57
N ASP A 646 6.18 -6.03 31.59
CA ASP A 646 6.96 -5.58 30.43
C ASP A 646 6.62 -6.39 29.18
N GLY A 647 6.43 -7.69 29.32
CA GLY A 647 6.15 -8.56 28.20
C GLY A 647 4.68 -8.81 27.93
N ALA A 648 3.78 -8.12 28.62
CA ALA A 648 2.33 -8.27 28.38
C ALA A 648 1.94 -7.39 27.19
N LEU A 649 2.45 -7.79 26.02
CA LEU A 649 2.30 -6.95 24.83
C LEU A 649 0.84 -6.84 24.39
N ALA A 650 0.01 -7.81 24.73
CA ALA A 650 -1.40 -7.79 24.34
C ALA A 650 -2.10 -6.52 24.81
N VAL A 651 -1.54 -5.80 25.77
CA VAL A 651 -2.13 -4.55 26.25
C VAL A 651 -2.24 -3.51 25.14
N ILE A 652 -1.46 -3.65 24.06
CA ILE A 652 -1.55 -2.66 22.98
C ILE A 652 -2.90 -2.76 22.27
N TYR A 653 -3.52 -3.94 22.28
CA TYR A 653 -4.82 -4.10 21.64
C TYR A 653 -5.94 -3.66 22.59
N ASN A 654 -7.06 -3.26 21.99
CA ASN A 654 -8.22 -2.88 22.76
C ASN A 654 -8.73 -4.07 23.57
N PRO A 655 -9.27 -3.85 24.76
CA PRO A 655 -9.77 -4.97 25.58
C PRO A 655 -10.83 -5.78 24.85
N GLY A 656 -10.80 -7.09 25.06
CA GLY A 656 -11.70 -8.00 24.38
C GLY A 656 -11.38 -8.24 22.92
N THR A 657 -10.24 -7.75 22.45
CA THR A 657 -9.87 -7.84 21.04
C THR A 657 -8.54 -8.56 20.90
N LYS A 658 -8.44 -9.42 19.89
CA LYS A 658 -7.24 -10.19 19.61
C LYS A 658 -6.78 -10.92 20.87
N GLU A 659 -5.47 -10.90 21.14
CA GLU A 659 -4.93 -11.64 22.28
C GLU A 659 -5.23 -10.97 23.62
N ASN A 660 -5.76 -9.75 23.63
CA ASN A 660 -6.09 -9.07 24.89
C ASN A 660 -7.50 -9.47 25.32
N ALA A 661 -7.60 -10.69 25.84
CA ALA A 661 -8.85 -11.23 26.38
C ALA A 661 -9.96 -11.30 25.33
N GLY A 662 -9.59 -11.39 24.07
CA GLY A 662 -10.56 -11.73 23.05
C GLY A 662 -10.90 -13.21 23.09
N ILE A 663 -11.99 -13.55 22.42
CA ILE A 663 -12.34 -14.96 22.26
C ILE A 663 -11.54 -15.52 21.09
N PHE A 664 -10.33 -15.99 21.37
CA PHE A 664 -9.47 -16.50 20.30
C PHE A 664 -10.00 -17.84 19.83
N SER A 665 -10.39 -17.88 18.55
CA SER A 665 -11.19 -19.00 18.06
C SER A 665 -10.38 -20.29 17.96
N GLN A 666 -9.07 -20.20 17.77
CA GLN A 666 -8.26 -21.41 17.72
C GLN A 666 -8.21 -22.11 19.07
N SER A 667 -8.19 -21.34 20.16
CA SER A 667 -8.14 -21.94 21.49
C SER A 667 -9.41 -22.70 21.81
N GLN A 668 -10.54 -22.28 21.25
CA GLN A 668 -11.81 -22.97 21.49
C GLN A 668 -11.70 -24.45 21.15
N GLY A 669 -11.16 -24.75 19.96
CA GLY A 669 -10.99 -26.14 19.58
C GLY A 669 -10.28 -26.96 20.62
N TRP A 670 -9.35 -26.35 21.36
CA TRP A 670 -8.67 -27.08 22.43
C TRP A 670 -9.61 -27.34 23.60
N ILE A 671 -10.29 -26.29 24.08
CA ILE A 671 -11.11 -26.46 25.28
C ILE A 671 -12.24 -27.44 25.02
N ILE A 672 -12.86 -27.34 23.84
CA ILE A 672 -13.84 -28.35 23.40
C ILE A 672 -13.23 -29.74 23.56
N LEU A 673 -12.08 -29.97 22.92
CA LEU A 673 -11.43 -31.27 23.02
C LEU A 673 -11.23 -31.65 24.47
N ALA A 674 -10.78 -30.70 25.30
CA ALA A 674 -10.60 -30.99 26.73
C ALA A 674 -11.89 -31.52 27.32
N GLU A 675 -12.98 -30.77 27.16
CA GLU A 675 -14.26 -31.19 27.74
C GLU A 675 -14.70 -32.52 27.15
N ALA A 676 -14.30 -32.81 25.92
CA ALA A 676 -14.68 -34.07 25.31
C ALA A 676 -13.83 -35.23 25.80
N LEU A 677 -12.58 -34.95 26.18
CA LEU A 677 -11.72 -36.03 26.67
C LEU A 677 -12.19 -36.51 28.03
N ARG A 678 -12.81 -35.65 28.82
CA ARG A 678 -13.35 -36.00 30.12
C ARG A 678 -14.79 -36.50 30.04
N GLY A 679 -15.37 -36.59 28.84
CA GLY A 679 -16.72 -37.08 28.69
C GLY A 679 -17.81 -36.07 28.95
N HIS A 680 -17.46 -34.79 29.08
CA HIS A 680 -18.45 -33.74 29.37
C HIS A 680 -19.09 -33.33 28.04
N GLY A 681 -20.08 -34.12 27.62
CA GLY A 681 -20.72 -33.87 26.33
C GLY A 681 -21.49 -32.56 26.29
N GLU A 682 -22.21 -32.24 27.36
CA GLU A 682 -23.03 -31.03 27.38
C GLU A 682 -22.17 -29.79 27.25
N ARG A 683 -21.07 -29.73 28.01
CA ARG A 683 -20.21 -28.55 27.98
C ARG A 683 -19.48 -28.43 26.65
N ALA A 684 -19.00 -29.55 26.11
CA ALA A 684 -18.28 -29.51 24.84
C ALA A 684 -19.20 -29.08 23.69
N PHE A 685 -20.42 -29.61 23.66
CA PHE A 685 -21.33 -29.23 22.58
C PHE A 685 -21.76 -27.77 22.69
N THR A 686 -21.94 -27.27 23.92
CA THR A 686 -22.29 -25.86 24.08
C THR A 686 -21.12 -24.96 23.70
N TYR A 687 -19.89 -25.39 24.01
CA TYR A 687 -18.72 -24.63 23.59
C TYR A 687 -18.59 -24.61 22.07
N PHE A 688 -18.95 -25.71 21.41
CA PHE A 688 -19.00 -25.71 19.95
C PHE A 688 -20.07 -24.75 19.44
N MET A 689 -21.29 -24.84 20.01
CA MET A 689 -22.40 -24.03 19.56
C MET A 689 -22.10 -22.54 19.70
N GLU A 690 -21.42 -22.16 20.79
CA GLU A 690 -21.08 -20.75 20.99
C GLU A 690 -20.15 -20.24 19.90
N ASN A 691 -19.39 -21.13 19.27
CA ASN A 691 -18.42 -20.73 18.26
C ASN A 691 -18.81 -21.14 16.84
N ALA A 692 -19.87 -21.91 16.68
CA ALA A 692 -20.25 -22.39 15.35
C ALA A 692 -20.73 -21.25 14.48
N PRO A 693 -20.10 -20.98 13.33
CA PRO A 693 -20.60 -19.93 12.45
C PRO A 693 -22.01 -20.20 11.96
N ALA A 694 -22.35 -21.46 11.68
CA ALA A 694 -23.70 -21.79 11.27
C ALA A 694 -24.71 -21.43 12.35
N ALA A 695 -24.37 -21.72 13.62
CA ALA A 695 -25.26 -21.39 14.73
C ALA A 695 -25.46 -19.88 14.87
N GLN A 696 -24.57 -19.07 14.32
CA GLN A 696 -24.70 -17.62 14.35
C GLN A 696 -25.31 -17.06 13.07
N ASN A 697 -25.86 -17.93 12.21
CA ASN A 697 -26.48 -17.45 10.97
C ASN A 697 -27.64 -16.51 11.25
N ASP A 698 -28.33 -16.70 12.38
CA ASP A 698 -29.44 -15.85 12.76
C ASP A 698 -28.99 -14.59 13.48
N ARG A 699 -27.69 -14.42 13.71
CA ARG A 699 -27.14 -13.23 14.35
C ARG A 699 -26.02 -12.64 13.50
N ALA A 700 -26.17 -12.72 12.18
CA ALA A 700 -25.11 -12.30 11.27
C ALA A 700 -24.74 -10.83 11.50
N ASP A 701 -25.72 -9.98 11.75
CA ASP A 701 -25.44 -8.56 11.98
C ASP A 701 -24.52 -8.36 13.17
N ILE A 702 -24.60 -9.23 14.18
CA ILE A 702 -23.66 -9.16 15.28
C ILE A 702 -22.33 -9.79 14.87
N ARG A 703 -22.39 -10.91 14.13
CA ARG A 703 -21.17 -11.63 13.79
C ARG A 703 -20.37 -10.90 12.72
N LYS A 704 -21.06 -10.26 11.77
CA LYS A 704 -20.46 -9.59 10.62
C LYS A 704 -19.76 -10.60 9.70
N LEU A 705 -18.79 -11.33 10.25
CA LEU A 705 -17.99 -12.28 9.48
C LEU A 705 -18.87 -13.35 8.85
N GLU A 706 -18.29 -14.05 7.87
CA GLU A 706 -18.99 -15.08 7.14
C GLU A 706 -19.59 -16.11 8.09
N PRO A 707 -20.87 -16.46 7.94
CA PRO A 707 -21.48 -17.49 8.78
C PRO A 707 -21.18 -18.92 8.36
N TYR A 708 -20.31 -19.13 7.38
CA TYR A 708 -19.99 -20.47 6.88
C TYR A 708 -18.52 -20.82 7.00
N CYS A 709 -17.69 -19.93 7.54
CA CYS A 709 -16.28 -20.22 7.76
C CYS A 709 -15.87 -19.63 9.10
N TYR A 710 -14.74 -20.13 9.62
CA TYR A 710 -14.25 -19.71 10.92
C TYR A 710 -13.37 -18.47 10.78
N GLY A 711 -13.28 -17.71 11.88
CA GLY A 711 -12.42 -16.57 11.97
C GLY A 711 -11.29 -16.78 12.96
N GLN A 712 -10.47 -15.73 13.11
CA GLN A 712 -9.36 -15.82 14.06
C GLN A 712 -9.84 -15.61 15.49
N PHE A 713 -10.76 -14.68 15.71
CA PHE A 713 -11.21 -14.38 17.07
C PHE A 713 -12.58 -13.71 17.01
N THR A 714 -13.23 -13.68 18.17
CA THR A 714 -14.47 -12.96 18.38
C THR A 714 -14.27 -11.95 19.49
N GLU A 715 -14.77 -10.73 19.28
CA GLU A 715 -14.63 -9.69 20.29
C GLU A 715 -15.29 -10.12 21.60
N GLY A 716 -14.52 -10.08 22.69
CA GLY A 716 -14.98 -10.58 23.96
C GLY A 716 -15.98 -9.69 24.65
N LYS A 717 -16.33 -10.09 25.87
CA LYS A 717 -17.34 -9.38 26.65
C LYS A 717 -16.88 -7.99 27.06
N ASP A 718 -15.58 -7.74 27.10
CA ASP A 718 -15.03 -6.45 27.49
C ASP A 718 -14.99 -5.45 26.34
N SER A 719 -15.76 -5.69 25.28
CA SER A 719 -15.81 -4.79 24.13
C SER A 719 -17.27 -4.47 23.81
N PRO A 720 -17.55 -3.24 23.37
CA PRO A 720 -18.94 -2.89 23.03
C PRO A 720 -19.47 -3.65 21.82
N ASN A 721 -18.59 -4.24 21.01
CA ASN A 721 -18.98 -5.06 19.87
C ASN A 721 -18.82 -6.55 20.19
N PHE A 722 -19.17 -6.93 21.41
CA PHE A 722 -19.10 -8.31 21.85
C PHE A 722 -19.90 -9.21 20.90
N GLY A 723 -19.21 -10.19 20.31
CA GLY A 723 -19.84 -11.13 19.39
C GLY A 723 -19.43 -10.97 17.95
N ARG A 724 -18.65 -9.94 17.63
CA ARG A 724 -18.19 -9.71 16.26
C ARG A 724 -16.90 -10.49 16.01
N SER A 725 -16.88 -11.26 14.94
CA SER A 725 -15.72 -12.05 14.54
C SER A 725 -14.92 -11.34 13.47
N HIS A 726 -13.62 -11.67 13.39
CA HIS A 726 -12.70 -11.00 12.48
C HIS A 726 -11.75 -12.01 11.85
N VAL A 727 -11.18 -11.61 10.72
CA VAL A 727 -10.16 -12.36 9.98
C VAL A 727 -10.73 -13.69 9.49
N HIS A 728 -11.23 -13.71 8.26
CA HIS A 728 -12.00 -14.83 7.75
C HIS A 728 -11.10 -15.90 7.12
N TRP A 729 -11.60 -17.15 7.18
CA TRP A 729 -11.12 -18.28 6.39
C TRP A 729 -9.76 -18.81 6.85
N LEU A 730 -8.69 -18.03 6.63
CA LEU A 730 -7.32 -18.55 6.80
C LEU A 730 -6.85 -18.26 8.22
N THR A 731 -7.23 -19.16 9.14
CA THR A 731 -6.77 -19.12 10.52
C THR A 731 -6.50 -20.54 10.99
N GLY A 732 -5.95 -20.66 12.20
CA GLY A 732 -5.74 -21.96 12.79
C GLY A 732 -6.97 -22.56 13.44
N THR A 733 -8.11 -21.85 13.39
CA THR A 733 -9.30 -22.28 14.11
C THR A 733 -9.92 -23.52 13.47
N ALA A 734 -9.94 -23.59 12.14
CA ALA A 734 -10.62 -24.69 11.45
C ALA A 734 -10.06 -26.04 11.89
N SER A 735 -8.73 -26.16 11.94
CA SER A 735 -8.10 -27.44 12.25
C SER A 735 -8.42 -27.88 13.68
N THR A 736 -8.22 -27.00 14.66
CA THR A 736 -8.38 -27.40 16.05
C THR A 736 -9.84 -27.64 16.39
N ILE A 737 -10.75 -26.82 15.86
CA ILE A 737 -12.17 -27.06 16.12
C ILE A 737 -12.63 -28.34 15.42
N MET A 738 -12.11 -28.61 14.22
CA MET A 738 -12.43 -29.87 13.56
C MET A 738 -11.96 -31.05 14.39
N VAL A 739 -10.76 -30.95 14.99
CA VAL A 739 -10.27 -32.04 15.82
C VAL A 739 -11.13 -32.18 17.08
N GLY A 740 -11.56 -31.05 17.66
CA GLY A 740 -12.44 -31.12 18.81
C GLY A 740 -13.79 -31.72 18.47
N CYS A 741 -14.24 -31.59 17.23
CA CYS A 741 -15.51 -32.16 16.82
C CYS A 741 -15.39 -33.64 16.48
N VAL A 742 -14.29 -34.04 15.83
CA VAL A 742 -14.14 -35.40 15.34
C VAL A 742 -13.50 -36.28 16.42
N GLU A 743 -12.25 -35.96 16.78
CA GLU A 743 -11.58 -36.72 17.82
C GLU A 743 -12.23 -36.50 19.18
N GLY A 744 -12.83 -35.33 19.39
CA GLY A 744 -13.39 -35.00 20.68
C GLY A 744 -14.84 -35.38 20.85
N ILE A 745 -15.75 -34.56 20.31
CA ILE A 745 -17.18 -34.75 20.57
C ILE A 745 -17.65 -36.10 20.03
N LEU A 746 -17.38 -36.38 18.76
CA LEU A 746 -17.83 -37.64 18.17
C LEU A 746 -17.05 -38.84 18.70
N GLY A 747 -15.93 -38.63 19.39
CA GLY A 747 -15.20 -39.72 19.99
C GLY A 747 -14.40 -40.56 19.03
N ILE A 748 -14.17 -40.09 17.81
CA ILE A 748 -13.38 -40.83 16.83
C ILE A 748 -11.91 -40.79 17.27
N ARG A 749 -11.49 -41.78 18.04
CA ARG A 749 -10.15 -41.81 18.63
C ARG A 749 -9.44 -43.12 18.27
N PRO A 750 -8.75 -43.16 17.14
CA PRO A 750 -7.96 -44.34 16.79
C PRO A 750 -6.55 -44.27 17.38
N ASP A 751 -5.93 -45.44 17.46
CA ASP A 751 -4.53 -45.53 17.86
C ASP A 751 -3.77 -46.34 16.81
N PHE A 752 -2.65 -46.94 17.22
CA PHE A 752 -1.78 -47.63 16.28
C PHE A 752 -2.44 -48.88 15.69
N TYR A 753 -3.29 -49.56 16.45
CA TYR A 753 -3.76 -50.88 16.07
C TYR A 753 -5.28 -50.99 16.05
N GLY A 754 -5.99 -49.87 16.01
CA GLY A 754 -7.44 -49.91 15.97
C GLY A 754 -8.03 -48.55 16.22
N ILE A 755 -9.32 -48.55 16.57
CA ILE A 755 -10.08 -47.32 16.79
C ILE A 755 -10.93 -47.48 18.04
N ARG A 756 -10.97 -46.43 18.86
CA ARG A 756 -11.80 -46.38 20.04
C ARG A 756 -12.92 -45.38 19.82
N LEU A 757 -14.13 -45.72 20.30
CA LEU A 757 -15.30 -44.86 20.17
C LEU A 757 -15.70 -44.42 21.58
N ALA A 758 -15.30 -43.20 21.95
CA ALA A 758 -15.63 -42.62 23.25
C ALA A 758 -16.24 -41.23 23.02
N PRO A 759 -17.49 -41.17 22.57
CA PRO A 759 -18.09 -39.87 22.27
C PRO A 759 -18.54 -39.14 23.53
N ALA A 760 -18.45 -37.81 23.47
CA ALA A 760 -18.96 -36.92 24.50
C ALA A 760 -20.00 -36.03 23.81
N ILE A 761 -21.23 -36.51 23.77
CA ILE A 761 -22.31 -35.83 23.05
C ILE A 761 -23.28 -35.22 24.05
N PRO A 762 -24.13 -34.27 23.64
CA PRO A 762 -25.16 -33.76 24.56
C PRO A 762 -26.19 -34.83 24.88
N LYS A 763 -26.69 -34.78 26.12
CA LYS A 763 -27.63 -35.79 26.60
C LYS A 763 -28.93 -35.80 25.80
N GLU A 764 -29.28 -34.69 25.15
CA GLU A 764 -30.52 -34.63 24.41
C GLU A 764 -30.52 -35.59 23.22
N TRP A 765 -29.35 -35.89 22.67
CA TRP A 765 -29.26 -36.73 21.49
C TRP A 765 -29.68 -38.16 21.83
N GLU A 766 -30.68 -38.67 21.12
CA GLU A 766 -31.14 -40.04 21.32
C GLU A 766 -30.34 -41.05 20.50
N GLU A 767 -29.89 -40.67 19.31
CA GLU A 767 -29.15 -41.58 18.43
C GLU A 767 -28.60 -40.78 17.25
N TYR A 768 -27.44 -41.22 16.76
CA TYR A 768 -26.83 -40.58 15.60
C TYR A 768 -25.99 -41.60 14.84
N GLU A 769 -25.51 -41.19 13.66
CA GLU A 769 -24.77 -42.06 12.77
C GLU A 769 -23.51 -41.37 12.25
N VAL A 770 -22.51 -42.17 11.90
CA VAL A 770 -21.25 -41.68 11.35
C VAL A 770 -20.77 -42.62 10.27
N GLU A 771 -20.46 -42.08 9.09
CA GLU A 771 -19.87 -42.85 7.99
C GLU A 771 -18.42 -42.41 7.84
N LYS A 772 -17.48 -43.31 8.10
CA LYS A 772 -16.07 -42.95 8.11
C LYS A 772 -15.24 -43.96 7.34
N ASP A 773 -14.39 -43.48 6.44
CA ASP A 773 -13.41 -44.34 5.80
C ASP A 773 -12.20 -44.48 6.73
N PHE A 774 -11.81 -45.72 7.01
CA PHE A 774 -10.75 -45.98 7.98
C PHE A 774 -10.01 -47.25 7.59
N ARG A 775 -8.72 -47.12 7.32
CA ARG A 775 -7.86 -48.26 6.95
C ARG A 775 -8.41 -49.01 5.74
N GLY A 776 -8.74 -48.25 4.69
CA GLY A 776 -9.29 -48.83 3.49
C GLY A 776 -10.62 -49.53 3.69
N CYS A 777 -11.33 -49.22 4.78
CA CYS A 777 -12.61 -49.84 5.09
C CYS A 777 -13.62 -48.76 5.42
N HIS A 778 -14.86 -48.95 4.98
CA HIS A 778 -15.95 -48.03 5.29
C HIS A 778 -16.68 -48.51 6.54
N LEU A 779 -16.62 -47.71 7.60
CA LEU A 779 -17.28 -48.01 8.86
C LEU A 779 -18.60 -47.24 8.92
N HIS A 780 -19.69 -47.97 9.09
CA HIS A 780 -21.02 -47.43 9.31
C HIS A 780 -21.29 -47.55 10.81
N ILE A 781 -21.12 -46.45 11.53
CA ILE A 781 -21.22 -46.42 13.00
C ILE A 781 -22.59 -45.90 13.39
N LYS A 782 -23.23 -46.59 14.33
CA LYS A 782 -24.59 -46.29 14.77
C LYS A 782 -24.54 -46.16 16.30
N VAL A 783 -24.61 -44.92 16.80
CA VAL A 783 -24.51 -44.66 18.23
C VAL A 783 -25.91 -44.44 18.79
N LYS A 784 -26.23 -45.15 19.87
CA LYS A 784 -27.53 -45.07 20.54
C LYS A 784 -27.32 -44.66 21.98
N ASN A 785 -28.17 -43.75 22.47
CA ASN A 785 -28.08 -43.22 23.83
C ASN A 785 -29.48 -43.15 24.41
N PRO A 786 -30.00 -44.29 24.88
CA PRO A 786 -31.37 -44.29 25.43
C PRO A 786 -31.47 -43.71 26.83
N GLY A 787 -30.37 -43.61 27.56
CA GLY A 787 -30.37 -43.07 28.90
C GLY A 787 -30.17 -41.57 28.99
N HIS A 788 -30.01 -40.89 27.84
CA HIS A 788 -29.78 -39.46 27.78
C HIS A 788 -28.62 -39.05 28.70
N VAL A 789 -27.44 -39.62 28.43
CA VAL A 789 -26.24 -39.35 29.19
C VAL A 789 -25.20 -38.71 28.28
N GLU A 790 -24.14 -38.18 28.90
CA GLU A 790 -23.10 -37.48 28.14
C GLU A 790 -22.18 -38.45 27.42
N SER A 791 -21.63 -39.43 28.16
CA SER A 791 -20.73 -40.42 27.60
C SER A 791 -20.99 -41.75 28.29
N GLY A 792 -20.28 -42.78 27.84
CA GLY A 792 -20.42 -44.09 28.45
C GLY A 792 -20.02 -45.17 27.46
N CYS A 793 -20.30 -46.41 27.87
CA CYS A 793 -20.06 -47.58 27.02
C CYS A 793 -20.87 -48.74 27.59
N GLU A 794 -22.12 -48.85 27.15
CA GLU A 794 -22.97 -49.93 27.61
C GLU A 794 -22.91 -51.16 26.70
N LYS A 795 -22.72 -50.98 25.40
CA LYS A 795 -22.60 -52.16 24.54
C LYS A 795 -21.84 -51.79 23.27
N LEU A 796 -21.09 -52.75 22.74
CA LEU A 796 -20.36 -52.55 21.49
C LEU A 796 -20.51 -53.78 20.63
N VAL A 797 -21.04 -53.61 19.43
CA VAL A 797 -21.23 -54.68 18.47
C VAL A 797 -20.50 -54.29 17.19
N VAL A 798 -19.71 -55.22 16.66
CA VAL A 798 -18.97 -55.03 15.41
C VAL A 798 -19.31 -56.19 14.49
N ASN A 799 -20.02 -55.90 13.41
CA ASN A 799 -20.45 -56.90 12.44
C ASN A 799 -21.27 -58.00 13.12
N GLY A 800 -22.25 -57.59 13.91
CA GLY A 800 -23.14 -58.51 14.58
C GLY A 800 -22.55 -59.25 15.76
N ASN A 801 -21.26 -59.10 16.03
CA ASN A 801 -20.60 -59.77 17.15
C ASN A 801 -20.30 -58.76 18.24
N VAL A 802 -20.69 -59.08 19.47
CA VAL A 802 -20.46 -58.19 20.60
C VAL A 802 -18.99 -58.19 20.97
N VAL A 803 -18.40 -57.00 21.04
CA VAL A 803 -17.00 -56.84 21.42
C VAL A 803 -16.94 -56.13 22.77
N THR A 804 -15.97 -56.52 23.59
CA THR A 804 -15.85 -55.96 24.93
C THR A 804 -15.24 -54.57 24.88
N GLY A 805 -15.63 -53.74 25.85
CA GLY A 805 -15.10 -52.39 25.94
C GLY A 805 -15.61 -51.49 24.82
N SER A 806 -14.83 -50.44 24.57
CA SER A 806 -15.12 -49.45 23.54
C SER A 806 -14.09 -49.47 22.42
N TYR A 807 -13.29 -50.53 22.33
CA TYR A 807 -12.18 -50.60 21.39
C TYR A 807 -12.50 -51.57 20.25
N ILE A 808 -12.09 -51.20 19.04
CA ILE A 808 -12.26 -52.05 17.87
C ILE A 808 -10.89 -52.28 17.23
N PRO A 809 -10.26 -53.44 17.42
CA PRO A 809 -8.97 -53.69 16.78
C PRO A 809 -9.08 -53.71 15.27
N ALA A 810 -7.95 -53.49 14.61
CA ALA A 810 -7.94 -53.36 13.16
C ALA A 810 -8.31 -54.67 12.46
N ASP A 811 -8.02 -55.82 13.07
CA ASP A 811 -8.35 -57.09 12.43
C ASP A 811 -9.85 -57.37 12.41
N LEU A 812 -10.63 -56.64 13.21
CA LEU A 812 -12.08 -56.77 13.19
C LEU A 812 -12.71 -56.00 12.04
N LEU A 813 -11.95 -55.17 11.33
CA LEU A 813 -12.49 -54.28 10.32
C LEU A 813 -12.64 -55.01 8.99
N THR A 814 -13.84 -55.03 8.44
CA THR A 814 -14.12 -55.53 7.11
C THR A 814 -14.38 -54.36 6.17
N GLU A 815 -14.46 -54.68 4.87
CA GLU A 815 -14.64 -53.64 3.86
C GLU A 815 -15.87 -52.78 4.17
N GLN A 816 -16.98 -53.42 4.51
CA GLN A 816 -18.17 -52.74 4.99
C GLN A 816 -18.36 -53.16 6.45
N THR A 817 -17.83 -52.33 7.37
CA THR A 817 -17.82 -52.65 8.78
C THR A 817 -19.02 -51.99 9.46
N ASP A 818 -19.97 -52.81 9.92
CA ASP A 818 -21.11 -52.32 10.67
C ASP A 818 -20.73 -52.24 12.15
N ILE A 819 -20.89 -51.06 12.74
CA ILE A 819 -20.57 -50.83 14.14
C ILE A 819 -21.80 -50.27 14.83
N GLU A 820 -22.10 -50.78 16.02
CA GLU A 820 -23.25 -50.33 16.80
C GLU A 820 -22.82 -50.14 18.24
N LEU A 821 -22.88 -48.89 18.71
CA LEU A 821 -22.44 -48.52 20.04
C LEU A 821 -23.64 -48.10 20.88
N PHE A 822 -23.65 -48.52 22.14
CA PHE A 822 -24.67 -48.16 23.12
C PHE A 822 -23.97 -47.41 24.24
N ILE A 823 -24.12 -46.08 24.20
CA ILE A 823 -23.59 -45.21 25.24
C ILE A 823 -24.34 -45.43 26.55
N SER A 824 -25.64 -45.69 26.48
CA SER A 824 -26.45 -45.94 27.67
C SER A 824 -27.47 -47.05 27.42
N HIS B 20 -12.41 27.45 -25.73
CA HIS B 20 -12.11 26.02 -25.61
C HIS B 20 -12.81 25.44 -24.39
N MET B 21 -12.36 24.28 -23.92
CA MET B 21 -12.81 23.80 -22.61
C MET B 21 -11.72 24.12 -21.56
N LYS B 22 -11.65 25.43 -21.34
CA LYS B 22 -10.86 26.02 -20.26
C LYS B 22 -11.50 25.73 -18.92
N TYR B 23 -10.67 25.34 -17.95
CA TYR B 23 -11.16 25.00 -16.62
C TYR B 23 -10.90 26.10 -15.60
N GLY B 24 -10.07 27.09 -15.93
CA GLY B 24 -9.81 28.17 -15.00
C GLY B 24 -8.92 29.21 -15.64
N TYR B 25 -8.58 30.22 -14.85
CA TYR B 25 -7.73 31.31 -15.29
C TYR B 25 -6.84 31.75 -14.15
N PHE B 26 -5.89 32.62 -14.47
CA PHE B 26 -4.93 33.14 -13.50
C PHE B 26 -5.37 34.50 -13.01
N ASP B 27 -5.44 34.67 -11.70
CA ASP B 27 -5.72 35.96 -11.07
C ASP B 27 -4.39 36.51 -10.59
N GLU B 28 -3.77 37.36 -11.41
CA GLU B 28 -2.47 37.92 -11.06
C GLU B 28 -2.57 38.98 -9.98
N GLU B 29 -3.76 39.55 -9.75
CA GLU B 29 -3.94 40.48 -8.65
C GLU B 29 -3.82 39.76 -7.31
N LYS B 30 -4.60 38.69 -7.13
CA LYS B 30 -4.59 37.92 -5.89
C LYS B 30 -3.50 36.86 -5.86
N LYS B 31 -2.77 36.66 -6.97
CA LYS B 31 -1.77 35.60 -7.08
C LYS B 31 -2.40 34.23 -6.82
N GLU B 32 -3.53 33.98 -7.48
CA GLU B 32 -4.27 32.74 -7.32
C GLU B 32 -4.63 32.17 -8.68
N TYR B 33 -4.70 30.85 -8.76
CA TYR B 33 -5.31 30.19 -9.91
C TYR B 33 -6.74 29.81 -9.52
N VAL B 34 -7.70 30.27 -10.30
CA VAL B 34 -9.10 30.10 -9.97
C VAL B 34 -9.69 29.09 -10.95
N ILE B 35 -10.17 27.97 -10.40
CA ILE B 35 -10.78 26.89 -11.17
C ILE B 35 -12.27 27.15 -11.17
N THR B 36 -12.81 27.50 -12.33
CA THR B 36 -14.23 27.84 -12.47
C THR B 36 -15.08 26.64 -12.84
N ARG B 37 -14.47 25.55 -13.32
CA ARG B 37 -15.18 24.34 -13.67
C ARG B 37 -14.60 23.18 -12.88
N PRO B 38 -15.39 22.48 -12.06
CA PRO B 38 -14.80 21.55 -11.08
C PRO B 38 -14.45 20.17 -11.63
N ASP B 39 -14.97 19.77 -12.80
CA ASP B 39 -14.62 18.46 -13.35
C ASP B 39 -13.34 18.55 -14.17
N THR B 40 -12.25 18.86 -13.47
CA THR B 40 -10.95 19.01 -14.10
C THR B 40 -10.48 17.66 -14.65
N PRO B 41 -9.60 17.68 -15.67
CA PRO B 41 -9.11 16.41 -16.23
C PRO B 41 -8.28 15.58 -15.26
N ALA B 42 -7.86 16.16 -14.14
CA ALA B 42 -7.16 15.46 -13.09
C ALA B 42 -7.39 16.22 -11.79
N PRO B 43 -7.16 15.59 -10.64
CA PRO B 43 -7.18 16.35 -9.38
C PRO B 43 -6.07 17.39 -9.39
N TRP B 44 -6.46 18.66 -9.34
CA TRP B 44 -5.52 19.77 -9.31
C TRP B 44 -5.33 20.19 -7.86
N VAL B 45 -4.11 20.03 -7.36
CA VAL B 45 -3.85 20.08 -5.93
C VAL B 45 -3.03 21.30 -5.57
N ASN B 46 -3.05 21.61 -4.27
CA ASN B 46 -2.28 22.67 -3.66
C ASN B 46 -1.71 22.14 -2.35
N TYR B 47 -0.66 22.81 -1.87
CA TYR B 47 0.04 22.43 -0.65
C TYR B 47 -0.22 23.46 0.43
N LEU B 48 -0.44 22.97 1.65
CA LEU B 48 -0.64 23.83 2.82
C LEU B 48 0.37 23.44 3.89
N GLY B 49 0.79 24.43 4.67
CA GLY B 49 1.77 24.22 5.72
C GLY B 49 3.18 23.96 5.24
N SER B 50 3.81 22.94 5.81
CA SER B 50 5.20 22.60 5.56
C SER B 50 5.39 21.11 5.79
N PRO B 51 6.57 20.54 5.57
CA PRO B 51 6.77 19.13 5.95
C PRO B 51 6.52 18.86 7.43
N GLU B 52 6.70 19.85 8.31
N GLU B 52 6.72 19.84 8.31
CA GLU B 52 6.46 19.65 9.73
CA GLU B 52 6.46 19.64 9.73
C GLU B 52 4.99 19.33 9.98
C GLU B 52 4.99 19.32 9.97
N TYR B 53 4.09 20.08 9.35
CA TYR B 53 2.67 19.74 9.30
C TYR B 53 2.17 20.15 7.91
N GLY B 54 1.83 19.17 7.10
CA GLY B 54 1.49 19.43 5.71
C GLY B 54 0.14 18.86 5.34
N ALA B 55 -0.53 19.55 4.42
CA ALA B 55 -1.82 19.13 3.90
C ALA B 55 -1.81 19.34 2.39
N ILE B 56 -2.06 18.27 1.65
CA ILE B 56 -2.23 18.34 0.20
C ILE B 56 -3.72 18.24 -0.10
N ILE B 57 -4.24 19.20 -0.85
CA ILE B 57 -5.69 19.28 -1.07
C ILE B 57 -5.95 19.47 -2.56
N SER B 58 -6.90 18.71 -3.09
CA SER B 58 -7.27 18.85 -4.49
C SER B 58 -8.42 19.84 -4.64
N ASN B 59 -8.72 20.17 -5.90
CA ASN B 59 -9.84 21.08 -6.18
C ASN B 59 -11.19 20.46 -5.84
N ASN B 60 -11.24 19.18 -5.47
CA ASN B 60 -12.45 18.55 -4.97
C ASN B 60 -12.26 18.06 -3.54
N ALA B 61 -11.42 18.78 -2.77
CA ALA B 61 -11.19 18.60 -1.34
C ALA B 61 -10.50 17.29 -1.00
N GLY B 62 -10.08 16.52 -1.99
CA GLY B 62 -9.38 15.28 -1.70
C GLY B 62 -7.97 15.51 -1.21
N GLY B 63 -7.39 14.49 -0.59
CA GLY B 63 -6.00 14.54 -0.18
C GLY B 63 -5.82 14.02 1.22
N TYR B 64 -4.66 14.32 1.80
CA TYR B 64 -4.28 13.79 3.10
C TYR B 64 -3.35 14.77 3.80
N SER B 65 -3.23 14.59 5.11
CA SER B 65 -2.38 15.42 5.94
C SER B 65 -1.40 14.54 6.70
N PHE B 66 -0.28 15.13 7.11
CA PHE B 66 0.79 14.37 7.71
C PHE B 66 1.70 15.28 8.54
N GLU B 67 2.48 14.65 9.41
CA GLU B 67 3.50 15.33 10.19
C GLU B 67 4.85 14.71 9.86
N LYS B 68 5.79 15.56 9.43
CA LYS B 68 7.18 15.18 9.16
C LYS B 68 7.34 14.22 7.98
N SER B 69 6.59 13.12 7.97
CA SER B 69 6.68 12.13 6.90
C SER B 69 5.30 11.92 6.29
N GLY B 70 5.24 11.99 4.96
CA GLY B 70 3.96 11.80 4.28
C GLY B 70 3.42 10.39 4.45
N ALA B 71 4.29 9.40 4.42
CA ALA B 71 3.88 8.00 4.49
C ALA B 71 4.09 7.37 5.86
N ASN B 72 4.84 8.02 6.76
CA ASN B 72 5.06 7.50 8.10
C ASN B 72 4.45 8.37 9.18
N GLY B 73 3.88 9.52 8.82
CA GLY B 73 3.20 10.36 9.78
C GLY B 73 1.85 10.81 9.26
N ARG B 74 1.16 9.93 8.55
CA ARG B 74 -0.06 10.29 7.84
C ARG B 74 -1.25 10.31 8.78
N ILE B 75 -1.95 11.44 8.82
CA ILE B 75 -3.09 11.62 9.71
C ILE B 75 -4.41 11.24 9.04
N LEU B 76 -4.57 11.59 7.77
CA LEU B 76 -5.79 11.31 7.01
C LEU B 76 -5.52 10.20 6.00
N ARG B 77 -6.45 9.26 5.90
CA ARG B 77 -6.33 8.20 4.91
C ARG B 77 -6.66 8.75 3.52
N TYR B 78 -5.94 8.25 2.52
CA TYR B 78 -6.17 8.62 1.14
C TYR B 78 -5.90 7.41 0.27
N VAL B 79 -6.79 7.15 -0.69
CA VAL B 79 -6.64 6.05 -1.62
C VAL B 79 -6.07 6.64 -2.91
N PHE B 80 -4.82 6.32 -3.20
CA PHE B 80 -4.12 6.86 -4.36
C PHE B 80 -4.52 6.12 -5.63
N ASN B 81 -4.27 6.77 -6.76
CA ASN B 81 -4.50 6.18 -8.08
C ASN B 81 -5.93 5.64 -8.21
N ASN B 82 -6.90 6.46 -7.79
CA ASN B 82 -8.29 6.04 -7.78
C ASN B 82 -9.23 7.20 -8.06
N PHE B 83 -10.10 7.53 -7.10
CA PHE B 83 -11.16 8.50 -7.29
C PHE B 83 -10.93 9.80 -6.52
N ASP B 84 -9.70 10.06 -6.09
CA ASP B 84 -9.38 11.25 -5.29
C ASP B 84 -10.21 11.29 -4.01
N GLN B 85 -10.30 10.15 -3.35
CA GLN B 85 -11.08 10.02 -2.13
C GLN B 85 -10.28 9.28 -1.07
N PRO B 86 -10.53 9.53 0.22
CA PRO B 86 -11.50 10.53 0.71
C PRO B 86 -10.90 11.93 0.73
N GLY B 87 -11.56 12.86 1.41
CA GLY B 87 -11.08 14.22 1.45
C GLY B 87 -11.65 14.97 2.63
N ARG B 88 -11.44 16.29 2.60
CA ARG B 88 -11.86 17.18 3.68
C ARG B 88 -13.27 17.68 3.35
N TYR B 89 -14.24 16.82 3.60
CA TYR B 89 -15.59 17.02 3.10
C TYR B 89 -16.46 17.81 4.08
N ILE B 90 -17.19 18.78 3.53
CA ILE B 90 -18.17 19.56 4.29
C ILE B 90 -19.50 19.45 3.57
N TYR B 91 -20.48 18.85 4.23
CA TYR B 91 -21.83 18.68 3.71
C TYR B 91 -22.74 19.76 4.29
N ILE B 92 -23.63 20.28 3.45
CA ILE B 92 -24.63 21.26 3.85
C ILE B 92 -26.00 20.69 3.48
N ARG B 93 -26.87 20.55 4.47
CA ARG B 93 -28.17 19.92 4.29
C ARG B 93 -29.26 20.92 4.62
N ASP B 94 -30.18 21.11 3.68
CA ASP B 94 -31.36 21.95 3.91
C ASP B 94 -32.37 21.15 4.73
N GLN B 95 -32.63 21.60 5.95
CA GLN B 95 -33.59 20.90 6.81
C GLN B 95 -35.02 21.01 6.31
N GLU B 96 -35.30 21.92 5.37
CA GLU B 96 -36.67 22.12 4.92
C GLU B 96 -37.08 21.06 3.90
N ASN B 97 -36.22 20.73 2.94
CA ASN B 97 -36.54 19.74 1.92
C ASN B 97 -35.60 18.55 1.94
N LYS B 98 -34.78 18.40 2.98
CA LYS B 98 -33.87 17.28 3.18
C LYS B 98 -32.82 17.15 2.09
N ASP B 99 -32.72 18.14 1.20
CA ASP B 99 -31.67 18.15 0.19
C ASP B 99 -30.33 18.50 0.83
N PHE B 100 -29.25 17.92 0.28
CA PHE B 100 -27.91 18.20 0.77
C PHE B 100 -26.92 18.20 -0.39
N TRP B 101 -25.85 18.97 -0.21
CA TRP B 101 -24.77 19.08 -1.18
C TRP B 101 -23.45 19.21 -0.42
N SER B 102 -22.35 19.29 -1.16
CA SER B 102 -21.03 19.41 -0.55
C SER B 102 -20.40 20.75 -0.89
N ALA B 103 -19.56 21.24 0.02
CA ALA B 103 -18.91 22.53 -0.20
C ALA B 103 -17.97 22.49 -1.38
N SER B 104 -17.39 21.32 -1.66
CA SER B 104 -16.73 21.04 -2.93
C SER B 104 -17.71 20.31 -3.84
N TRP B 105 -17.45 20.37 -5.15
CA TRP B 105 -18.33 19.71 -6.10
C TRP B 105 -18.47 18.23 -5.77
N GLN B 106 -17.37 17.51 -5.82
CA GLN B 106 -17.35 16.15 -5.28
C GLN B 106 -17.28 16.22 -3.74
N PRO B 107 -17.82 15.22 -3.04
CA PRO B 107 -18.35 13.94 -3.50
C PRO B 107 -19.82 13.92 -3.94
N VAL B 108 -20.60 14.94 -3.57
CA VAL B 108 -22.03 14.91 -3.89
C VAL B 108 -22.23 15.07 -5.39
N GLY B 109 -21.42 15.91 -6.04
CA GLY B 109 -21.45 16.04 -7.49
C GLY B 109 -22.77 16.51 -8.05
N LYS B 110 -23.29 17.62 -7.51
CA LYS B 110 -24.54 18.17 -7.99
C LYS B 110 -24.42 18.58 -9.45
N PRO B 111 -25.54 18.60 -10.19
CA PRO B 111 -25.48 19.06 -11.59
C PRO B 111 -25.03 20.51 -11.67
N GLN B 112 -24.15 20.80 -12.62
CA GLN B 112 -23.51 22.10 -12.68
C GLN B 112 -24.42 23.19 -13.22
N ASP B 113 -25.62 22.84 -13.67
CA ASP B 113 -26.60 23.87 -14.05
C ASP B 113 -27.31 24.47 -12.84
N VAL B 114 -27.25 23.80 -11.69
CA VAL B 114 -27.83 24.33 -10.46
C VAL B 114 -26.80 24.54 -9.37
N TYR B 115 -25.56 24.08 -9.55
CA TYR B 115 -24.52 24.13 -8.53
C TYR B 115 -23.34 24.90 -9.10
N GLN B 116 -23.14 26.13 -8.64
CA GLN B 116 -22.01 26.94 -9.07
C GLN B 116 -20.88 26.80 -8.05
N CYS B 117 -19.63 26.81 -8.53
CA CYS B 117 -18.53 26.69 -7.59
C CYS B 117 -17.25 27.21 -8.24
N GLU B 118 -16.26 27.47 -7.39
CA GLU B 118 -14.96 27.93 -7.84
C GLU B 118 -13.93 27.58 -6.77
N CYS B 119 -12.73 27.24 -7.21
CA CYS B 119 -11.66 26.83 -6.31
C CYS B 119 -10.42 27.66 -6.59
N ARG B 120 -10.04 28.52 -5.65
CA ARG B 120 -8.87 29.37 -5.81
C ARG B 120 -7.70 28.77 -5.04
N HIS B 121 -6.65 28.41 -5.76
CA HIS B 121 -5.40 27.99 -5.15
C HIS B 121 -4.49 29.20 -5.03
N GLY B 122 -4.03 29.47 -3.81
CA GLY B 122 -3.06 30.53 -3.59
C GLY B 122 -1.81 30.00 -2.92
N THR B 123 -0.95 30.90 -2.44
CA THR B 123 0.26 30.49 -1.76
C THR B 123 -0.10 29.99 -0.36
N ALA B 124 -0.11 28.67 -0.21
CA ALA B 124 -0.33 27.98 1.07
C ALA B 124 -1.76 28.09 1.58
N TYR B 125 -2.72 28.32 0.69
CA TYR B 125 -4.13 28.35 1.09
C TYR B 125 -4.98 27.98 -0.12
N THR B 126 -6.18 27.46 0.17
CA THR B 126 -7.13 27.08 -0.88
C THR B 126 -8.52 27.54 -0.47
N ASN B 127 -9.21 28.26 -1.36
CA ASN B 127 -10.53 28.80 -1.07
C ASN B 127 -11.56 28.15 -1.98
N MET B 128 -12.61 27.60 -1.37
CA MET B 128 -13.61 26.80 -2.07
C MET B 128 -14.95 27.52 -1.93
N ARG B 129 -15.41 28.17 -2.99
CA ARG B 129 -16.70 28.84 -2.99
C ARG B 129 -17.72 27.99 -3.72
N ALA B 130 -18.95 28.00 -3.24
CA ALA B 130 -20.03 27.24 -3.86
C ALA B 130 -21.34 27.95 -3.60
N GLU B 131 -22.24 27.89 -4.58
CA GLU B 131 -23.57 28.47 -4.48
C GLU B 131 -24.56 27.43 -4.97
N TYR B 132 -25.53 27.10 -4.11
CA TYR B 132 -26.56 26.14 -4.43
C TYR B 132 -27.76 26.42 -3.54
N SER B 133 -28.96 26.40 -4.14
CA SER B 133 -30.21 26.66 -3.41
C SER B 133 -30.19 28.03 -2.76
N GLU B 134 -29.56 28.99 -3.43
CA GLU B 134 -29.39 30.36 -2.92
C GLU B 134 -28.62 30.39 -1.60
N ILE B 135 -27.86 29.35 -1.31
CA ILE B 135 -26.97 29.29 -0.15
C ILE B 135 -25.55 29.34 -0.67
N SER B 136 -24.75 30.25 -0.13
CA SER B 136 -23.36 30.37 -0.53
C SER B 136 -22.46 29.89 0.61
N SER B 137 -21.41 29.16 0.25
CA SER B 137 -20.43 28.66 1.20
C SER B 137 -19.04 29.01 0.68
N GLU B 138 -18.15 29.35 1.61
CA GLU B 138 -16.75 29.58 1.28
C GLU B 138 -15.89 28.91 2.35
N VAL B 139 -15.08 27.95 1.94
CA VAL B 139 -14.21 27.23 2.85
C VAL B 139 -12.77 27.61 2.52
N LEU B 140 -12.12 28.29 3.46
CA LEU B 140 -10.69 28.59 3.37
C LEU B 140 -9.93 27.50 4.12
N TYR B 141 -9.24 26.63 3.37
CA TYR B 141 -8.36 25.63 3.92
C TYR B 141 -6.95 26.21 4.01
N TYR B 142 -6.37 26.15 5.21
CA TYR B 142 -4.99 26.60 5.36
C TYR B 142 -4.40 26.04 6.64
N VAL B 143 -3.08 25.93 6.64
CA VAL B 143 -2.31 25.69 7.86
C VAL B 143 -1.75 27.03 8.31
N PRO B 144 -2.09 27.53 9.50
CA PRO B 144 -1.59 28.83 9.92
C PRO B 144 -0.07 28.84 9.97
N LEU B 145 0.50 30.00 9.67
CA LEU B 145 1.95 30.18 9.67
C LEU B 145 2.55 29.71 10.98
N GLY B 146 3.45 28.73 10.90
CA GLY B 146 4.13 28.22 12.08
C GLY B 146 3.30 27.32 12.96
N ALA B 147 2.12 26.90 12.52
CA ALA B 147 1.25 26.04 13.32
C ALA B 147 1.35 24.60 12.87
N ALA B 148 1.01 23.70 13.80
CA ALA B 148 1.04 22.27 13.51
C ALA B 148 -0.37 21.69 13.49
N TYR B 149 -1.26 22.36 12.77
CA TYR B 149 -2.64 21.90 12.58
C TYR B 149 -3.19 22.63 11.35
N GLU B 150 -4.35 22.16 10.89
CA GLU B 150 -4.98 22.75 9.72
C GLU B 150 -6.40 23.22 10.07
N VAL B 151 -6.85 24.22 9.30
CA VAL B 151 -8.09 24.93 9.55
C VAL B 151 -8.90 24.91 8.26
N TRP B 152 -10.18 24.54 8.38
CA TRP B 152 -11.16 24.68 7.31
C TRP B 152 -12.17 25.71 7.83
N ARG B 153 -12.02 26.96 7.38
CA ARG B 153 -12.91 28.04 7.80
C ARG B 153 -14.09 28.11 6.83
N LEU B 154 -15.28 27.78 7.32
CA LEU B 154 -16.49 27.82 6.51
C LEU B 154 -17.27 29.10 6.82
N ARG B 155 -17.60 29.85 5.78
CA ARG B 155 -18.49 30.99 5.86
C ARG B 155 -19.75 30.66 5.08
N LEU B 156 -20.88 30.60 5.77
CA LEU B 156 -22.18 30.33 5.19
C LEU B 156 -22.96 31.64 5.08
N THR B 157 -23.59 31.86 3.93
CA THR B 157 -24.35 33.07 3.68
C THR B 157 -25.69 32.69 3.06
N ASN B 158 -26.78 33.19 3.65
CA ASN B 158 -28.11 32.98 3.12
C ASN B 158 -28.43 34.09 2.13
N ASN B 159 -28.59 33.74 0.85
CA ASN B 159 -28.91 34.71 -0.19
C ASN B 159 -30.39 34.74 -0.53
N SER B 160 -31.20 33.87 0.06
CA SER B 160 -32.63 33.85 -0.23
C SER B 160 -33.37 34.86 0.66
N ASP B 161 -34.62 35.13 0.30
CA ASP B 161 -35.44 36.11 1.01
C ASP B 161 -36.21 35.50 2.17
N ARG B 162 -35.88 34.29 2.59
CA ARG B 162 -36.55 33.61 3.68
C ARG B 162 -35.51 33.05 4.64
N PRO B 163 -35.89 32.82 5.90
CA PRO B 163 -34.96 32.17 6.83
C PRO B 163 -34.70 30.73 6.42
N ARG B 164 -33.46 30.30 6.61
CA ARG B 164 -33.05 28.96 6.21
C ARG B 164 -32.49 28.21 7.41
N ASN B 165 -32.86 26.93 7.52
CA ASN B 165 -32.35 26.03 8.55
C ASN B 165 -31.45 25.01 7.86
N LEU B 166 -30.16 25.05 8.18
CA LEU B 166 -29.18 24.18 7.54
C LEU B 166 -28.45 23.34 8.60
N CYS B 167 -27.95 22.20 8.17
CA CYS B 167 -27.13 21.33 8.99
C CYS B 167 -25.81 21.09 8.27
N VAL B 168 -24.72 21.53 8.87
CA VAL B 168 -23.39 21.39 8.28
C VAL B 168 -22.67 20.24 8.97
N THR B 169 -22.07 19.36 8.17
CA THR B 169 -21.37 18.19 8.67
C THR B 169 -19.95 18.20 8.12
N GLY B 170 -18.95 18.21 9.01
CA GLY B 170 -17.56 18.06 8.60
C GLY B 170 -17.13 16.61 8.75
N TYR B 171 -16.34 16.14 7.79
CA TYR B 171 -15.89 14.75 7.79
C TYR B 171 -14.40 14.67 7.58
N ALA B 172 -13.72 13.93 8.44
CA ALA B 172 -12.30 13.64 8.31
C ALA B 172 -12.09 12.15 8.55
N GLU B 173 -11.42 11.48 7.62
CA GLU B 173 -11.18 10.04 7.70
C GLU B 173 -9.76 9.82 8.22
N PHE B 174 -9.64 9.50 9.51
CA PHE B 174 -8.34 9.26 10.11
C PHE B 174 -7.73 7.97 9.58
N THR B 175 -6.40 7.92 9.58
CA THR B 175 -5.70 6.66 9.46
C THR B 175 -5.75 5.91 10.80
N ASN B 176 -5.60 4.60 10.73
CA ASN B 176 -5.47 3.80 11.94
C ASN B 176 -4.03 3.74 12.44
N ASN B 177 -3.08 4.20 11.63
CA ASN B 177 -1.68 4.24 12.00
C ASN B 177 -1.02 5.29 11.13
N SER B 178 -0.07 6.03 11.71
CA SER B 178 0.65 7.04 10.94
C SER B 178 1.45 6.41 9.80
N ASN B 179 1.84 5.15 9.95
CA ASN B 179 2.59 4.46 8.90
C ASN B 179 1.63 3.86 7.89
N TYR B 180 1.88 4.14 6.61
CA TYR B 180 0.95 3.70 5.56
C TYR B 180 0.89 2.18 5.45
N GLU B 181 2.02 1.50 5.67
CA GLU B 181 2.03 0.05 5.58
C GLU B 181 1.20 -0.58 6.69
N GLN B 182 1.32 -0.05 7.91
CA GLN B 182 0.54 -0.58 9.03
C GLN B 182 -0.96 -0.33 8.81
N ASP B 183 -1.32 0.84 8.28
CA ASP B 183 -2.72 1.19 8.11
C ASP B 183 -3.36 0.47 6.93
N GLN B 184 -2.59 0.20 5.88
CA GLN B 184 -3.14 -0.33 4.63
C GLN B 184 -2.90 -1.82 4.44
N VAL B 185 -1.83 -2.37 5.00
CA VAL B 185 -1.45 -3.75 4.75
C VAL B 185 -1.61 -4.60 6.01
N ASN B 186 -1.16 -4.10 7.16
CA ASN B 186 -1.21 -4.88 8.41
C ASN B 186 -2.57 -4.70 9.10
N LEU B 187 -3.62 -5.06 8.36
CA LEU B 187 -4.98 -4.90 8.87
C LEU B 187 -5.22 -5.74 10.11
N GLN B 188 -4.66 -6.96 10.15
CA GLN B 188 -4.84 -7.84 11.31
C GLN B 188 -4.29 -7.24 12.59
N TYR B 189 -3.46 -6.20 12.49
CA TYR B 189 -2.98 -5.47 13.66
C TYR B 189 -3.68 -4.12 13.81
N SER B 190 -3.65 -3.30 12.75
CA SER B 190 -4.10 -1.92 12.89
C SER B 190 -5.62 -1.80 12.97
N GLN B 191 -6.37 -2.85 12.63
CA GLN B 191 -7.82 -2.76 12.77
C GLN B 191 -8.28 -2.86 14.23
N PHE B 192 -7.36 -3.01 15.17
CA PHE B 192 -7.76 -3.31 16.54
C PHE B 192 -6.99 -2.49 17.57
N ILE B 193 -6.58 -1.27 17.23
CA ILE B 193 -5.74 -0.48 18.13
C ILE B 193 -6.31 0.91 18.36
N THR B 194 -7.35 1.29 17.61
CA THR B 194 -7.86 2.65 17.67
C THR B 194 -9.18 2.72 18.42
N GLN B 195 -9.42 3.87 19.04
CA GLN B 195 -10.71 4.21 19.61
C GLN B 195 -11.00 5.68 19.33
N THR B 196 -12.27 6.06 19.39
CA THR B 196 -12.65 7.46 19.29
C THR B 196 -13.48 7.85 20.49
N ALA B 197 -13.44 9.14 20.83
CA ALA B 197 -14.20 9.68 21.95
C ALA B 197 -14.71 11.07 21.59
N PHE B 198 -15.91 11.39 22.05
CA PHE B 198 -16.48 12.71 21.85
C PHE B 198 -16.27 13.55 23.11
N ARG B 199 -15.86 14.80 22.91
CA ARG B 199 -15.52 15.68 24.01
C ARG B 199 -16.12 17.08 23.79
N GLY B 200 -17.42 17.13 23.59
CA GLY B 200 -18.15 18.38 23.58
C GLY B 200 -18.11 19.15 22.28
N ASN B 201 -16.91 19.45 21.78
CA ASN B 201 -16.73 20.21 20.55
C ASN B 201 -15.74 19.55 19.61
N ARG B 202 -15.43 18.27 19.81
CA ARG B 202 -14.38 17.62 19.04
C ARG B 202 -14.51 16.11 19.19
N ILE B 203 -13.88 15.41 18.26
CA ILE B 203 -13.67 13.97 18.35
C ILE B 203 -12.17 13.74 18.48
N CYS B 204 -11.78 12.95 19.48
CA CYS B 204 -10.40 12.56 19.70
C CYS B 204 -10.24 11.10 19.29
N GLN B 205 -9.31 10.84 18.39
CA GLN B 205 -8.95 9.49 17.98
C GLN B 205 -7.66 9.08 18.67
N MET B 206 -7.69 7.94 19.34
CA MET B 206 -6.55 7.41 20.08
C MET B 206 -6.01 6.18 19.37
N ILE B 207 -4.78 6.28 18.89
CA ILE B 207 -4.03 5.14 18.37
C ILE B 207 -3.32 4.46 19.54
N HIS B 208 -3.50 3.14 19.64
CA HIS B 208 -3.10 2.36 20.81
C HIS B 208 -3.82 2.89 22.06
N ALA B 209 -5.15 3.00 21.94
CA ALA B 209 -5.96 3.65 22.97
C ALA B 209 -5.82 2.97 24.32
N ASN B 210 -5.58 1.66 24.35
CA ASN B 210 -5.53 0.93 25.60
C ASN B 210 -4.27 1.20 26.41
N LEU B 211 -3.32 1.97 25.91
CA LEU B 211 -2.10 2.30 26.65
C LEU B 211 -2.22 3.59 27.44
N ASP B 212 -3.45 4.01 27.77
CA ASP B 212 -3.63 5.24 28.52
C ASP B 212 -3.22 5.10 29.99
N GLN B 213 -3.06 3.87 30.48
CA GLN B 213 -2.72 3.62 31.87
C GLN B 213 -1.24 3.35 32.08
N LEU B 214 -0.40 3.57 31.07
CA LEU B 214 1.04 3.43 31.23
C LEU B 214 1.59 4.59 32.01
N GLU B 215 2.57 4.31 32.87
CA GLU B 215 3.21 5.36 33.64
C GLU B 215 3.82 6.40 32.69
N PRO B 216 3.78 7.69 33.04
CA PRO B 216 4.27 8.72 32.11
C PRO B 216 5.69 8.49 31.62
N GLY B 217 5.85 8.37 30.30
CA GLY B 217 7.12 8.16 29.68
C GLY B 217 7.39 6.73 29.24
N LYS B 218 6.80 5.76 29.93
CA LYS B 218 7.04 4.36 29.61
C LYS B 218 6.29 3.95 28.33
N ASP B 219 6.71 2.83 27.76
CA ASP B 219 6.16 2.36 26.50
C ASP B 219 6.05 0.84 26.53
N VAL B 220 5.20 0.31 25.65
CA VAL B 220 5.01 -1.12 25.47
C VAL B 220 5.19 -1.44 23.99
N ASP B 221 6.18 -2.28 23.68
CA ASP B 221 6.49 -2.66 22.30
C ASP B 221 6.79 -1.42 21.44
N ASP B 222 7.47 -0.45 22.04
CA ASP B 222 7.80 0.82 21.38
C ASP B 222 6.55 1.54 20.88
N LYS B 223 5.45 1.42 21.63
CA LYS B 223 4.19 2.05 21.27
C LYS B 223 3.61 2.75 22.49
N GLN B 224 2.99 3.91 22.26
CA GLN B 224 2.27 4.66 23.28
C GLN B 224 0.98 5.18 22.67
N VAL B 225 0.13 5.77 23.49
CA VAL B 225 -1.08 6.41 22.99
C VAL B 225 -0.69 7.63 22.16
N THR B 226 -1.18 7.69 20.93
CA THR B 226 -1.09 8.92 20.16
C THR B 226 -2.49 9.42 19.87
N GLU B 227 -2.63 10.73 19.70
CA GLU B 227 -3.94 11.36 19.60
C GLU B 227 -4.03 12.23 18.37
N ARG B 228 -5.11 12.06 17.62
CA ARG B 228 -5.52 12.97 16.57
C ARG B 228 -6.85 13.59 16.98
N PHE B 229 -7.18 14.74 16.40
CA PHE B 229 -8.39 15.43 16.80
C PHE B 229 -9.07 16.06 15.58
N PHE B 230 -10.39 16.20 15.69
CA PHE B 230 -11.20 16.90 14.70
C PHE B 230 -12.25 17.70 15.46
N GLY B 231 -12.12 19.02 15.49
CA GLY B 231 -12.96 19.87 16.29
C GLY B 231 -13.70 20.92 15.46
N LEU B 232 -14.70 21.54 16.10
CA LEU B 232 -15.49 22.59 15.49
C LEU B 232 -15.61 23.74 16.49
N ALA B 233 -15.37 24.96 16.01
CA ALA B 233 -15.49 26.16 16.83
C ALA B 233 -16.34 27.19 16.11
N GLY B 234 -17.04 28.02 16.88
CA GLY B 234 -17.90 29.04 16.33
C GLY B 234 -19.37 28.67 16.29
N ASN B 235 -19.72 27.44 16.66
CA ASN B 235 -21.10 26.97 16.69
C ASN B 235 -21.16 25.65 17.44
N PRO B 236 -22.18 25.42 18.26
CA PRO B 236 -22.25 24.16 19.02
C PRO B 236 -22.45 22.95 18.11
N VAL B 237 -21.86 21.83 18.54
CA VAL B 237 -22.03 20.56 17.83
C VAL B 237 -23.37 19.94 18.24
N THR B 238 -24.18 19.58 17.25
CA THR B 238 -25.50 19.02 17.52
C THR B 238 -25.53 17.50 17.41
N SER B 239 -24.58 16.89 16.73
CA SER B 239 -24.43 15.44 16.71
C SER B 239 -23.05 15.11 16.14
N TRP B 240 -22.57 13.91 16.45
CA TRP B 240 -21.21 13.50 16.12
C TRP B 240 -21.21 12.04 15.73
N CYS B 241 -20.09 11.60 15.17
CA CYS B 241 -19.89 10.19 14.85
C CYS B 241 -18.41 9.92 14.69
N GLY B 242 -17.90 8.89 15.37
CA GLY B 242 -16.52 8.50 15.25
C GLY B 242 -16.28 7.21 14.49
N ASP B 243 -17.29 6.61 13.89
CA ASP B 243 -17.18 5.34 13.17
C ASP B 243 -17.51 5.58 11.70
N LYS B 244 -16.53 5.32 10.83
CA LYS B 244 -16.72 5.58 9.40
C LYS B 244 -17.93 4.84 8.85
N ASP B 245 -18.00 3.53 9.10
CA ASP B 245 -19.12 2.73 8.61
C ASP B 245 -20.44 3.24 9.15
N GLY B 246 -20.48 3.63 10.43
CA GLY B 246 -21.70 4.19 10.99
C GLY B 246 -22.07 5.52 10.39
N PHE B 247 -21.08 6.27 9.90
CA PHE B 247 -21.38 7.55 9.27
C PHE B 247 -21.83 7.36 7.82
N LEU B 248 -21.11 6.52 7.07
CA LEU B 248 -21.45 6.31 5.67
C LEU B 248 -22.72 5.48 5.53
N GLY B 249 -22.83 4.40 6.29
CA GLY B 249 -23.88 3.43 6.08
C GLY B 249 -23.45 2.34 5.11
N ARG B 250 -24.11 1.20 5.23
CA ARG B 250 -23.73 0.02 4.46
C ARG B 250 -23.92 0.28 2.98
N TYR B 251 -22.86 0.03 2.20
CA TYR B 251 -22.88 0.15 0.74
C TYR B 251 -23.21 1.58 0.29
N HIS B 252 -22.83 2.56 1.10
CA HIS B 252 -22.94 3.97 0.76
C HIS B 252 -21.56 4.54 0.50
N GLY B 253 -21.47 5.42 -0.51
CA GLY B 253 -20.25 6.16 -0.76
C GLY B 253 -20.28 7.53 -0.13
N TYR B 254 -19.20 8.28 -0.35
CA TYR B 254 -19.11 9.64 0.18
C TYR B 254 -20.11 10.59 -0.47
N ASP B 255 -20.76 10.19 -1.55
CA ASP B 255 -21.73 11.05 -2.21
C ASP B 255 -23.02 11.19 -1.42
N ALA B 256 -23.35 10.20 -0.60
CA ALA B 256 -24.60 10.21 0.17
C ALA B 256 -24.40 9.45 1.47
N PRO B 257 -23.72 10.06 2.45
CA PRO B 257 -23.56 9.41 3.75
C PRO B 257 -24.88 9.29 4.48
N LYS B 258 -25.10 8.12 5.08
CA LYS B 258 -26.32 7.89 5.86
C LYS B 258 -26.51 8.96 6.92
N GLY B 259 -25.44 9.24 7.69
CA GLY B 259 -25.52 10.26 8.71
C GLY B 259 -25.90 11.63 8.17
N VAL B 260 -25.51 11.92 6.93
CA VAL B 260 -25.95 13.16 6.30
C VAL B 260 -27.38 13.03 5.80
N ILE B 261 -27.74 11.87 5.24
CA ILE B 261 -29.07 11.69 4.68
C ILE B 261 -30.13 11.89 5.77
N GLU B 262 -29.90 11.28 6.93
CA GLU B 262 -30.87 11.31 8.02
C GLU B 262 -30.91 12.64 8.75
N GLY B 263 -29.97 13.53 8.51
CA GLY B 263 -29.94 14.80 9.21
C GLY B 263 -29.49 14.74 10.65
N LYS B 264 -28.96 13.60 11.08
CA LYS B 264 -28.48 13.45 12.45
C LYS B 264 -27.49 12.28 12.49
N LEU B 265 -26.34 12.50 13.12
CA LEU B 265 -25.33 11.46 13.20
C LEU B 265 -25.64 10.50 14.34
N SER B 266 -24.94 9.36 14.33
CA SER B 266 -25.25 8.27 15.27
C SER B 266 -24.90 8.61 16.70
N CYS B 267 -23.97 9.53 16.95
CA CYS B 267 -23.47 9.82 18.29
C CYS B 267 -22.89 8.56 18.94
N LEU B 268 -22.18 7.78 18.13
CA LEU B 268 -21.50 6.57 18.57
C LEU B 268 -20.03 6.64 18.16
N PRO B 269 -19.14 6.13 19.00
CA PRO B 269 -17.72 6.12 18.64
C PRO B 269 -17.34 4.86 17.89
N ASN B 270 -16.06 4.75 17.51
CA ASN B 270 -15.54 3.53 16.94
C ASN B 270 -14.72 2.79 17.99
N TYR B 271 -14.75 1.46 17.90
CA TYR B 271 -14.01 0.58 18.80
C TYR B 271 -13.50 -0.54 17.90
N ASN B 272 -12.21 -0.50 17.57
CA ASN B 272 -11.62 -1.25 16.47
C ASN B 272 -12.21 -0.77 15.15
N GLY B 273 -11.71 -1.29 14.03
CA GLY B 273 -12.22 -0.86 12.74
C GLY B 273 -11.68 0.51 12.34
N ASN B 274 -12.45 1.20 11.51
CA ASN B 274 -12.03 2.45 10.89
C ASN B 274 -12.73 3.62 11.57
N GLY B 275 -11.96 4.47 12.23
CA GLY B 275 -12.51 5.65 12.86
C GLY B 275 -12.59 6.83 11.91
N CYS B 276 -13.23 7.90 12.39
CA CYS B 276 -13.41 9.10 11.57
C CYS B 276 -13.82 10.25 12.47
N GLY B 277 -13.70 11.45 11.93
CA GLY B 277 -14.23 12.63 12.58
C GLY B 277 -15.41 13.18 11.82
N ALA B 278 -16.61 13.07 12.39
CA ALA B 278 -17.83 13.57 11.76
C ALA B 278 -18.57 14.43 12.76
N LEU B 279 -18.67 15.73 12.48
CA LEU B 279 -19.31 16.70 13.37
C LEU B 279 -20.42 17.42 12.62
N SER B 280 -21.61 17.44 13.21
CA SER B 280 -22.76 18.14 12.65
C SER B 280 -23.12 19.33 13.53
N SER B 281 -23.62 20.39 12.89
CA SER B 281 -23.94 21.63 13.56
C SER B 281 -25.12 22.29 12.85
N ASP B 282 -26.09 22.78 13.63
CA ASP B 282 -27.29 23.40 13.09
C ASP B 282 -27.10 24.91 12.96
N PHE B 283 -27.66 25.47 11.89
CA PHE B 283 -27.59 26.90 11.60
C PHE B 283 -28.99 27.40 11.26
N VAL B 284 -29.36 28.53 11.85
CA VAL B 284 -30.55 29.27 11.46
C VAL B 284 -30.07 30.60 10.91
N LEU B 285 -30.28 30.84 9.63
CA LEU B 285 -29.76 32.01 8.94
C LEU B 285 -30.93 32.87 8.48
N LYS B 286 -30.97 34.12 8.94
CA LYS B 286 -31.92 35.09 8.43
C LYS B 286 -31.59 35.43 6.98
N PRO B 287 -32.53 36.03 6.25
CA PRO B 287 -32.20 36.53 4.91
C PRO B 287 -31.04 37.51 4.98
N GLY B 288 -29.98 37.20 4.22
CA GLY B 288 -28.79 38.02 4.20
C GLY B 288 -27.80 37.75 5.31
N GLU B 289 -28.09 36.82 6.21
CA GLU B 289 -27.20 36.55 7.33
C GLU B 289 -26.07 35.61 6.93
N ALA B 290 -24.88 35.89 7.47
CA ALA B 290 -23.70 35.06 7.27
C ALA B 290 -23.12 34.67 8.62
N LYS B 291 -22.57 33.46 8.68
CA LYS B 291 -21.95 32.92 9.88
C LYS B 291 -20.67 32.19 9.52
N GLU B 292 -19.64 32.34 10.35
CA GLU B 292 -18.36 31.70 10.14
C GLU B 292 -18.09 30.71 11.26
N VAL B 293 -17.65 29.51 10.88
CA VAL B 293 -17.21 28.48 11.81
C VAL B 293 -15.90 27.90 11.29
N VAL B 294 -15.22 27.12 12.12
CA VAL B 294 -13.96 26.52 11.74
C VAL B 294 -13.96 25.05 12.14
N PHE B 295 -13.50 24.19 11.23
CA PHE B 295 -13.08 22.85 11.56
C PHE B 295 -11.57 22.84 11.72
N VAL B 296 -11.09 22.14 12.74
CA VAL B 296 -9.66 22.06 13.01
C VAL B 296 -9.24 20.60 13.04
N LEU B 297 -8.11 20.30 12.42
CA LEU B 297 -7.61 18.93 12.40
C LEU B 297 -6.11 18.93 12.69
N GLY B 298 -5.65 17.93 13.43
CA GLY B 298 -4.23 17.81 13.70
C GLY B 298 -3.94 16.58 14.52
N MET B 299 -2.72 16.54 15.08
CA MET B 299 -2.24 15.43 15.90
C MET B 299 -1.68 16.01 17.21
N LYS B 300 -2.57 16.45 18.08
CA LYS B 300 -2.19 17.06 19.35
C LYS B 300 -2.92 16.38 20.50
N LYS B 301 -2.43 16.62 21.71
CA LYS B 301 -3.06 16.12 22.92
C LYS B 301 -4.22 17.03 23.34
N ASP B 302 -5.02 16.52 24.28
CA ASP B 302 -6.33 17.12 24.55
C ASP B 302 -6.24 18.57 24.99
N ALA B 303 -5.30 18.91 25.88
CA ALA B 303 -5.24 20.26 26.43
C ALA B 303 -4.89 21.28 25.35
N GLU B 304 -3.86 20.98 24.56
CA GLU B 304 -3.49 21.86 23.45
C GLU B 304 -4.67 22.02 22.48
N VAL B 305 -5.43 20.95 22.27
CA VAL B 305 -6.58 21.01 21.37
C VAL B 305 -7.64 21.95 21.92
N GLU B 306 -7.90 21.87 23.24
CA GLU B 306 -8.87 22.76 23.84
C GLU B 306 -8.44 24.22 23.70
N GLU B 307 -7.14 24.49 23.88
CA GLU B 307 -6.63 25.84 23.66
C GLU B 307 -6.85 26.28 22.22
N ILE B 308 -6.50 25.41 21.26
CA ILE B 308 -6.65 25.74 19.84
C ILE B 308 -8.10 26.05 19.51
N LEU B 309 -9.03 25.24 20.02
CA LEU B 309 -10.44 25.45 19.74
C LEU B 309 -10.95 26.74 20.38
N LYS B 310 -10.49 27.03 21.60
CA LYS B 310 -10.88 28.29 22.23
C LYS B 310 -10.38 29.49 21.44
N ARG B 311 -9.22 29.36 20.79
CA ARG B 311 -8.70 30.47 20.00
C ARG B 311 -9.65 30.87 18.86
N TYR B 312 -10.44 29.93 18.35
CA TYR B 312 -11.31 30.18 17.20
C TYR B 312 -12.78 30.31 17.58
N GLU B 313 -13.08 30.67 18.83
CA GLU B 313 -14.47 30.79 19.26
C GLU B 313 -15.24 31.76 18.37
N ILE B 314 -14.70 32.96 18.16
CA ILE B 314 -15.24 33.90 17.19
C ILE B 314 -14.24 33.97 16.04
N PRO B 315 -14.49 33.29 14.92
CA PRO B 315 -13.40 32.99 13.98
C PRO B 315 -13.06 34.09 12.98
N GLU B 316 -13.93 35.06 12.73
CA GLU B 316 -13.75 35.94 11.58
C GLU B 316 -12.43 36.71 11.66
N THR B 317 -12.23 37.47 12.73
CA THR B 317 -11.06 38.35 12.82
C THR B 317 -9.78 37.54 12.89
N VAL B 318 -9.74 36.51 13.73
CA VAL B 318 -8.52 35.72 13.91
C VAL B 318 -8.15 35.00 12.62
N CYS B 319 -9.15 34.47 11.92
CA CYS B 319 -8.88 33.78 10.66
C CYS B 319 -8.39 34.74 9.58
N ARG B 320 -9.00 35.93 9.50
CA ARG B 320 -8.53 36.90 8.51
C ARG B 320 -7.12 37.35 8.82
N GLU B 321 -6.78 37.47 10.12
CA GLU B 321 -5.42 37.84 10.49
C GLU B 321 -4.41 36.75 10.12
N GLU B 322 -4.77 35.49 10.39
CA GLU B 322 -3.87 34.39 10.02
C GLU B 322 -3.69 34.30 8.50
N PHE B 323 -4.78 34.51 7.75
CA PHE B 323 -4.70 34.51 6.30
C PHE B 323 -3.81 35.64 5.80
N HIS B 324 -3.97 36.84 6.38
CA HIS B 324 -3.11 37.96 6.02
C HIS B 324 -1.65 37.66 6.32
N LYS B 325 -1.38 36.99 7.45
CA LYS B 325 0.00 36.64 7.78
C LYS B 325 0.58 35.68 6.75
N LEU B 326 -0.19 34.66 6.37
CA LEU B 326 0.25 33.73 5.34
C LEU B 326 0.58 34.45 4.03
N VAL B 327 -0.36 35.29 3.57
CA VAL B 327 -0.17 36.01 2.32
C VAL B 327 1.03 36.94 2.42
N LYS B 328 1.16 37.67 3.54
CA LYS B 328 2.28 38.58 3.69
C LYS B 328 3.60 37.83 3.62
N TYR B 329 3.70 36.69 4.30
CA TYR B 329 4.94 35.90 4.27
C TYR B 329 5.29 35.48 2.85
N TRP B 330 4.38 34.77 2.18
CA TRP B 330 4.74 34.17 0.89
C TRP B 330 4.84 35.23 -0.21
N HIS B 331 3.88 36.14 -0.28
CA HIS B 331 3.98 37.23 -1.25
C HIS B 331 5.20 38.11 -0.98
N GLY B 332 5.64 38.22 0.27
CA GLY B 332 6.82 39.01 0.55
C GLY B 332 8.08 38.34 0.03
N TYR B 333 8.15 37.02 0.16
CA TYR B 333 9.25 36.32 -0.51
C TYR B 333 9.18 36.52 -2.02
N LEU B 334 7.98 36.44 -2.60
CA LEU B 334 7.84 36.61 -4.04
C LEU B 334 8.21 38.02 -4.50
N SER B 335 7.98 39.02 -3.65
CA SER B 335 8.14 40.42 -4.05
C SER B 335 9.60 40.79 -4.30
N HIS B 336 10.56 39.97 -3.89
CA HIS B 336 11.96 40.29 -4.12
C HIS B 336 12.35 40.17 -5.59
N PHE B 337 11.44 39.69 -6.44
CA PHE B 337 11.69 39.65 -7.88
C PHE B 337 10.34 39.64 -8.59
N GLN B 338 10.04 40.70 -9.33
CA GLN B 338 8.79 40.78 -10.07
C GLN B 338 9.05 41.39 -11.44
N VAL B 339 8.47 40.80 -12.48
CA VAL B 339 8.69 41.28 -13.84
C VAL B 339 7.39 41.75 -14.44
N LYS B 340 7.51 42.64 -15.43
CA LYS B 340 6.38 43.13 -16.19
C LYS B 340 6.82 43.15 -17.65
N THR B 341 6.46 42.09 -18.39
CA THR B 341 6.83 41.92 -19.79
C THR B 341 5.56 41.84 -20.63
N PRO B 342 5.66 41.96 -21.96
CA PRO B 342 4.45 41.83 -22.80
C PRO B 342 3.82 40.44 -22.75
N SER B 343 4.54 39.41 -22.32
CA SER B 343 4.00 38.05 -22.33
C SER B 343 3.32 37.75 -21.00
N ARG B 344 2.01 37.53 -21.06
CA ARG B 344 1.23 37.34 -19.84
C ARG B 344 1.56 36.01 -19.17
N GLU B 345 1.79 34.95 -19.96
CA GLU B 345 2.17 33.67 -19.38
C GLU B 345 3.53 33.75 -18.70
N PHE B 346 4.48 34.44 -19.32
CA PHE B 346 5.78 34.64 -18.72
C PHE B 346 5.67 35.37 -17.39
N ASN B 347 4.88 36.45 -17.36
CA ASN B 347 4.66 37.19 -16.11
C ASN B 347 4.05 36.28 -15.05
N THR B 348 3.01 35.52 -15.42
CA THR B 348 2.34 34.66 -14.47
C THR B 348 3.30 33.64 -13.86
N MET B 349 4.12 33.00 -14.70
CA MET B 349 5.02 31.97 -14.20
C MET B 349 6.14 32.58 -13.35
N VAL B 350 6.82 33.61 -13.88
CA VAL B 350 7.97 34.15 -13.18
C VAL B 350 7.55 34.84 -11.88
N ASN B 351 6.46 35.61 -11.91
CA ASN B 351 6.07 36.39 -10.75
C ASN B 351 5.48 35.54 -9.64
N THR B 352 4.85 34.42 -9.98
CA THR B 352 4.07 33.70 -8.98
C THR B 352 4.34 32.20 -8.97
N TRP B 353 3.97 31.51 -10.05
CA TRP B 353 3.80 30.07 -9.96
C TRP B 353 5.11 29.30 -10.07
N ASN B 354 6.02 29.72 -10.94
CA ASN B 354 7.34 29.11 -10.93
C ASN B 354 8.06 29.37 -9.61
N ALA B 355 7.91 30.58 -9.06
CA ALA B 355 8.57 30.91 -7.80
C ALA B 355 7.99 30.13 -6.64
N TYR B 356 6.65 30.09 -6.55
CA TYR B 356 6.00 29.28 -5.53
C TYR B 356 6.40 27.81 -5.66
N ASN B 357 6.47 27.31 -6.90
CA ASN B 357 6.90 25.93 -7.13
C ASN B 357 8.33 25.69 -6.68
N CYS B 358 9.21 26.68 -6.91
CA CYS B 358 10.59 26.56 -6.47
C CYS B 358 10.68 26.51 -4.96
N PHE B 359 9.90 27.34 -4.28
CA PHE B 359 9.84 27.26 -2.83
C PHE B 359 9.32 25.90 -2.38
N MET B 360 8.34 25.35 -3.11
CA MET B 360 7.79 24.05 -2.75
C MET B 360 8.82 22.94 -2.89
N THR B 361 9.60 22.95 -3.97
CA THR B 361 10.61 21.92 -4.14
C THR B 361 11.77 22.12 -3.17
N PHE B 362 12.10 23.37 -2.86
CA PHE B 362 13.17 23.65 -1.90
C PHE B 362 12.80 23.17 -0.50
N ILE B 363 11.54 23.34 -0.12
CA ILE B 363 11.13 23.04 1.25
C ILE B 363 10.65 21.59 1.40
N TRP B 364 9.89 21.08 0.45
CA TRP B 364 9.31 19.75 0.55
C TRP B 364 10.15 18.67 -0.12
N SER B 365 11.14 19.04 -0.93
CA SER B 365 11.99 18.09 -1.66
C SER B 365 11.09 17.22 -2.53
N ARG B 366 11.05 15.91 -2.34
CA ARG B 366 10.12 15.02 -3.00
C ARG B 366 9.35 14.21 -1.97
N ALA B 367 8.97 14.88 -0.88
CA ALA B 367 8.42 14.17 0.27
C ALA B 367 7.09 13.50 -0.05
N ALA B 368 6.13 14.28 -0.57
CA ALA B 368 4.78 13.76 -0.68
C ALA B 368 4.02 14.50 -1.77
N SER B 369 3.22 13.75 -2.52
CA SER B 369 2.33 14.30 -3.53
C SER B 369 1.22 13.27 -3.74
N PHE B 370 0.50 13.37 -4.87
CA PHE B 370 -0.44 12.33 -5.24
C PHE B 370 0.23 11.21 -6.01
N ILE B 371 1.49 11.37 -6.38
CA ILE B 371 2.29 10.31 -6.98
C ILE B 371 3.29 9.74 -5.98
N TYR B 372 4.03 10.61 -5.31
CA TYR B 372 4.96 10.19 -4.26
C TYR B 372 4.16 9.91 -2.99
N CYS B 373 4.02 8.63 -2.63
CA CYS B 373 3.21 8.25 -1.49
C CYS B 373 3.83 7.16 -0.64
N GLY B 374 5.13 6.89 -0.80
CA GLY B 374 5.83 5.92 0.01
C GLY B 374 6.85 6.57 0.94
N LEU B 375 7.70 5.72 1.50
CA LEU B 375 8.68 6.18 2.47
C LEU B 375 9.88 6.82 1.78
N ARG B 376 10.51 7.76 2.49
CA ARG B 376 11.75 8.38 2.05
C ARG B 376 12.81 8.16 3.12
N ASN B 377 14.05 7.90 2.68
CA ASN B 377 15.16 7.73 3.61
C ASN B 377 15.87 9.04 3.89
N GLY B 378 15.83 9.99 2.96
CA GLY B 378 16.50 11.26 3.13
C GLY B 378 16.38 12.17 1.92
N TYR B 379 17.44 12.93 1.64
CA TYR B 379 17.45 13.86 0.52
C TYR B 379 18.43 13.39 -0.53
N GLY B 380 17.98 13.32 -1.78
CA GLY B 380 18.90 13.10 -2.88
C GLY B 380 19.85 14.27 -3.02
N TYR B 381 21.12 13.95 -3.27
CA TYR B 381 22.14 15.00 -3.28
C TYR B 381 21.92 15.99 -4.41
N ARG B 382 22.01 15.52 -5.66
CA ARG B 382 21.87 16.43 -6.80
C ARG B 382 20.52 17.14 -6.80
N ASP B 383 19.47 16.48 -6.31
CA ASP B 383 18.14 17.08 -6.28
C ASP B 383 18.12 18.30 -5.37
N THR B 384 18.62 18.17 -4.14
CA THR B 384 18.60 19.27 -3.18
C THR B 384 19.51 20.41 -3.62
N VAL B 385 20.73 20.07 -4.04
CA VAL B 385 21.68 21.08 -4.49
C VAL B 385 21.08 21.90 -5.64
N GLN B 386 20.47 21.20 -6.61
CA GLN B 386 19.87 21.92 -7.73
C GLN B 386 18.64 22.72 -7.31
N ASP B 387 17.84 22.17 -6.38
CA ASP B 387 16.65 22.87 -5.92
C ASP B 387 17.01 24.19 -5.25
N ILE B 388 18.20 24.27 -4.64
CA ILE B 388 18.64 25.53 -4.03
C ILE B 388 18.58 26.68 -5.02
N GLN B 389 18.93 26.41 -6.29
CA GLN B 389 19.07 27.49 -7.26
C GLN B 389 17.76 28.22 -7.51
N GLY B 390 16.63 27.54 -7.34
CA GLY B 390 15.35 28.14 -7.68
C GLY B 390 14.99 29.34 -6.82
N ILE B 391 15.52 29.40 -5.59
CA ILE B 391 15.12 30.41 -4.62
C ILE B 391 16.28 31.31 -4.22
N ILE B 392 17.41 31.23 -4.93
CA ILE B 392 18.59 32.00 -4.53
C ILE B 392 18.32 33.50 -4.59
N HIS B 393 17.59 33.93 -5.61
CA HIS B 393 17.27 35.35 -5.77
C HIS B 393 16.06 35.77 -4.96
N LEU B 394 15.42 34.85 -4.22
CA LEU B 394 14.24 35.15 -3.42
C LEU B 394 14.46 35.01 -1.93
N ALA B 395 15.14 33.96 -1.48
CA ALA B 395 15.42 33.73 -0.06
C ALA B 395 16.88 33.33 0.10
N PRO B 396 17.80 34.30 -0.01
CA PRO B 396 19.23 33.95 0.03
C PRO B 396 19.69 33.31 1.33
N ASP B 397 19.10 33.67 2.47
CA ASP B 397 19.50 33.04 3.73
C ASP B 397 19.09 31.57 3.78
N MET B 398 17.88 31.26 3.29
CA MET B 398 17.46 29.87 3.13
C MET B 398 18.46 29.09 2.28
N ALA B 399 18.86 29.69 1.15
CA ALA B 399 19.81 29.03 0.26
C ALA B 399 21.15 28.84 0.96
N LEU B 400 21.58 29.82 1.76
CA LEU B 400 22.83 29.70 2.48
C LEU B 400 22.80 28.53 3.46
N GLU B 401 21.70 28.40 4.21
CA GLU B 401 21.60 27.30 5.16
C GLU B 401 21.57 25.95 4.45
N LYS B 402 20.81 25.85 3.36
CA LYS B 402 20.78 24.59 2.61
C LYS B 402 22.13 24.27 1.98
N ILE B 403 22.88 25.28 1.55
CA ILE B 403 24.20 25.05 0.97
C ILE B 403 25.16 24.56 2.03
N ARG B 404 25.14 25.19 3.22
CA ARG B 404 25.91 24.69 4.35
C ARG B 404 25.60 23.22 4.59
N PHE B 405 24.32 22.88 4.67
CA PHE B 405 23.91 21.50 4.91
C PHE B 405 24.47 20.57 3.86
N MET B 406 24.27 20.90 2.58
CA MET B 406 24.68 20.00 1.50
C MET B 406 26.20 19.87 1.41
N LEU B 407 26.93 20.95 1.70
CA LEU B 407 28.39 20.84 1.78
C LEU B 407 28.82 19.95 2.94
N SER B 408 28.08 19.98 4.05
CA SER B 408 28.33 19.04 5.14
C SER B 408 27.95 17.61 4.77
N ALA B 409 27.18 17.41 3.70
CA ALA B 409 26.84 16.09 3.21
C ALA B 409 27.83 15.57 2.17
N GLN B 410 28.89 16.30 1.91
CA GLN B 410 29.97 15.87 1.03
C GLN B 410 30.97 15.06 1.83
N ALA B 411 31.37 13.90 1.31
CA ALA B 411 32.38 13.10 1.98
C ALA B 411 33.77 13.70 1.76
N ASP B 412 34.72 13.29 2.60
CA ASP B 412 36.06 13.87 2.55
C ASP B 412 36.84 13.46 1.31
N ASN B 413 36.33 12.53 0.51
CA ASN B 413 36.96 12.22 -0.77
C ASN B 413 36.48 13.14 -1.89
N GLY B 414 35.53 14.03 -1.60
CA GLY B 414 35.00 14.97 -2.55
C GLY B 414 33.64 14.60 -3.09
N GLY B 415 33.30 13.31 -3.09
CA GLY B 415 32.00 12.90 -3.58
C GLY B 415 30.87 13.28 -2.64
N GLY B 416 29.69 13.46 -3.21
CA GLY B 416 28.50 13.73 -2.42
C GLY B 416 27.80 12.44 -2.04
N LEU B 417 27.32 12.39 -0.80
CA LEU B 417 26.51 11.27 -0.35
C LEU B 417 25.27 11.19 -1.23
N PRO B 418 25.07 10.11 -2.00
CA PRO B 418 23.90 10.05 -2.88
C PRO B 418 22.59 10.25 -2.16
N LEU B 419 22.47 9.70 -0.95
CA LEU B 419 21.30 9.88 -0.10
C LEU B 419 21.78 10.50 1.20
N VAL B 420 21.25 11.66 1.54
CA VAL B 420 21.60 12.38 2.75
C VAL B 420 20.52 12.08 3.78
N LYS B 421 20.89 11.39 4.85
CA LYS B 421 19.92 10.93 5.83
C LYS B 421 19.24 12.12 6.51
N PHE B 422 18.01 11.87 6.98
CA PHE B 422 17.30 12.88 7.77
C PHE B 422 18.04 13.19 9.07
N THR B 423 18.77 12.21 9.61
CA THR B 423 19.57 12.38 10.81
C THR B 423 21.03 12.67 10.50
N HIS B 424 21.29 13.35 9.39
CA HIS B 424 22.66 13.58 8.94
C HIS B 424 23.49 14.24 10.05
N ASN B 425 24.58 13.58 10.41
CA ASN B 425 25.41 13.99 11.55
C ASN B 425 26.85 14.14 11.05
N PRO B 426 27.21 15.33 10.57
CA PRO B 426 28.57 15.52 10.02
C PRO B 426 29.65 15.12 11.01
N GLY B 427 30.65 14.41 10.50
CA GLY B 427 31.71 13.87 11.32
C GLY B 427 31.50 12.47 11.81
N HIS B 428 30.29 11.91 11.64
CA HIS B 428 29.98 10.59 12.16
C HIS B 428 29.17 9.75 11.19
N GLU B 429 29.09 10.15 9.92
CA GLU B 429 28.25 9.44 8.97
C GLU B 429 29.07 8.40 8.20
N ASP B 430 28.36 7.44 7.61
CA ASP B 430 28.96 6.44 6.74
C ASP B 430 28.68 6.78 5.29
N THR B 431 29.46 6.17 4.40
CA THR B 431 29.44 6.49 2.98
C THR B 431 29.18 5.22 2.18
N PRO B 432 28.91 5.33 0.86
CA PRO B 432 28.75 4.13 0.02
C PRO B 432 29.90 3.13 0.13
N ASP B 433 31.06 3.59 0.60
CA ASP B 433 32.19 2.69 0.85
C ASP B 433 31.98 1.84 2.09
N ASP B 434 30.89 2.04 2.83
CA ASP B 434 30.56 1.25 4.01
C ASP B 434 29.32 0.41 3.73
N ALA B 435 29.37 -0.86 4.11
CA ALA B 435 28.22 -1.73 3.91
C ALA B 435 27.02 -1.26 4.71
N SER B 436 27.25 -0.64 5.86
CA SER B 436 26.14 -0.14 6.68
C SER B 436 25.34 0.93 5.94
N TYR B 437 26.03 1.81 5.22
CA TYR B 437 25.32 2.86 4.47
C TYR B 437 24.50 2.26 3.34
N VAL B 438 25.03 1.25 2.65
CA VAL B 438 24.29 0.61 1.57
C VAL B 438 23.07 -0.10 2.12
N LYS B 439 23.23 -0.82 3.24
CA LYS B 439 22.09 -1.50 3.85
C LYS B 439 21.05 -0.52 4.37
N GLU B 440 21.49 0.65 4.84
CA GLU B 440 20.58 1.60 5.48
C GLU B 440 19.85 2.45 4.44
N THR B 441 20.58 3.00 3.47
CA THR B 441 19.99 3.91 2.50
C THR B 441 19.55 3.22 1.23
N GLY B 442 20.20 2.13 0.84
CA GLY B 442 19.91 1.47 -0.41
C GLY B 442 20.63 2.03 -1.61
N HIS B 443 21.59 2.94 -1.42
CA HIS B 443 22.38 3.46 -2.52
C HIS B 443 23.75 2.80 -2.50
N PRO B 444 24.10 1.98 -3.50
CA PRO B 444 25.30 1.14 -3.36
C PRO B 444 26.62 1.84 -3.66
N ALA B 445 26.62 2.94 -4.42
CA ALA B 445 27.87 3.55 -4.84
C ALA B 445 27.70 5.05 -4.97
N TYR B 446 28.84 5.74 -5.08
CA TYR B 446 28.83 7.15 -5.44
C TYR B 446 28.36 7.32 -6.89
N ARG B 447 27.86 8.50 -7.18
CA ARG B 447 27.48 8.87 -8.53
C ARG B 447 28.39 10.00 -9.00
N ALA B 448 28.68 10.00 -10.31
CA ALA B 448 29.73 10.87 -10.83
C ALA B 448 29.36 12.35 -10.82
N ASP B 449 28.07 12.68 -10.82
CA ASP B 449 27.66 14.06 -11.09
C ASP B 449 27.30 14.86 -9.85
N ASP B 450 26.98 14.21 -8.74
CA ASP B 450 26.40 14.89 -7.57
C ASP B 450 27.16 16.14 -7.16
N ALA B 451 28.40 15.96 -6.70
CA ALA B 451 29.17 17.08 -6.16
C ALA B 451 29.34 18.20 -7.18
N LEU B 452 29.34 17.87 -8.48
CA LEU B 452 29.54 18.90 -9.50
C LEU B 452 28.44 19.94 -9.48
N TRP B 453 27.21 19.53 -9.10
CA TRP B 453 26.13 20.50 -9.02
C TRP B 453 26.40 21.59 -7.99
N LEU B 454 27.32 21.34 -7.06
CA LEU B 454 27.68 22.36 -6.09
C LEU B 454 28.24 23.60 -6.75
N PHE B 455 28.82 23.46 -7.95
CA PHE B 455 29.55 24.60 -8.51
C PHE B 455 28.62 25.69 -9.03
N PRO B 456 27.64 25.42 -9.90
CA PRO B 456 26.71 26.50 -10.27
C PRO B 456 25.91 27.02 -9.07
N THR B 457 25.55 26.15 -8.14
CA THR B 457 24.76 26.57 -6.99
C THR B 457 25.54 27.55 -6.10
N VAL B 458 26.65 27.08 -5.52
CA VAL B 458 27.43 27.91 -4.61
C VAL B 458 27.78 29.25 -5.26
N TYR B 459 28.34 29.20 -6.47
CA TYR B 459 28.65 30.43 -7.19
C TYR B 459 27.44 31.34 -7.26
N LYS B 460 26.30 30.81 -7.73
CA LYS B 460 25.13 31.65 -7.90
C LYS B 460 24.69 32.25 -6.58
N TYR B 461 24.92 31.55 -5.47
CA TYR B 461 24.63 32.16 -4.18
C TYR B 461 25.58 33.32 -3.89
N ILE B 462 26.88 33.07 -4.03
CA ILE B 462 27.86 34.11 -3.68
C ILE B 462 27.73 35.29 -4.61
N ALA B 463 27.46 35.05 -5.89
CA ALA B 463 27.23 36.14 -6.81
C ALA B 463 25.98 36.93 -6.43
N GLU B 464 24.96 36.25 -5.90
CA GLU B 464 23.71 36.93 -5.56
C GLU B 464 23.91 37.84 -4.34
N THR B 465 24.68 37.40 -3.36
CA THR B 465 24.80 38.10 -2.09
C THR B 465 26.10 38.86 -1.91
N GLY B 466 27.14 38.54 -2.67
CA GLY B 466 28.44 39.11 -2.38
C GLY B 466 29.05 38.61 -1.08
N ASN B 467 28.61 37.47 -0.58
CA ASN B 467 29.09 36.91 0.69
C ASN B 467 30.43 36.21 0.45
N MET B 468 31.46 37.03 0.19
CA MET B 468 32.80 36.49 -0.05
C MET B 468 33.33 35.75 1.17
N ASP B 469 32.95 36.18 2.38
CA ASP B 469 33.42 35.52 3.59
C ASP B 469 33.06 34.04 3.60
N PHE B 470 31.91 33.69 3.02
CA PHE B 470 31.49 32.29 2.97
C PHE B 470 32.52 31.40 2.29
N ILE B 471 33.35 31.97 1.41
CA ILE B 471 34.39 31.19 0.73
C ILE B 471 35.34 30.58 1.74
N ASP B 472 35.58 31.26 2.86
CA ASP B 472 36.52 30.79 3.88
C ASP B 472 35.84 30.12 5.05
N GLU B 473 34.52 29.99 5.03
CA GLU B 473 33.81 29.37 6.16
C GLU B 473 34.15 27.89 6.24
N VAL B 474 34.50 27.43 7.43
CA VAL B 474 34.90 26.04 7.66
C VAL B 474 33.65 25.21 7.90
N ILE B 475 33.48 24.16 7.09
CA ILE B 475 32.34 23.26 7.18
C ILE B 475 32.86 21.83 7.22
N PRO B 476 32.38 20.98 8.12
CA PRO B 476 32.87 19.61 8.19
C PRO B 476 32.41 18.79 7.00
N PHE B 477 33.14 17.70 6.75
CA PHE B 477 32.69 16.71 5.80
C PHE B 477 31.74 15.72 6.47
N ALA B 478 31.12 14.87 5.65
CA ALA B 478 30.12 13.94 6.16
C ALA B 478 30.74 12.92 7.10
N ASN B 479 31.83 12.28 6.67
CA ASN B 479 32.40 11.17 7.43
C ASN B 479 33.51 11.61 8.38
N ARG B 480 34.45 12.42 7.90
CA ARG B 480 35.55 12.89 8.73
C ARG B 480 36.19 14.10 8.09
N GLY B 481 36.83 14.92 8.92
CA GLY B 481 37.56 16.07 8.46
C GLY B 481 36.68 17.29 8.28
N LYS B 482 37.34 18.42 8.03
CA LYS B 482 36.66 19.68 7.78
C LYS B 482 37.46 20.48 6.77
N ALA B 483 36.82 21.47 6.16
CA ALA B 483 37.45 22.26 5.13
C ALA B 483 36.68 23.56 4.92
N THR B 484 37.38 24.54 4.37
CA THR B 484 36.69 25.73 3.88
C THR B 484 35.83 25.38 2.68
N VAL B 485 34.86 26.26 2.39
CA VAL B 485 34.00 26.05 1.23
C VAL B 485 34.83 25.95 -0.04
N TYR B 486 35.83 26.83 -0.19
CA TYR B 486 36.76 26.76 -1.30
C TYR B 486 37.41 25.39 -1.39
N GLU B 487 37.92 24.88 -0.26
N GLU B 487 37.90 24.88 -0.25
CA GLU B 487 38.53 23.56 -0.27
CA GLU B 487 38.53 23.56 -0.23
C GLU B 487 37.49 22.45 -0.46
C GLU B 487 37.49 22.45 -0.46
N HIS B 488 36.23 22.69 -0.09
CA HIS B 488 35.18 21.72 -0.41
C HIS B 488 35.02 21.58 -1.91
N LEU B 489 35.01 22.70 -2.63
CA LEU B 489 34.92 22.65 -4.08
C LEU B 489 36.16 22.00 -4.69
N LYS B 490 37.34 22.32 -4.15
CA LYS B 490 38.56 21.67 -4.61
C LYS B 490 38.51 20.16 -4.40
N ARG B 491 37.92 19.72 -3.28
CA ARG B 491 37.79 18.30 -3.01
C ARG B 491 36.82 17.64 -3.98
N ALA B 492 35.75 18.34 -4.36
CA ALA B 492 34.86 17.80 -5.39
C ALA B 492 35.58 17.63 -6.72
N VAL B 493 36.37 18.64 -7.12
CA VAL B 493 37.15 18.52 -8.35
C VAL B 493 38.13 17.36 -8.25
N LYS B 494 38.77 17.20 -7.10
CA LYS B 494 39.69 16.09 -6.90
C LYS B 494 38.98 14.75 -6.99
N PHE B 495 37.75 14.67 -6.46
CA PHE B 495 36.97 13.45 -6.60
C PHE B 495 36.74 13.12 -8.06
N SER B 496 36.35 14.12 -8.85
CA SER B 496 36.17 13.88 -10.29
C SER B 496 37.48 13.42 -10.94
N MET B 497 38.61 14.01 -10.55
CA MET B 497 39.87 13.64 -11.16
C MET B 497 40.42 12.31 -10.62
N ASP B 498 39.95 11.87 -9.46
CA ASP B 498 40.38 10.59 -8.90
C ASP B 498 39.62 9.42 -9.50
N HIS B 499 38.66 9.66 -10.41
CA HIS B 499 37.82 8.61 -11.00
C HIS B 499 37.63 8.94 -12.48
N LEU B 500 38.66 8.67 -13.28
CA LEU B 500 38.64 8.94 -14.71
C LEU B 500 38.52 7.63 -15.48
N GLY B 501 37.85 7.71 -16.63
CA GLY B 501 37.70 6.57 -17.51
C GLY B 501 38.90 6.36 -18.40
N ARG B 502 38.71 5.53 -19.42
CA ARG B 502 39.82 5.16 -20.30
C ARG B 502 40.17 6.25 -21.31
N HIS B 503 39.33 7.27 -21.48
CA HIS B 503 39.68 8.42 -22.29
C HIS B 503 40.15 9.60 -21.45
N GLY B 504 40.46 9.38 -20.17
CA GLY B 504 40.87 10.47 -19.31
C GLY B 504 39.76 11.39 -18.86
N MET B 505 38.51 11.03 -19.13
CA MET B 505 37.34 11.81 -18.75
C MET B 505 36.66 11.15 -17.54
N PRO B 506 35.85 11.90 -16.80
CA PRO B 506 35.28 11.37 -15.55
C PRO B 506 34.57 10.03 -15.76
N ALA B 507 34.93 9.06 -14.91
CA ALA B 507 34.33 7.74 -14.99
C ALA B 507 32.85 7.79 -14.65
N GLY B 508 32.09 6.84 -15.21
CA GLY B 508 30.65 6.84 -15.01
C GLY B 508 30.24 6.52 -13.59
N LEU B 509 31.04 5.68 -12.90
CA LEU B 509 30.68 5.17 -11.58
C LEU B 509 29.29 4.54 -11.62
N TYR B 510 28.46 4.78 -10.61
CA TYR B 510 27.13 4.17 -10.60
C TYR B 510 26.26 4.70 -11.73
N ALA B 511 26.08 6.03 -11.77
CA ALA B 511 25.26 6.66 -12.80
C ALA B 511 25.55 8.15 -12.78
N ASP B 512 24.92 8.87 -13.70
CA ASP B 512 24.92 10.32 -13.68
C ASP B 512 23.50 10.82 -13.48
N TRP B 513 23.16 11.99 -14.02
CA TRP B 513 21.82 12.53 -13.83
C TRP B 513 20.73 11.59 -14.35
N ASN B 514 21.03 10.84 -15.40
CA ASN B 514 20.06 9.92 -16.02
C ASN B 514 20.11 8.59 -15.28
N ASP B 515 19.09 8.33 -14.45
CA ASP B 515 19.04 7.07 -13.71
C ASP B 515 18.96 5.84 -14.63
N CYS B 516 18.50 6.01 -15.87
CA CYS B 516 18.25 4.89 -16.76
C CYS B 516 19.39 4.64 -17.74
N LEU B 517 20.45 5.43 -17.70
CA LEU B 517 21.60 5.28 -18.59
C LEU B 517 22.76 4.72 -17.77
N ARG B 518 22.91 3.40 -17.78
CA ARG B 518 23.97 2.71 -17.05
C ARG B 518 25.11 2.46 -18.02
N LEU B 519 26.13 3.32 -17.97
CA LEU B 519 27.29 3.19 -18.83
C LEU B 519 28.37 2.29 -18.23
N GLY B 520 28.16 1.77 -17.03
CA GLY B 520 29.17 1.04 -16.32
C GLY B 520 30.04 1.94 -15.47
N LYS B 521 30.65 1.35 -14.44
CA LYS B 521 31.51 2.12 -13.54
C LYS B 521 32.75 2.66 -14.25
N ASP B 522 33.16 2.05 -15.35
CA ASP B 522 34.32 2.50 -16.11
C ASP B 522 33.94 3.18 -17.40
N GLY B 523 32.66 3.47 -17.61
CA GLY B 523 32.22 4.27 -18.73
C GLY B 523 32.55 5.74 -18.52
N GLU B 524 32.09 6.56 -19.47
CA GLU B 524 32.34 8.00 -19.43
C GLU B 524 31.13 8.73 -19.98
N SER B 525 30.52 9.59 -19.17
CA SER B 525 29.35 10.36 -19.56
C SER B 525 29.77 11.75 -20.02
N THR B 526 29.30 12.14 -21.21
CA THR B 526 29.63 13.47 -21.73
C THR B 526 28.97 14.56 -20.91
N PHE B 527 27.76 14.30 -20.41
CA PHE B 527 27.12 15.18 -19.44
C PHE B 527 28.05 15.50 -18.29
N VAL B 528 28.62 14.46 -17.68
CA VAL B 528 29.51 14.65 -16.52
C VAL B 528 30.78 15.38 -16.94
N ALA B 529 31.31 15.06 -18.12
CA ALA B 529 32.54 15.73 -18.57
C ALA B 529 32.33 17.23 -18.70
N MET B 530 31.18 17.64 -19.24
CA MET B 530 30.91 19.06 -19.39
C MET B 530 30.57 19.72 -18.05
N GLN B 531 29.90 18.99 -17.15
CA GLN B 531 29.76 19.47 -15.77
C GLN B 531 31.13 19.72 -15.14
N PHE B 532 32.09 18.82 -15.39
CA PHE B 532 33.43 18.95 -14.83
C PHE B 532 34.15 20.17 -15.38
N TYR B 533 34.06 20.38 -16.70
CA TYR B 533 34.65 21.57 -17.32
C TYR B 533 34.07 22.84 -16.70
N TYR B 534 32.74 22.90 -16.56
CA TYR B 534 32.12 24.08 -15.96
C TYR B 534 32.54 24.26 -14.51
N ALA B 535 32.66 23.15 -13.77
CA ALA B 535 33.11 23.23 -12.39
C ALA B 535 34.50 23.84 -12.31
N MET B 536 35.37 23.46 -13.24
CA MET B 536 36.72 24.04 -13.24
C MET B 536 36.69 25.53 -13.59
N THR B 537 35.75 25.95 -14.45
CA THR B 537 35.61 27.39 -14.70
C THR B 537 35.20 28.14 -13.44
N ILE B 538 34.19 27.63 -12.74
CA ILE B 538 33.73 28.26 -11.50
C ILE B 538 34.85 28.31 -10.47
N LEU B 539 35.56 27.19 -10.31
CA LEU B 539 36.64 27.14 -9.34
C LEU B 539 37.80 28.04 -9.76
N LYS B 540 37.96 28.28 -11.06
CA LYS B 540 38.94 29.27 -11.50
C LYS B 540 38.57 30.66 -10.99
N LYS B 541 37.28 31.01 -11.07
CA LYS B 541 36.84 32.27 -10.47
C LYS B 541 37.20 32.33 -8.99
N PHE B 542 36.86 31.26 -8.26
CA PHE B 542 37.14 31.23 -6.82
C PHE B 542 38.63 31.37 -6.53
N ALA B 543 39.47 30.66 -7.30
CA ALA B 543 40.91 30.69 -7.07
C ALA B 543 41.49 32.05 -7.43
N LYS B 544 40.93 32.72 -8.43
CA LYS B 544 41.35 34.09 -8.73
C LYS B 544 41.06 35.00 -7.55
N TYR B 545 39.88 34.87 -6.95
CA TYR B 545 39.59 35.70 -5.78
C TYR B 545 40.56 35.41 -4.64
N LYS B 546 40.87 34.13 -4.41
CA LYS B 546 41.72 33.73 -3.29
C LYS B 546 43.20 33.91 -3.56
N LYS B 547 43.58 34.41 -4.75
CA LYS B 547 44.98 34.58 -5.13
C LYS B 547 45.74 33.26 -5.06
N ASP B 548 45.06 32.17 -5.40
CA ASP B 548 45.67 30.83 -5.40
C ASP B 548 46.24 30.57 -6.80
N VAL B 549 47.44 31.10 -7.03
CA VAL B 549 48.01 31.14 -8.38
C VAL B 549 48.38 29.74 -8.85
N GLU B 550 49.00 28.94 -7.98
CA GLU B 550 49.41 27.58 -8.36
C GLU B 550 48.21 26.74 -8.75
N TYR B 551 47.18 26.73 -7.90
CA TYR B 551 45.96 26.00 -8.24
C TYR B 551 45.30 26.57 -9.49
N MET B 552 45.45 27.88 -9.74
CA MET B 552 44.84 28.47 -10.93
C MET B 552 45.52 27.97 -12.20
N GLU B 553 46.85 27.93 -12.23
CA GLU B 553 47.48 27.38 -13.42
C GLU B 553 47.23 25.89 -13.56
N PHE B 554 47.13 25.18 -12.42
CA PHE B 554 46.71 23.78 -12.47
C PHE B 554 45.35 23.64 -13.15
N LEU B 555 44.40 24.49 -12.75
CA LEU B 555 43.06 24.45 -13.33
C LEU B 555 43.10 24.80 -14.82
N CYS B 556 43.91 25.78 -15.21
N CYS B 556 43.91 25.78 -15.20
CA CYS B 556 44.01 26.15 -16.61
CA CYS B 556 44.01 26.15 -16.61
C CYS B 556 44.51 24.98 -17.45
C CYS B 556 44.51 24.98 -17.45
N GLU B 557 45.57 24.31 -16.99
CA GLU B 557 46.10 23.17 -17.73
C GLU B 557 45.09 22.02 -17.79
N ARG B 558 44.45 21.71 -16.66
CA ARG B 558 43.48 20.61 -16.66
C ARG B 558 42.29 20.93 -17.54
N GLN B 559 41.83 22.18 -17.56
CA GLN B 559 40.72 22.55 -18.40
C GLN B 559 41.10 22.47 -19.88
N LYS B 560 42.30 22.92 -20.23
CA LYS B 560 42.76 22.78 -21.61
C LYS B 560 42.78 21.31 -22.02
N LYS B 561 43.32 20.45 -21.16
CA LYS B 561 43.40 19.03 -21.49
C LYS B 561 42.01 18.42 -21.62
N LEU B 562 41.09 18.75 -20.71
CA LEU B 562 39.76 18.17 -20.76
C LEU B 562 38.98 18.67 -21.97
N GLU B 563 39.18 19.93 -22.35
CA GLU B 563 38.53 20.44 -23.55
C GLU B 563 39.04 19.73 -24.79
N GLU B 564 40.35 19.51 -24.87
CA GLU B 564 40.90 18.73 -25.97
C GLU B 564 40.30 17.33 -26.01
N LEU B 565 40.20 16.69 -24.84
CA LEU B 565 39.65 15.33 -24.78
C LEU B 565 38.20 15.29 -25.23
N ILE B 566 37.39 16.26 -24.77
CA ILE B 566 35.99 16.28 -25.13
C ILE B 566 35.83 16.51 -26.63
N GLN B 567 36.57 17.48 -27.18
CA GLN B 567 36.47 17.73 -28.61
C GLN B 567 36.96 16.55 -29.43
N LYS B 568 37.95 15.81 -28.92
CA LYS B 568 38.52 14.70 -29.68
C LYS B 568 37.61 13.48 -29.67
N PHE B 569 37.04 13.14 -28.51
CA PHE B 569 36.33 11.87 -28.37
C PHE B 569 34.82 11.98 -28.34
N CYS B 570 34.25 13.18 -28.15
CA CYS B 570 32.81 13.32 -28.00
C CYS B 570 32.16 14.10 -29.12
N TRP B 571 32.92 14.86 -29.92
CA TRP B 571 32.35 15.62 -31.01
C TRP B 571 32.00 14.70 -32.16
N ASP B 572 30.77 14.81 -32.65
CA ASP B 572 30.26 13.91 -33.69
C ASP B 572 29.83 14.69 -34.93
N GLU B 573 28.64 14.40 -35.43
CA GLU B 573 28.12 15.02 -36.64
C GLU B 573 27.18 16.16 -36.22
N GLY B 574 27.76 17.34 -36.03
CA GLY B 574 26.97 18.47 -35.56
C GLY B 574 26.38 18.29 -34.19
N ARG B 575 26.96 17.41 -33.38
CA ARG B 575 26.40 17.08 -32.07
C ARG B 575 27.49 16.44 -31.22
N PHE B 576 27.30 16.48 -29.92
CA PHE B 576 28.14 15.76 -28.98
C PHE B 576 27.48 14.43 -28.63
N ILE B 577 28.28 13.38 -28.58
CA ILE B 577 27.78 12.04 -28.26
C ILE B 577 27.30 12.03 -26.81
N ARG B 578 26.61 10.96 -26.42
CA ARG B 578 26.12 10.84 -25.06
C ARG B 578 27.19 10.34 -24.11
N GLY B 579 28.03 9.43 -24.56
CA GLY B 579 29.11 8.93 -23.74
C GLY B 579 29.63 7.60 -24.24
N PHE B 580 30.50 7.01 -23.44
CA PHE B 580 31.11 5.71 -23.71
C PHE B 580 30.68 4.71 -22.65
N THR B 581 30.27 3.52 -23.08
CA THR B 581 30.08 2.44 -22.12
C THR B 581 31.43 1.83 -21.76
N GLU B 582 31.46 1.11 -20.63
CA GLU B 582 32.71 0.50 -20.20
C GLU B 582 33.16 -0.63 -21.12
N ASN B 583 32.31 -1.06 -22.06
CA ASN B 583 32.69 -2.05 -23.06
C ASN B 583 33.08 -1.43 -24.39
N GLY B 584 33.29 -0.12 -24.42
CA GLY B 584 33.76 0.56 -25.62
C GLY B 584 32.69 1.08 -26.55
N GLU B 585 31.41 0.86 -26.24
CA GLU B 585 30.34 1.32 -27.10
C GLU B 585 30.21 2.84 -27.04
N ILE B 586 29.84 3.43 -28.18
CA ILE B 586 29.61 4.87 -28.28
C ILE B 586 28.11 5.10 -28.29
N ILE B 587 27.60 5.78 -27.26
CA ILE B 587 26.19 6.09 -27.13
C ILE B 587 25.95 7.51 -27.63
N GLY B 588 24.95 7.68 -28.47
CA GLY B 588 24.63 8.98 -29.03
C GLY B 588 25.29 9.29 -30.36
N LYS B 589 25.88 8.30 -31.02
CA LYS B 589 26.48 8.52 -32.33
C LYS B 589 25.37 8.75 -33.36
N SER B 590 25.64 9.66 -34.30
CA SER B 590 24.61 10.10 -35.25
C SER B 590 24.10 8.98 -36.13
N THR B 591 24.89 7.92 -36.33
CA THR B 591 24.51 6.83 -37.23
C THR B 591 23.79 5.69 -36.51
N ASP B 592 23.58 5.79 -35.20
CA ASP B 592 22.90 4.73 -34.48
C ASP B 592 21.41 4.70 -34.85
N PRO B 593 20.81 3.51 -34.93
CA PRO B 593 19.39 3.45 -35.29
C PRO B 593 18.47 4.05 -34.25
N GLU B 594 18.85 4.02 -32.98
CA GLU B 594 18.05 4.59 -31.90
C GLU B 594 18.93 5.43 -31.00
N ALA B 595 18.35 6.50 -30.46
CA ALA B 595 19.05 7.41 -29.54
C ALA B 595 20.36 7.92 -30.15
N ASN B 596 20.25 8.46 -31.36
CA ASN B 596 21.40 9.03 -32.05
C ASN B 596 21.53 10.54 -31.85
N MET B 597 20.65 11.14 -31.04
CA MET B 597 20.65 12.57 -30.81
C MET B 597 20.16 12.82 -29.39
N TRP B 598 21.03 13.36 -28.54
CA TRP B 598 20.69 13.62 -27.14
C TRP B 598 20.72 15.11 -26.85
N LEU B 599 19.82 15.55 -25.97
CA LEU B 599 19.64 16.97 -25.69
C LEU B 599 20.67 17.50 -24.69
N ASN B 600 20.82 16.80 -23.57
CA ASN B 600 21.65 17.31 -22.48
C ASN B 600 23.10 17.52 -22.86
N PRO B 601 23.76 16.64 -23.63
CA PRO B 601 25.14 16.94 -24.03
C PRO B 601 25.29 18.27 -24.74
N GLN B 602 24.36 18.63 -25.63
CA GLN B 602 24.48 19.91 -26.34
C GLN B 602 24.13 21.08 -25.43
N SER B 603 23.08 20.92 -24.63
CA SER B 603 22.74 21.94 -23.63
C SER B 603 23.96 22.29 -22.78
N TRP B 604 24.65 21.28 -22.27
CA TRP B 604 25.75 21.53 -21.36
C TRP B 604 27.08 21.78 -22.08
N ALA B 605 27.16 21.48 -23.37
CA ALA B 605 28.27 22.00 -24.16
C ALA B 605 28.18 23.52 -24.27
N VAL B 606 26.96 24.04 -24.44
CA VAL B 606 26.80 25.49 -24.47
C VAL B 606 26.98 26.08 -23.08
N ILE B 607 26.36 25.47 -22.07
CA ILE B 607 26.42 26.02 -20.71
C ILE B 607 27.85 26.02 -20.19
N SER B 608 28.57 24.91 -20.38
CA SER B 608 29.92 24.78 -19.83
C SER B 608 30.94 25.62 -20.59
N GLY B 609 30.67 25.99 -21.84
CA GLY B 609 31.63 26.70 -22.64
C GLY B 609 32.61 25.83 -23.40
N VAL B 610 32.43 24.50 -23.37
CA VAL B 610 33.28 23.62 -24.15
C VAL B 610 33.12 23.92 -25.64
N ALA B 611 31.90 24.12 -26.09
CA ALA B 611 31.65 24.47 -27.48
C ALA B 611 31.94 25.94 -27.73
N ASN B 612 32.52 26.22 -28.89
CA ASN B 612 32.76 27.61 -29.28
C ASN B 612 31.45 28.22 -29.77
N GLU B 613 31.53 29.42 -30.34
N GLU B 613 31.53 29.42 -30.34
CA GLU B 613 30.32 30.10 -30.80
CA GLU B 613 30.33 30.11 -30.80
C GLU B 613 29.65 29.35 -31.94
C GLU B 613 29.65 29.35 -31.94
N GLU B 614 30.41 29.05 -33.00
CA GLU B 614 29.83 28.35 -34.15
C GLU B 614 29.40 26.94 -33.78
N GLN B 615 30.19 26.26 -32.95
CA GLN B 615 29.82 24.91 -32.52
C GLN B 615 28.54 24.93 -31.68
N ALA B 616 28.43 25.90 -30.78
CA ALA B 616 27.20 26.02 -29.99
C ALA B 616 26.00 26.30 -30.86
N ASP B 617 26.14 27.21 -31.84
CA ASP B 617 25.04 27.49 -32.74
C ASP B 617 24.66 26.24 -33.54
N ARG B 618 25.65 25.47 -33.99
CA ARG B 618 25.38 24.27 -34.78
C ARG B 618 24.63 23.22 -33.95
N VAL B 619 25.09 22.97 -32.72
CA VAL B 619 24.42 21.96 -31.91
C VAL B 619 23.03 22.41 -31.50
N LEU B 620 22.83 23.72 -31.29
CA LEU B 620 21.49 24.20 -30.98
C LEU B 620 20.56 24.06 -32.19
N ASP B 621 21.07 24.32 -33.39
CA ASP B 621 20.28 24.10 -34.60
C ASP B 621 19.86 22.65 -34.72
N VAL B 622 20.81 21.72 -34.55
CA VAL B 622 20.48 20.30 -34.67
C VAL B 622 19.51 19.88 -33.59
N VAL B 623 19.66 20.43 -32.37
CA VAL B 623 18.73 20.14 -31.30
C VAL B 623 17.32 20.56 -31.67
N GLU B 624 17.17 21.78 -32.19
CA GLU B 624 15.85 22.26 -32.56
C GLU B 624 15.26 21.42 -33.69
N LYS B 625 16.09 21.04 -34.66
CA LYS B 625 15.57 20.29 -35.81
C LYS B 625 15.13 18.89 -35.41
N ARG B 626 15.90 18.21 -34.56
CA ARG B 626 15.67 16.79 -34.31
C ARG B 626 14.83 16.50 -33.06
N LEU B 627 14.89 17.36 -32.05
CA LEU B 627 14.31 17.03 -30.75
C LEU B 627 13.11 17.89 -30.36
N ASN B 628 12.91 19.04 -30.99
CA ASN B 628 11.88 19.96 -30.54
C ASN B 628 10.50 19.53 -31.03
N THR B 629 9.51 19.64 -30.16
CA THR B 629 8.12 19.38 -30.47
C THR B 629 7.27 20.55 -29.98
N GLU B 630 5.96 20.47 -30.22
CA GLU B 630 5.05 21.51 -29.76
C GLU B 630 5.05 21.65 -28.25
N TYR B 631 5.36 20.56 -27.53
CA TYR B 631 5.30 20.56 -26.07
C TYR B 631 6.67 20.54 -25.42
N GLY B 632 7.74 20.75 -26.18
CA GLY B 632 9.09 20.77 -25.65
C GLY B 632 9.99 19.79 -26.37
N LEU B 633 11.21 19.66 -25.86
CA LEU B 633 12.27 18.90 -26.53
C LEU B 633 12.43 17.53 -25.88
N VAL B 634 12.40 16.48 -26.71
CA VAL B 634 12.54 15.12 -26.21
C VAL B 634 13.96 14.89 -25.72
N LEU B 635 14.10 14.02 -24.71
CA LEU B 635 15.40 13.76 -24.10
C LEU B 635 16.39 13.20 -25.12
N MET B 636 15.93 12.30 -25.99
CA MET B 636 16.76 11.78 -27.07
C MET B 636 15.82 11.22 -28.14
N ASP B 637 16.40 10.88 -29.29
CA ASP B 637 15.59 10.43 -30.41
C ASP B 637 16.45 9.60 -31.36
N PRO B 638 15.92 8.50 -31.93
CA PRO B 638 14.61 7.89 -31.64
C PRO B 638 14.58 7.24 -30.25
N PRO B 639 13.40 6.86 -29.77
CA PRO B 639 13.32 6.15 -28.49
C PRO B 639 14.01 4.79 -28.56
N TYR B 640 14.34 4.27 -27.39
CA TYR B 640 14.86 2.92 -27.30
C TYR B 640 13.73 1.91 -27.48
N HIS B 641 14.02 0.84 -28.23
CA HIS B 641 13.05 -0.22 -28.43
C HIS B 641 13.74 -1.51 -28.87
N ALA B 642 14.26 -1.53 -30.10
CA ALA B 642 14.87 -2.73 -30.65
C ALA B 642 16.39 -2.69 -30.66
N HIS B 643 17.01 -1.57 -30.31
CA HIS B 643 18.46 -1.41 -30.39
C HIS B 643 19.01 -0.77 -29.14
N ALA B 644 18.52 -1.22 -27.98
CA ALA B 644 18.99 -0.74 -26.69
C ALA B 644 20.09 -1.65 -26.19
N PHE B 645 21.22 -1.06 -25.77
CA PHE B 645 22.35 -1.83 -25.29
C PHE B 645 22.09 -2.29 -23.84
N ASP B 646 23.12 -2.87 -23.23
CA ASP B 646 22.96 -3.50 -21.91
C ASP B 646 22.44 -2.50 -20.87
N GLY B 647 23.04 -1.32 -20.81
CA GLY B 647 22.70 -0.34 -19.80
C GLY B 647 21.64 0.67 -20.20
N ALA B 648 20.98 0.50 -21.33
CA ALA B 648 19.90 1.40 -21.75
C ALA B 648 18.61 0.99 -21.04
N LEU B 649 18.57 1.29 -19.74
CA LEU B 649 17.45 0.84 -18.92
C LEU B 649 16.14 1.54 -19.29
N ALA B 650 16.22 2.75 -19.85
CA ALA B 650 15.02 3.49 -20.23
C ALA B 650 14.12 2.69 -21.17
N VAL B 651 14.64 1.64 -21.81
CA VAL B 651 13.85 0.83 -22.73
C VAL B 651 12.69 0.15 -22.02
N ILE B 652 12.75 -0.01 -20.69
CA ILE B 652 11.61 -0.63 -20.02
C ILE B 652 10.37 0.26 -20.08
N TYR B 653 10.53 1.57 -20.24
CA TYR B 653 9.39 2.47 -20.28
C TYR B 653 8.82 2.57 -21.68
N ASN B 654 7.53 2.89 -21.76
CA ASN B 654 6.88 3.08 -23.04
C ASN B 654 7.56 4.22 -23.81
N PRO B 655 7.59 4.14 -25.14
CA PRO B 655 8.23 5.19 -25.94
C PRO B 655 7.61 6.56 -25.66
N GLY B 656 8.46 7.58 -25.69
CA GLY B 656 8.00 8.93 -25.41
C GLY B 656 7.59 9.16 -23.98
N THR B 657 8.00 8.28 -23.07
CA THR B 657 7.60 8.36 -21.67
C THR B 657 8.83 8.27 -20.78
N LYS B 658 8.85 9.08 -19.73
CA LYS B 658 9.92 9.08 -18.72
C LYS B 658 11.24 9.30 -19.47
N GLU B 659 12.32 8.62 -19.09
CA GLU B 659 13.62 8.80 -19.73
C GLU B 659 13.69 8.18 -21.12
N ASN B 660 12.65 7.50 -21.58
CA ASN B 660 12.65 6.90 -22.92
C ASN B 660 12.06 7.89 -23.91
N ALA B 661 12.87 8.90 -24.26
CA ALA B 661 12.51 9.90 -25.25
C ALA B 661 11.27 10.70 -24.85
N GLY B 662 11.02 10.80 -23.54
CA GLY B 662 10.03 11.74 -23.07
C GLY B 662 10.56 13.16 -23.06
N ILE B 663 9.64 14.11 -23.00
CA ILE B 663 10.03 15.51 -22.81
C ILE B 663 10.29 15.71 -21.32
N PHE B 664 11.54 15.48 -20.90
CA PHE B 664 11.87 15.56 -19.49
C PHE B 664 11.96 17.03 -19.09
N SER B 665 11.04 17.46 -18.23
CA SER B 665 10.82 18.89 -18.04
C SER B 665 12.03 19.58 -17.41
N GLN B 666 12.78 18.87 -16.56
CA GLN B 666 13.96 19.48 -15.95
C GLN B 666 14.97 19.90 -17.02
N SER B 667 15.24 19.01 -17.98
CA SER B 667 16.20 19.32 -19.04
C SER B 667 15.77 20.55 -19.84
N GLN B 668 14.46 20.80 -19.94
CA GLN B 668 13.98 21.98 -20.66
C GLN B 668 14.59 23.25 -20.08
N GLY B 669 14.83 23.30 -18.77
CA GLY B 669 15.51 24.45 -18.21
C GLY B 669 16.86 24.68 -18.85
N TRP B 670 17.68 23.62 -18.88
CA TRP B 670 19.06 23.77 -19.33
C TRP B 670 19.12 24.32 -20.75
N ILE B 671 18.40 23.68 -21.68
CA ILE B 671 18.41 24.14 -23.07
C ILE B 671 17.96 25.59 -23.15
N ILE B 672 16.93 25.96 -22.37
CA ILE B 672 16.49 27.36 -22.38
C ILE B 672 17.66 28.26 -22.00
N LEU B 673 18.29 27.97 -20.87
CA LEU B 673 19.45 28.74 -20.43
C LEU B 673 20.49 28.77 -21.53
N ALA B 674 20.76 27.62 -22.15
CA ALA B 674 21.77 27.56 -23.20
C ALA B 674 21.41 28.51 -24.32
N GLU B 675 20.16 28.46 -24.79
CA GLU B 675 19.74 29.34 -25.88
C GLU B 675 19.91 30.80 -25.48
N ALA B 676 19.63 31.10 -24.21
CA ALA B 676 19.75 32.49 -23.76
C ALA B 676 21.19 32.90 -23.58
N LEU B 677 22.09 31.95 -23.30
CA LEU B 677 23.49 32.31 -23.18
C LEU B 677 24.08 32.69 -24.53
N ARG B 678 23.51 32.18 -25.62
CA ARG B 678 23.92 32.53 -26.97
C ARG B 678 23.20 33.75 -27.50
N GLY B 679 22.35 34.38 -26.70
CA GLY B 679 21.56 35.51 -27.15
C GLY B 679 20.39 35.16 -28.04
N HIS B 680 20.00 33.88 -28.10
CA HIS B 680 18.89 33.44 -28.95
C HIS B 680 17.58 33.61 -28.19
N GLY B 681 17.08 34.85 -28.21
CA GLY B 681 15.87 35.15 -27.47
C GLY B 681 14.63 34.46 -28.02
N GLU B 682 14.53 34.37 -29.34
CA GLU B 682 13.36 33.76 -29.95
C GLU B 682 13.25 32.28 -29.60
N ARG B 683 14.36 31.55 -29.65
CA ARG B 683 14.30 30.11 -29.37
C ARG B 683 14.14 29.83 -27.88
N ALA B 684 14.84 30.59 -27.04
CA ALA B 684 14.67 30.44 -25.59
C ALA B 684 13.22 30.68 -25.18
N PHE B 685 12.61 31.74 -25.71
CA PHE B 685 11.23 32.04 -25.34
C PHE B 685 10.27 31.02 -25.92
N THR B 686 10.54 30.56 -27.15
CA THR B 686 9.71 29.51 -27.73
C THR B 686 9.74 28.24 -26.88
N TYR B 687 10.93 27.87 -26.39
CA TYR B 687 11.04 26.68 -25.55
C TYR B 687 10.30 26.89 -24.22
N PHE B 688 10.49 28.05 -23.60
CA PHE B 688 9.75 28.35 -22.38
C PHE B 688 8.25 28.23 -22.61
N MET B 689 7.75 28.83 -23.70
CA MET B 689 6.32 28.78 -23.99
C MET B 689 5.84 27.36 -24.23
N GLU B 690 6.61 26.57 -24.97
CA GLU B 690 6.26 25.18 -25.21
C GLU B 690 6.15 24.41 -23.90
N ASN B 691 6.93 24.80 -22.88
CA ASN B 691 6.90 24.09 -21.61
C ASN B 691 6.12 24.84 -20.52
N ALA B 692 5.61 26.03 -20.80
CA ALA B 692 4.96 26.82 -19.76
C ALA B 692 3.59 26.24 -19.42
N PRO B 693 3.34 25.84 -18.17
CA PRO B 693 2.00 25.32 -17.82
C PRO B 693 0.90 26.35 -18.05
N ALA B 694 1.16 27.62 -17.75
CA ALA B 694 0.18 28.67 -18.02
C ALA B 694 -0.16 28.73 -19.50
N ALA B 695 0.85 28.63 -20.37
CA ALA B 695 0.60 28.64 -21.80
C ALA B 695 -0.25 27.46 -22.27
N GLN B 696 -0.34 26.41 -21.46
CA GLN B 696 -1.15 25.24 -21.79
C GLN B 696 -2.51 25.28 -21.10
N ASN B 697 -2.88 26.41 -20.49
CA ASN B 697 -4.16 26.50 -19.80
C ASN B 697 -5.34 26.22 -20.74
N ASP B 698 -5.18 26.51 -22.03
CA ASP B 698 -6.25 26.26 -23.00
C ASP B 698 -6.23 24.84 -23.55
N ARG B 699 -5.24 24.03 -23.19
CA ARG B 699 -5.11 22.65 -23.65
C ARG B 699 -5.04 21.70 -22.47
N ALA B 700 -5.72 22.06 -21.37
CA ALA B 700 -5.66 21.27 -20.14
C ALA B 700 -5.96 19.80 -20.40
N ASP B 701 -6.91 19.54 -21.32
CA ASP B 701 -7.38 18.19 -21.59
C ASP B 701 -6.27 17.33 -22.18
N ILE B 702 -5.39 17.94 -22.96
CA ILE B 702 -4.17 17.25 -23.40
C ILE B 702 -3.18 17.15 -22.25
N ARG B 703 -2.99 18.27 -21.53
CA ARG B 703 -1.95 18.32 -20.51
C ARG B 703 -2.32 17.47 -19.30
N LYS B 704 -3.61 17.46 -18.94
CA LYS B 704 -4.13 16.77 -17.75
C LYS B 704 -3.61 17.41 -16.46
N LEU B 705 -2.28 17.47 -16.32
CA LEU B 705 -1.66 17.95 -15.10
C LEU B 705 -2.02 19.42 -14.84
N GLU B 706 -1.77 19.85 -13.61
CA GLU B 706 -2.09 21.21 -13.18
C GLU B 706 -1.51 22.23 -14.14
N PRO B 707 -2.28 23.26 -14.54
CA PRO B 707 -1.73 24.31 -15.40
C PRO B 707 -0.95 25.38 -14.66
N TYR B 708 -0.77 25.24 -13.35
CA TYR B 708 -0.11 26.27 -12.55
C TYR B 708 1.16 25.77 -11.87
N CYS B 709 1.58 24.53 -12.13
CA CYS B 709 2.83 24.02 -11.59
C CYS B 709 3.47 23.12 -12.64
N TYR B 710 4.76 22.88 -12.46
CA TYR B 710 5.54 22.05 -13.36
C TYR B 710 5.43 20.57 -12.99
N GLY B 711 5.48 19.71 -14.00
CA GLY B 711 5.55 18.28 -13.83
C GLY B 711 6.95 17.76 -14.09
N GLN B 712 7.09 16.44 -13.96
CA GLN B 712 8.39 15.81 -14.19
C GLN B 712 8.69 15.65 -15.67
N PHE B 713 7.69 15.28 -16.47
CA PHE B 713 7.92 15.10 -17.90
C PHE B 713 6.60 15.27 -18.65
N THR B 714 6.71 15.44 -19.95
CA THR B 714 5.59 15.43 -20.86
C THR B 714 5.77 14.29 -21.85
N GLU B 715 4.69 13.53 -22.09
CA GLU B 715 4.75 12.44 -23.06
C GLU B 715 5.15 12.98 -24.43
N GLY B 716 6.15 12.35 -25.04
CA GLY B 716 6.76 12.85 -26.25
C GLY B 716 5.95 12.55 -27.50
N LYS B 717 6.55 12.88 -28.64
CA LYS B 717 5.87 12.71 -29.92
C LYS B 717 5.66 11.24 -30.26
N ASP B 718 6.52 10.36 -29.75
CA ASP B 718 6.43 8.94 -30.05
C ASP B 718 5.36 8.22 -29.21
N SER B 719 4.57 8.97 -28.44
CA SER B 719 3.48 8.40 -27.66
C SER B 719 2.14 8.86 -28.21
N PRO B 720 1.12 7.99 -28.18
CA PRO B 720 -0.21 8.42 -28.60
C PRO B 720 -0.82 9.49 -27.70
N ASN B 721 -0.27 9.69 -26.50
CA ASN B 721 -0.72 10.73 -25.58
C ASN B 721 0.25 11.90 -25.56
N PHE B 722 0.76 12.27 -26.74
CA PHE B 722 1.65 13.41 -26.89
C PHE B 722 1.05 14.67 -26.27
N GLY B 723 1.80 15.29 -25.36
CA GLY B 723 1.38 16.50 -24.71
C GLY B 723 0.88 16.35 -23.29
N ARG B 724 0.74 15.12 -22.80
CA ARG B 724 0.24 14.87 -21.45
C ARG B 724 1.40 14.88 -20.46
N SER B 725 1.26 15.67 -19.39
CA SER B 725 2.28 15.80 -18.37
C SER B 725 1.94 14.94 -17.15
N HIS B 726 2.98 14.57 -16.40
CA HIS B 726 2.83 13.67 -15.27
C HIS B 726 3.74 14.11 -14.12
N VAL B 727 3.37 13.66 -12.92
CA VAL B 727 4.12 13.86 -11.67
C VAL B 727 4.16 15.34 -11.32
N HIS B 728 3.16 15.80 -10.57
CA HIS B 728 2.97 17.22 -10.34
C HIS B 728 3.85 17.75 -9.21
N TRP B 729 4.13 19.06 -9.28
CA TRP B 729 4.69 19.87 -8.19
C TRP B 729 6.14 19.53 -7.86
N LEU B 730 6.36 18.38 -7.21
CA LEU B 730 7.67 18.10 -6.59
C LEU B 730 8.57 17.39 -7.59
N THR B 731 9.18 18.20 -8.47
CA THR B 731 10.19 17.73 -9.41
C THR B 731 11.30 18.76 -9.50
N GLY B 732 12.41 18.36 -10.12
CA GLY B 732 13.51 19.29 -10.32
C GLY B 732 13.27 20.33 -11.40
N THR B 733 12.10 20.33 -12.02
CA THR B 733 11.83 21.22 -13.15
C THR B 733 11.78 22.68 -12.72
N ALA B 734 11.16 22.96 -11.57
CA ALA B 734 10.92 24.34 -11.18
C ALA B 734 12.22 25.15 -11.13
N SER B 735 13.29 24.56 -10.59
CA SER B 735 14.54 25.29 -10.41
C SER B 735 15.23 25.59 -11.74
N THR B 736 15.38 24.58 -12.60
CA THR B 736 16.11 24.80 -13.84
C THR B 736 15.37 25.76 -14.76
N ILE B 737 14.04 25.66 -14.83
CA ILE B 737 13.28 26.58 -15.66
C ILE B 737 13.28 27.98 -15.05
N MET B 738 13.22 28.08 -13.72
CA MET B 738 13.35 29.39 -13.09
C MET B 738 14.69 30.04 -13.43
N VAL B 739 15.77 29.25 -13.40
CA VAL B 739 17.08 29.80 -13.74
C VAL B 739 17.13 30.19 -15.21
N GLY B 740 16.56 29.36 -16.09
CA GLY B 740 16.51 29.72 -17.49
C GLY B 740 15.74 30.99 -17.75
N CYS B 741 14.72 31.26 -16.94
CA CYS B 741 13.93 32.48 -17.12
C CYS B 741 14.64 33.69 -16.53
N VAL B 742 15.24 33.55 -15.36
CA VAL B 742 15.81 34.69 -14.63
C VAL B 742 17.24 34.94 -15.10
N GLU B 743 18.12 33.94 -14.94
CA GLU B 743 19.51 34.12 -15.37
C GLU B 743 19.59 34.16 -16.90
N GLY B 744 18.78 33.36 -17.58
CA GLY B 744 18.86 33.27 -19.01
C GLY B 744 18.13 34.35 -19.77
N ILE B 745 16.81 34.18 -19.93
CA ILE B 745 16.02 35.07 -20.78
C ILE B 745 16.12 36.51 -20.28
N LEU B 746 15.83 36.72 -18.99
CA LEU B 746 15.86 38.07 -18.45
C LEU B 746 17.27 38.60 -18.25
N GLY B 747 18.30 37.77 -18.47
CA GLY B 747 19.66 38.24 -18.42
C GLY B 747 20.15 38.67 -17.06
N ILE B 748 19.47 38.28 -15.99
CA ILE B 748 19.88 38.62 -14.64
C ILE B 748 21.10 37.76 -14.27
N ARG B 749 22.30 38.29 -14.52
CA ARG B 749 23.54 37.52 -14.42
C ARG B 749 24.51 38.22 -13.48
N PRO B 750 24.36 38.01 -12.17
CA PRO B 750 25.31 38.59 -11.22
C PRO B 750 26.63 37.83 -11.21
N ASP B 751 27.66 38.53 -10.75
CA ASP B 751 28.96 37.89 -10.50
C ASP B 751 29.40 38.28 -9.09
N PHE B 752 30.70 38.11 -8.81
CA PHE B 752 31.20 38.33 -7.46
C PHE B 752 31.03 39.79 -7.03
N TYR B 753 31.25 40.74 -7.95
CA TYR B 753 31.40 42.14 -7.59
C TYR B 753 30.35 43.04 -8.25
N GLY B 754 29.23 42.48 -8.69
CA GLY B 754 28.22 43.28 -9.36
C GLY B 754 27.24 42.38 -10.09
N ILE B 755 26.59 42.97 -11.10
CA ILE B 755 25.56 42.27 -11.86
C ILE B 755 25.63 42.69 -13.31
N ARG B 756 25.66 41.72 -14.21
N ARG B 756 25.66 41.72 -14.22
CA ARG B 756 25.63 41.96 -15.65
CA ARG B 756 25.63 41.96 -15.65
C ARG B 756 24.22 41.72 -16.17
C ARG B 756 24.22 41.72 -16.18
N LEU B 757 23.78 42.58 -17.09
CA LEU B 757 22.45 42.51 -17.68
C LEU B 757 22.61 42.18 -19.17
N ALA B 758 22.34 40.94 -19.52
CA ALA B 758 22.45 40.46 -20.91
C ALA B 758 21.21 39.65 -21.24
N PRO B 759 20.08 40.31 -21.47
CA PRO B 759 18.83 39.58 -21.73
C PRO B 759 18.82 38.95 -23.11
N ALA B 760 18.04 37.87 -23.23
CA ALA B 760 17.77 37.22 -24.52
C ALA B 760 16.25 37.05 -24.60
N ILE B 761 15.60 37.91 -25.38
CA ILE B 761 14.15 38.05 -25.35
C ILE B 761 13.60 37.87 -26.76
N PRO B 762 12.30 37.60 -26.89
CA PRO B 762 11.69 37.61 -28.23
C PRO B 762 11.68 39.00 -28.82
N LYS B 763 11.78 39.06 -30.15
CA LYS B 763 11.92 40.35 -30.83
C LYS B 763 10.70 41.22 -30.65
N GLU B 764 9.52 40.63 -30.41
CA GLU B 764 8.30 41.42 -30.35
C GLU B 764 8.28 42.36 -29.15
N TRP B 765 8.98 42.00 -28.07
CA TRP B 765 8.98 42.81 -26.87
C TRP B 765 9.59 44.18 -27.11
N GLU B 766 8.77 45.25 -27.03
CA GLU B 766 9.30 46.59 -27.17
C GLU B 766 10.05 47.02 -25.91
N GLU B 767 9.56 46.63 -24.74
CA GLU B 767 10.20 46.98 -23.48
C GLU B 767 9.62 46.09 -22.38
N TYR B 768 10.32 46.06 -21.25
CA TYR B 768 9.81 45.37 -20.07
C TYR B 768 10.50 45.95 -18.84
N GLU B 769 9.97 45.58 -17.67
CA GLU B 769 10.46 46.08 -16.41
C GLU B 769 10.77 44.92 -15.47
N VAL B 770 11.74 45.14 -14.58
CA VAL B 770 12.12 44.17 -13.56
C VAL B 770 12.35 44.90 -12.24
N GLU B 771 11.67 44.45 -11.18
CA GLU B 771 11.94 44.90 -9.82
C GLU B 771 12.70 43.78 -9.11
N LYS B 772 13.94 44.06 -8.71
CA LYS B 772 14.79 43.03 -8.14
C LYS B 772 15.48 43.54 -6.88
N ASP B 773 15.35 42.79 -5.79
CA ASP B 773 16.14 43.07 -4.60
C ASP B 773 17.52 42.42 -4.75
N PHE B 774 18.57 43.20 -4.54
CA PHE B 774 19.93 42.76 -4.83
C PHE B 774 20.88 43.49 -3.90
N ARG B 775 21.48 42.75 -2.96
CA ARG B 775 22.48 43.29 -2.03
C ARG B 775 21.94 44.48 -1.25
N GLY B 776 20.80 44.30 -0.60
CA GLY B 776 20.21 45.35 0.21
C GLY B 776 19.68 46.53 -0.56
N CYS B 777 19.61 46.43 -1.89
CA CYS B 777 19.15 47.52 -2.74
C CYS B 777 17.99 47.05 -3.60
N HIS B 778 17.08 47.98 -3.90
N HIS B 778 17.10 47.98 -3.92
CA HIS B 778 15.97 47.70 -4.79
CA HIS B 778 15.96 47.72 -4.79
C HIS B 778 16.30 48.27 -6.17
C HIS B 778 16.27 48.28 -6.18
N LEU B 779 16.38 47.39 -7.16
CA LEU B 779 16.71 47.75 -8.54
C LEU B 779 15.41 47.85 -9.32
N HIS B 780 15.14 49.02 -9.88
CA HIS B 780 14.05 49.23 -10.82
C HIS B 780 14.66 49.32 -12.20
N ILE B 781 14.47 48.26 -13.00
CA ILE B 781 15.15 48.08 -14.27
C ILE B 781 14.13 48.25 -15.38
N LYS B 782 14.37 49.20 -16.28
CA LYS B 782 13.63 49.33 -17.53
C LYS B 782 14.53 48.87 -18.66
N VAL B 783 14.13 47.80 -19.34
CA VAL B 783 14.82 47.33 -20.54
C VAL B 783 14.01 47.78 -21.76
N LYS B 784 14.68 48.45 -22.69
CA LYS B 784 14.04 49.00 -23.88
C LYS B 784 14.63 48.35 -25.12
N ASN B 785 13.77 47.98 -26.06
CA ASN B 785 14.16 47.30 -27.29
C ASN B 785 13.48 47.97 -28.48
N PRO B 786 13.81 49.23 -28.77
CA PRO B 786 13.16 49.91 -29.91
C PRO B 786 13.48 49.27 -31.25
N GLY B 787 14.65 48.64 -31.38
CA GLY B 787 14.99 47.97 -32.62
C GLY B 787 14.40 46.60 -32.79
N HIS B 788 13.77 46.06 -31.74
CA HIS B 788 13.11 44.75 -31.77
C HIS B 788 14.10 43.66 -32.19
N VAL B 789 15.15 43.52 -31.38
CA VAL B 789 16.16 42.49 -31.60
C VAL B 789 16.05 41.46 -30.49
N GLU B 790 16.91 40.44 -30.53
CA GLU B 790 16.92 39.39 -29.51
C GLU B 790 17.81 39.75 -28.32
N SER B 791 18.95 40.39 -28.58
CA SER B 791 19.88 40.76 -27.53
C SER B 791 20.75 41.89 -28.03
N GLY B 792 21.42 42.56 -27.11
CA GLY B 792 22.30 43.65 -27.45
C GLY B 792 22.55 44.54 -26.26
N CYS B 793 23.36 45.56 -26.49
CA CYS B 793 23.71 46.51 -25.43
C CYS B 793 24.11 47.82 -26.11
N GLU B 794 23.12 48.68 -26.34
CA GLU B 794 23.38 49.98 -26.95
C GLU B 794 23.64 51.06 -25.91
N LYS B 795 22.91 51.03 -24.79
CA LYS B 795 23.08 52.06 -23.78
C LYS B 795 22.74 51.49 -22.40
N LEU B 796 23.43 51.97 -21.38
CA LEU B 796 23.16 51.57 -20.01
C LEU B 796 23.29 52.80 -19.11
N VAL B 797 22.21 53.12 -18.39
CA VAL B 797 22.16 54.29 -17.53
C VAL B 797 21.83 53.81 -16.11
N VAL B 798 22.71 54.12 -15.16
CA VAL B 798 22.55 53.73 -13.77
C VAL B 798 22.46 54.99 -12.93
N ASN B 799 21.30 55.20 -12.31
CA ASN B 799 21.04 56.40 -11.50
C ASN B 799 21.33 57.67 -12.30
N GLY B 800 20.88 57.69 -13.55
CA GLY B 800 21.02 58.86 -14.39
C GLY B 800 22.39 59.05 -15.01
N ASN B 801 23.36 58.20 -14.69
CA ASN B 801 24.70 58.29 -15.24
C ASN B 801 24.92 57.15 -16.21
N VAL B 802 25.49 57.46 -17.38
CA VAL B 802 25.78 56.44 -18.38
C VAL B 802 26.95 55.59 -17.91
N VAL B 803 26.81 54.27 -18.02
CA VAL B 803 27.85 53.32 -17.68
C VAL B 803 28.16 52.51 -18.93
N THR B 804 29.44 52.38 -19.25
CA THR B 804 29.83 51.64 -20.44
C THR B 804 29.60 50.15 -20.24
N GLY B 805 29.37 49.46 -21.36
CA GLY B 805 29.14 48.04 -21.28
C GLY B 805 27.75 47.71 -20.75
N SER B 806 27.61 46.47 -20.29
CA SER B 806 26.37 45.96 -19.73
C SER B 806 26.54 45.51 -18.28
N TYR B 807 27.54 46.05 -17.58
CA TYR B 807 27.89 45.59 -16.24
C TYR B 807 27.70 46.73 -15.24
N ILE B 808 27.03 46.42 -14.13
CA ILE B 808 26.78 47.37 -13.06
C ILE B 808 27.58 46.91 -11.84
N PRO B 809 28.68 47.59 -11.49
CA PRO B 809 29.39 47.22 -10.27
C PRO B 809 28.54 47.48 -9.04
N ALA B 810 28.78 46.68 -8.00
CA ALA B 810 28.05 46.87 -6.74
C ALA B 810 28.30 48.24 -6.14
N ASP B 811 29.43 48.87 -6.45
CA ASP B 811 29.73 50.20 -5.92
C ASP B 811 28.71 51.24 -6.37
N LEU B 812 28.08 51.01 -7.52
CA LEU B 812 27.11 51.96 -8.06
C LEU B 812 25.72 51.80 -7.45
N LEU B 813 25.47 50.74 -6.70
CA LEU B 813 24.13 50.44 -6.23
C LEU B 813 23.75 51.33 -5.04
N THR B 814 22.58 51.95 -5.14
CA THR B 814 21.98 52.73 -4.06
C THR B 814 20.73 52.02 -3.56
N GLU B 815 20.25 52.47 -2.39
CA GLU B 815 19.10 51.83 -1.76
C GLU B 815 17.93 51.69 -2.72
N GLN B 816 17.70 52.71 -3.55
CA GLN B 816 16.80 52.64 -4.69
C GLN B 816 17.63 52.97 -5.93
N THR B 817 17.86 51.98 -6.79
CA THR B 817 18.70 52.15 -7.96
C THR B 817 17.84 52.06 -9.21
N ASP B 818 17.83 53.13 -10.00
N ASP B 818 17.83 53.13 -10.01
CA ASP B 818 17.14 53.15 -11.29
CA ASP B 818 17.14 53.14 -11.29
C ASP B 818 18.12 52.74 -12.39
C ASP B 818 18.11 52.75 -12.39
N ILE B 819 17.73 51.77 -13.19
CA ILE B 819 18.55 51.26 -14.28
C ILE B 819 17.73 51.31 -15.56
N GLU B 820 18.38 51.77 -16.64
CA GLU B 820 17.76 51.81 -17.97
C GLU B 820 18.72 51.20 -18.96
N LEU B 821 18.32 50.08 -19.56
CA LEU B 821 19.16 49.33 -20.49
C LEU B 821 18.51 49.32 -21.87
N PHE B 822 19.13 50.01 -22.82
CA PHE B 822 18.76 49.95 -24.22
C PHE B 822 19.58 48.84 -24.89
N ILE B 823 18.88 47.79 -25.34
CA ILE B 823 19.54 46.70 -26.04
C ILE B 823 19.54 46.88 -27.56
N SER B 824 18.88 47.91 -28.08
CA SER B 824 18.87 48.17 -29.52
C SER B 824 18.74 49.66 -29.84
#